data_2KT3
#
_entry.id   2KT3
#
loop_
_entity.id
_entity.type
_entity.pdbx_description
1 polymer 'Mercuric reductase'
2 non-polymer 'MERCURY (II) ION'
#
_entity_poly.entity_id   1
_entity_poly.type   'polypeptide(L)'
_entity_poly.pdbx_seq_one_letter_code
;MTHLKITGMTCDSCAAHVKEALEKVPGVQSALVSYPKGTAQLAIVPGTSPDALTAAVAGLGYKATLADA
;
_entity_poly.pdbx_strand_id   A
#
loop_
_chem_comp.id
_chem_comp.type
_chem_comp.name
_chem_comp.formula
HG non-polymer 'MERCURY (II) ION' 'Hg 2'
#
# COMPACT_ATOMS: atom_id res chain seq x y z
N MET A 1 -2.68 10.26 -7.02
CA MET A 1 -1.28 10.60 -6.68
C MET A 1 -0.63 9.47 -5.90
N THR A 2 -1.25 9.09 -4.79
CA THR A 2 -0.69 8.07 -3.92
C THR A 2 -1.48 6.77 -3.96
N HIS A 3 -1.65 6.21 -5.15
CA HIS A 3 -2.26 4.90 -5.27
C HIS A 3 -1.31 3.98 -6.03
N LEU A 4 -0.82 2.96 -5.34
CA LEU A 4 0.21 2.10 -5.89
C LEU A 4 -0.39 0.81 -6.42
N LYS A 5 0.40 0.10 -7.21
CA LYS A 5 -0.02 -1.17 -7.77
C LYS A 5 0.74 -2.31 -7.11
N ILE A 6 0.03 -3.34 -6.67
CA ILE A 6 0.66 -4.48 -6.04
C ILE A 6 0.99 -5.54 -7.10
N THR A 7 2.14 -6.17 -6.94
CA THR A 7 2.61 -7.17 -7.89
C THR A 7 3.01 -8.44 -7.16
N GLY A 8 3.65 -8.26 -6.00
CA GLY A 8 4.04 -9.39 -5.19
C GLY A 8 2.86 -9.95 -4.42
N MET A 9 1.91 -10.51 -5.18
CA MET A 9 0.72 -11.19 -4.65
C MET A 9 -0.39 -10.19 -4.37
N THR A 10 -1.45 -10.28 -5.16
CA THR A 10 -2.52 -9.30 -5.13
C THR A 10 -3.79 -9.83 -4.46
N CYS A 11 -3.89 -11.14 -4.33
CA CYS A 11 -5.07 -11.83 -3.79
C CYS A 11 -5.46 -11.34 -2.38
N ASP A 12 -6.66 -11.72 -1.96
CA ASP A 12 -7.24 -11.27 -0.69
C ASP A 12 -6.57 -11.96 0.50
N SER A 13 -5.40 -11.47 0.83
CA SER A 13 -4.63 -11.92 2.00
C SER A 13 -3.47 -10.94 2.20
N CYS A 14 -2.64 -10.85 1.18
CA CYS A 14 -1.55 -9.89 1.15
C CYS A 14 -2.13 -8.49 1.07
N ALA A 15 -3.14 -8.32 0.22
CA ALA A 15 -3.88 -7.06 0.12
C ALA A 15 -4.82 -6.89 1.31
N ALA A 16 -4.25 -7.10 2.50
CA ALA A 16 -4.99 -7.00 3.75
C ALA A 16 -3.98 -6.89 4.89
N HIS A 17 -3.02 -7.80 4.90
CA HIS A 17 -1.92 -7.74 5.85
C HIS A 17 -1.04 -6.53 5.54
N VAL A 18 -0.94 -6.20 4.26
CA VAL A 18 -0.25 -5.00 3.83
C VAL A 18 -0.98 -3.78 4.35
N LYS A 19 -2.31 -3.83 4.29
CA LYS A 19 -3.15 -2.77 4.82
C LYS A 19 -2.93 -2.62 6.32
N GLU A 20 -2.86 -3.76 7.01
CA GLU A 20 -2.61 -3.77 8.44
C GLU A 20 -1.28 -3.11 8.76
N ALA A 21 -0.22 -3.58 8.10
CA ALA A 21 1.10 -3.01 8.28
C ALA A 21 1.11 -1.52 7.94
N LEU A 22 0.39 -1.15 6.89
CA LEU A 22 0.30 0.23 6.45
C LEU A 22 -0.39 1.10 7.50
N GLU A 23 -1.57 0.66 7.94
CA GLU A 23 -2.33 1.39 8.94
C GLU A 23 -1.60 1.41 10.28
N LYS A 24 -0.68 0.48 10.47
CA LYS A 24 0.16 0.46 11.66
C LYS A 24 1.24 1.54 11.58
N VAL A 25 1.45 2.07 10.39
CA VAL A 25 2.41 3.16 10.19
C VAL A 25 1.73 4.49 10.50
N PRO A 26 2.31 5.28 11.41
CA PRO A 26 1.78 6.60 11.76
C PRO A 26 1.84 7.57 10.59
N GLY A 27 0.75 8.27 10.36
CA GLY A 27 0.66 9.16 9.22
C GLY A 27 -0.28 8.58 8.19
N VAL A 28 -0.64 7.33 8.39
CA VAL A 28 -1.60 6.65 7.52
C VAL A 28 -2.99 6.74 8.12
N GLN A 29 -3.95 7.21 7.33
CA GLN A 29 -5.33 7.27 7.79
C GLN A 29 -6.10 6.03 7.36
N SER A 30 -5.94 5.65 6.10
CA SER A 30 -6.60 4.47 5.55
C SER A 30 -5.83 3.89 4.37
N ALA A 31 -5.66 2.58 4.37
CA ALA A 31 -5.06 1.89 3.24
C ALA A 31 -6.13 1.14 2.46
N LEU A 32 -6.71 1.81 1.48
CA LEU A 32 -7.81 1.24 0.71
C LEU A 32 -7.27 0.30 -0.38
N VAL A 33 -6.91 -0.89 0.02
CA VAL A 33 -6.43 -1.91 -0.90
C VAL A 33 -7.59 -2.66 -1.54
N SER A 34 -7.47 -2.93 -2.83
CA SER A 34 -8.47 -3.68 -3.55
C SER A 34 -7.85 -4.90 -4.22
N TYR A 35 -8.17 -6.08 -3.71
CA TYR A 35 -7.59 -7.33 -4.20
C TYR A 35 -8.05 -7.68 -5.62
N PRO A 36 -9.35 -7.55 -5.98
CA PRO A 36 -9.84 -7.86 -7.33
C PRO A 36 -9.39 -6.84 -8.38
N LYS A 37 -8.48 -5.97 -7.99
CA LYS A 37 -7.95 -4.96 -8.89
C LYS A 37 -6.43 -4.89 -8.78
N GLY A 38 -5.93 -5.14 -7.58
CA GLY A 38 -4.51 -5.12 -7.34
C GLY A 38 -3.98 -3.73 -7.08
N THR A 39 -4.85 -2.87 -6.56
CA THR A 39 -4.51 -1.49 -6.35
C THR A 39 -4.55 -1.12 -4.86
N ALA A 40 -3.58 -0.31 -4.44
CA ALA A 40 -3.53 0.15 -3.07
C ALA A 40 -3.71 1.67 -3.01
N GLN A 41 -4.90 2.10 -2.64
CA GLN A 41 -5.20 3.53 -2.52
C GLN A 41 -4.90 3.99 -1.11
N LEU A 42 -3.74 4.61 -0.94
CA LEU A 42 -3.29 4.99 0.39
C LEU A 42 -3.72 6.42 0.74
N ALA A 43 -4.49 6.54 1.80
CA ALA A 43 -4.89 7.83 2.32
C ALA A 43 -3.94 8.21 3.45
N ILE A 44 -2.78 8.70 3.06
CA ILE A 44 -1.75 9.09 4.01
C ILE A 44 -1.73 10.60 4.20
N VAL A 45 -1.06 11.05 5.26
CA VAL A 45 -0.84 12.46 5.47
C VAL A 45 0.25 12.97 4.52
N PRO A 46 -0.01 14.07 3.80
CA PRO A 46 0.99 14.71 2.96
C PRO A 46 2.30 14.92 3.71
N GLY A 47 3.39 14.54 3.09
CA GLY A 47 4.67 14.55 3.75
C GLY A 47 5.27 13.17 3.81
N THR A 48 4.40 12.17 4.00
CA THR A 48 4.82 10.79 3.96
C THR A 48 5.08 10.36 2.53
N SER A 49 6.34 10.04 2.26
CA SER A 49 6.77 9.72 0.91
C SER A 49 6.09 8.44 0.40
N PRO A 50 5.50 8.50 -0.80
CA PRO A 50 4.85 7.34 -1.42
C PRO A 50 5.81 6.18 -1.60
N ASP A 51 7.03 6.50 -1.97
CA ASP A 51 8.07 5.49 -2.15
C ASP A 51 8.41 4.82 -0.83
N ALA A 52 8.09 5.51 0.28
CA ALA A 52 8.38 4.98 1.61
C ALA A 52 7.37 3.91 1.97
N LEU A 53 6.13 4.14 1.58
CA LEU A 53 5.05 3.18 1.82
C LEU A 53 5.24 1.98 0.91
N THR A 54 5.60 2.25 -0.33
CA THR A 54 5.93 1.21 -1.29
C THR A 54 7.10 0.38 -0.77
N ALA A 55 8.08 1.06 -0.18
CA ALA A 55 9.24 0.40 0.41
C ALA A 55 8.82 -0.43 1.61
N ALA A 56 7.85 0.08 2.37
CA ALA A 56 7.31 -0.65 3.52
C ALA A 56 6.62 -1.94 3.05
N VAL A 57 5.93 -1.86 1.93
CA VAL A 57 5.29 -3.03 1.34
C VAL A 57 6.36 -3.98 0.79
N ALA A 58 7.39 -3.40 0.19
CA ALA A 58 8.50 -4.20 -0.33
C ALA A 58 9.23 -4.90 0.81
N GLY A 59 9.44 -4.15 1.90
CA GLY A 59 10.06 -4.72 3.07
C GLY A 59 9.16 -5.68 3.81
N LEU A 60 7.86 -5.61 3.50
CA LEU A 60 6.90 -6.55 4.07
C LEU A 60 7.01 -7.93 3.41
N GLY A 61 7.85 -8.01 2.37
CA GLY A 61 8.06 -9.27 1.70
C GLY A 61 7.29 -9.34 0.39
N TYR A 62 6.48 -8.33 0.14
CA TYR A 62 5.70 -8.27 -1.08
C TYR A 62 6.32 -7.28 -2.04
N LYS A 63 5.70 -7.09 -3.19
CA LYS A 63 6.22 -6.14 -4.17
C LYS A 63 5.12 -5.22 -4.64
N ALA A 64 5.39 -3.94 -4.58
CA ALA A 64 4.47 -2.93 -5.07
C ALA A 64 5.24 -1.87 -5.84
N THR A 65 4.54 -1.06 -6.60
CA THR A 65 5.16 0.04 -7.32
C THR A 65 4.30 1.28 -7.27
N LEU A 66 4.91 2.42 -6.98
CA LEU A 66 4.21 3.69 -7.00
C LEU A 66 3.90 4.06 -8.45
N ALA A 67 2.68 3.77 -8.86
CA ALA A 67 2.25 4.03 -10.21
C ALA A 67 0.79 4.44 -10.20
N ASP A 68 0.56 5.73 -10.31
CA ASP A 68 -0.78 6.30 -10.24
C ASP A 68 -1.58 6.01 -11.51
N ALA A 69 -0.99 5.23 -12.40
CA ALA A 69 -1.66 4.81 -13.62
C ALA A 69 -1.02 3.54 -14.15
HG HG B . -1.99 -12.84 -2.45
N MET A 1 -3.14 11.64 -6.57
CA MET A 1 -3.68 10.73 -5.54
C MET A 1 -2.53 10.02 -4.84
N THR A 2 -2.81 8.88 -4.22
CA THR A 2 -1.79 8.06 -3.62
C THR A 2 -2.12 6.58 -3.79
N HIS A 3 -2.23 6.14 -5.05
CA HIS A 3 -2.56 4.76 -5.32
C HIS A 3 -1.33 3.98 -5.80
N LEU A 4 -0.98 2.95 -5.05
CA LEU A 4 0.16 2.12 -5.39
C LEU A 4 -0.32 0.78 -5.93
N LYS A 5 0.51 0.14 -6.73
CA LYS A 5 0.17 -1.16 -7.28
C LYS A 5 0.81 -2.26 -6.44
N ILE A 6 0.00 -3.24 -6.05
CA ILE A 6 0.49 -4.33 -5.23
C ILE A 6 0.85 -5.53 -6.10
N THR A 7 1.85 -6.29 -5.67
CA THR A 7 2.35 -7.41 -6.43
C THR A 7 2.81 -8.49 -5.47
N GLY A 8 2.91 -9.71 -5.95
CA GLY A 8 3.35 -10.80 -5.11
C GLY A 8 2.17 -11.58 -4.57
N MET A 9 1.20 -10.86 -4.02
CA MET A 9 0.01 -11.47 -3.45
C MET A 9 -1.15 -10.49 -3.51
N THR A 10 -1.98 -10.64 -4.54
CA THR A 10 -3.04 -9.69 -4.82
C THR A 10 -4.37 -10.07 -4.15
N CYS A 11 -4.53 -11.34 -3.84
CA CYS A 11 -5.77 -11.87 -3.27
C CYS A 11 -6.18 -11.20 -1.95
N ASP A 12 -7.46 -11.37 -1.62
CA ASP A 12 -8.14 -10.69 -0.50
C ASP A 12 -7.34 -10.66 0.81
N SER A 13 -6.84 -11.81 1.25
CA SER A 13 -6.27 -11.91 2.58
C SER A 13 -4.87 -11.29 2.64
N CYS A 14 -4.18 -11.29 1.51
CA CYS A 14 -2.88 -10.69 1.43
C CYS A 14 -3.02 -9.18 1.19
N ALA A 15 -3.95 -8.80 0.32
CA ALA A 15 -4.27 -7.40 0.09
C ALA A 15 -5.11 -6.85 1.26
N ALA A 16 -4.62 -7.11 2.46
CA ALA A 16 -5.28 -6.70 3.68
C ALA A 16 -4.28 -6.76 4.81
N HIS A 17 -3.44 -7.80 4.77
CA HIS A 17 -2.30 -7.89 5.67
C HIS A 17 -1.33 -6.77 5.36
N VAL A 18 -1.16 -6.49 4.08
CA VAL A 18 -0.34 -5.38 3.62
C VAL A 18 -0.96 -4.07 4.08
N LYS A 19 -2.29 -3.98 4.00
CA LYS A 19 -3.02 -2.82 4.47
C LYS A 19 -2.81 -2.65 5.97
N GLU A 20 -2.77 -3.75 6.70
CA GLU A 20 -2.52 -3.74 8.13
C GLU A 20 -1.12 -3.21 8.42
N ALA A 21 -0.13 -3.75 7.73
CA ALA A 21 1.24 -3.32 7.88
C ALA A 21 1.40 -1.84 7.52
N LEU A 22 0.71 -1.42 6.47
CA LEU A 22 0.72 -0.02 6.06
C LEU A 22 0.04 0.85 7.10
N GLU A 23 -1.11 0.41 7.58
CA GLU A 23 -1.89 1.17 8.56
C GLU A 23 -1.20 1.21 9.92
N LYS A 24 -0.25 0.29 10.14
CA LYS A 24 0.53 0.30 11.37
C LYS A 24 1.54 1.44 11.33
N VAL A 25 1.75 2.01 10.15
CA VAL A 25 2.60 3.18 10.00
C VAL A 25 1.78 4.43 10.31
N PRO A 26 2.25 5.24 11.27
CA PRO A 26 1.51 6.42 11.76
C PRO A 26 1.62 7.62 10.83
N GLY A 27 1.48 7.37 9.55
CA GLY A 27 1.35 8.42 8.57
C GLY A 27 0.14 8.16 7.70
N VAL A 28 -0.47 7.01 7.94
CA VAL A 28 -1.62 6.56 7.19
C VAL A 28 -2.92 6.92 7.92
N GLN A 29 -3.82 7.59 7.22
CA GLN A 29 -5.13 7.89 7.77
C GLN A 29 -6.08 6.74 7.49
N SER A 30 -6.03 6.25 6.26
CA SER A 30 -6.86 5.11 5.84
C SER A 30 -6.26 4.48 4.58
N ALA A 31 -6.68 3.25 4.27
CA ALA A 31 -6.17 2.54 3.11
C ALA A 31 -7.28 1.75 2.42
N LEU A 32 -7.51 2.05 1.16
CA LEU A 32 -8.52 1.36 0.38
C LEU A 32 -7.85 0.39 -0.61
N VAL A 33 -7.63 -0.82 -0.14
CA VAL A 33 -6.98 -1.84 -0.96
C VAL A 33 -8.01 -2.65 -1.74
N SER A 34 -7.91 -2.60 -3.05
CA SER A 34 -8.80 -3.36 -3.91
C SER A 34 -8.09 -4.60 -4.44
N TYR A 35 -8.39 -5.75 -3.86
CA TYR A 35 -7.74 -7.01 -4.23
C TYR A 35 -7.97 -7.38 -5.69
N PRO A 36 -9.23 -7.37 -6.20
CA PRO A 36 -9.53 -7.77 -7.58
C PRO A 36 -9.05 -6.74 -8.60
N LYS A 37 -8.26 -5.78 -8.14
CA LYS A 37 -7.72 -4.76 -9.03
C LYS A 37 -6.22 -4.58 -8.78
N GLY A 38 -5.73 -5.22 -7.72
CA GLY A 38 -4.32 -5.16 -7.38
C GLY A 38 -3.85 -3.74 -7.10
N THR A 39 -4.71 -2.92 -6.53
CA THR A 39 -4.38 -1.54 -6.28
C THR A 39 -4.60 -1.17 -4.82
N ALA A 40 -3.71 -0.34 -4.29
CA ALA A 40 -3.82 0.15 -2.93
C ALA A 40 -4.02 1.66 -2.92
N GLN A 41 -5.26 2.08 -2.75
CA GLN A 41 -5.58 3.49 -2.67
C GLN A 41 -5.38 3.98 -1.24
N LEU A 42 -4.21 4.51 -0.97
CA LEU A 42 -3.86 4.90 0.39
C LEU A 42 -4.13 6.37 0.64
N ALA A 43 -4.75 6.65 1.77
CA ALA A 43 -4.99 8.02 2.19
C ALA A 43 -4.01 8.37 3.29
N ILE A 44 -2.80 8.74 2.88
CA ILE A 44 -1.75 9.07 3.81
C ILE A 44 -1.64 10.58 4.01
N VAL A 45 -1.01 10.98 5.10
CA VAL A 45 -0.74 12.38 5.36
C VAL A 45 0.34 12.88 4.41
N PRO A 46 0.15 14.07 3.81
CA PRO A 46 1.12 14.65 2.85
C PRO A 46 2.52 14.81 3.43
N GLY A 47 2.64 14.76 4.75
CA GLY A 47 3.94 14.80 5.39
C GLY A 47 4.76 13.56 5.04
N THR A 48 4.07 12.46 4.81
CA THR A 48 4.69 11.22 4.38
C THR A 48 4.84 11.19 2.87
N SER A 49 5.25 10.05 2.35
CA SER A 49 5.46 9.91 0.93
C SER A 49 5.19 8.47 0.50
N PRO A 50 4.58 8.30 -0.68
CA PRO A 50 4.21 6.96 -1.19
C PRO A 50 5.41 6.04 -1.37
N ASP A 51 6.57 6.63 -1.61
CA ASP A 51 7.80 5.86 -1.76
C ASP A 51 8.18 5.18 -0.46
N ALA A 52 7.69 5.72 0.65
CA ALA A 52 7.97 5.14 1.96
C ALA A 52 7.13 3.90 2.19
N LEU A 53 5.88 3.96 1.76
CA LEU A 53 4.95 2.85 1.93
C LEU A 53 5.34 1.71 1.01
N THR A 54 5.66 2.07 -0.23
CA THR A 54 6.14 1.12 -1.21
C THR A 54 7.42 0.45 -0.72
N ALA A 55 8.30 1.25 -0.11
CA ALA A 55 9.54 0.75 0.45
C ALA A 55 9.27 -0.17 1.63
N ALA A 56 8.26 0.17 2.42
CA ALA A 56 7.86 -0.65 3.54
C ALA A 56 7.36 -2.01 3.06
N VAL A 57 6.53 -2.00 2.02
CA VAL A 57 6.01 -3.23 1.44
C VAL A 57 7.13 -4.02 0.76
N ALA A 58 8.00 -3.30 0.05
CA ALA A 58 9.12 -3.94 -0.63
C ALA A 58 10.08 -4.56 0.39
N GLY A 59 10.23 -3.89 1.53
CA GLY A 59 11.09 -4.39 2.58
C GLY A 59 10.38 -5.42 3.45
N LEU A 60 9.06 -5.44 3.39
CA LEU A 60 8.27 -6.41 4.16
C LEU A 60 8.37 -7.80 3.55
N GLY A 61 8.87 -7.87 2.33
CA GLY A 61 9.01 -9.15 1.66
C GLY A 61 8.07 -9.28 0.48
N TYR A 62 7.19 -8.31 0.34
CA TYR A 62 6.24 -8.29 -0.77
C TYR A 62 6.76 -7.40 -1.88
N LYS A 63 5.93 -7.11 -2.85
CA LYS A 63 6.31 -6.24 -3.95
C LYS A 63 5.24 -5.19 -4.18
N ALA A 64 5.66 -3.95 -4.31
CA ALA A 64 4.74 -2.86 -4.57
C ALA A 64 5.35 -1.87 -5.55
N THR A 65 4.51 -1.14 -6.26
CA THR A 65 4.97 -0.15 -7.21
C THR A 65 4.26 1.17 -6.99
N LEU A 66 5.01 2.20 -6.64
CA LEU A 66 4.45 3.53 -6.47
C LEU A 66 4.16 4.14 -7.84
N ALA A 67 2.91 4.06 -8.26
CA ALA A 67 2.54 4.46 -9.59
C ALA A 67 1.17 5.11 -9.59
N ASP A 68 1.15 6.40 -9.33
CA ASP A 68 -0.11 7.14 -9.28
C ASP A 68 -0.59 7.49 -10.68
N ALA A 69 -0.67 6.48 -11.53
CA ALA A 69 -1.17 6.65 -12.88
C ALA A 69 -2.18 5.55 -13.18
HG HG B . -3.28 -13.62 -1.86
N MET A 1 0.06 12.63 -3.35
CA MET A 1 0.36 11.60 -2.32
C MET A 1 -0.87 10.74 -2.08
N THR A 2 -1.31 10.06 -3.12
CA THR A 2 -2.50 9.23 -3.04
C THR A 2 -2.17 7.74 -3.03
N HIS A 3 -2.74 7.02 -3.97
CA HIS A 3 -2.70 5.56 -3.97
C HIS A 3 -1.45 5.01 -4.64
N LEU A 4 -1.09 3.79 -4.27
CA LEU A 4 0.05 3.10 -4.87
C LEU A 4 -0.43 1.83 -5.56
N LYS A 5 0.50 1.00 -5.99
CA LYS A 5 0.16 -0.21 -6.71
C LYS A 5 0.89 -1.39 -6.09
N ILE A 6 0.23 -2.53 -5.99
CA ILE A 6 0.85 -3.69 -5.37
C ILE A 6 1.11 -4.77 -6.41
N THR A 7 2.28 -5.40 -6.32
CA THR A 7 2.67 -6.42 -7.29
C THR A 7 2.62 -7.83 -6.69
N GLY A 8 2.92 -7.92 -5.40
CA GLY A 8 2.93 -9.22 -4.74
C GLY A 8 1.56 -9.63 -4.23
N MET A 9 0.54 -8.93 -4.69
CA MET A 9 -0.83 -9.23 -4.28
C MET A 9 -1.43 -10.28 -5.19
N THR A 10 -1.91 -11.37 -4.60
CA THR A 10 -2.58 -12.42 -5.36
C THR A 10 -4.08 -12.33 -5.15
N CYS A 11 -4.47 -11.55 -4.13
CA CYS A 11 -5.87 -11.40 -3.75
C CYS A 11 -6.00 -10.50 -2.53
N ASP A 12 -6.57 -11.02 -1.44
CA ASP A 12 -6.98 -10.16 -0.34
C ASP A 12 -6.17 -10.43 0.93
N SER A 13 -5.65 -11.64 1.07
CA SER A 13 -4.80 -11.98 2.22
C SER A 13 -3.61 -11.04 2.29
N CYS A 14 -2.89 -10.91 1.19
CA CYS A 14 -1.80 -9.97 1.08
C CYS A 14 -2.30 -8.54 1.21
N ALA A 15 -3.44 -8.26 0.58
CA ALA A 15 -4.09 -6.96 0.65
C ALA A 15 -4.80 -6.77 1.99
N ALA A 16 -4.11 -7.10 3.06
CA ALA A 16 -4.64 -7.02 4.41
C ALA A 16 -3.50 -7.02 5.41
N HIS A 17 -2.50 -7.85 5.16
CA HIS A 17 -1.27 -7.79 5.93
C HIS A 17 -0.51 -6.52 5.55
N VAL A 18 -0.52 -6.22 4.26
CA VAL A 18 0.08 -5.00 3.75
C VAL A 18 -0.67 -3.80 4.30
N LYS A 19 -1.99 -3.91 4.31
CA LYS A 19 -2.85 -2.88 4.88
C LYS A 19 -2.55 -2.68 6.35
N GLU A 20 -2.40 -3.79 7.07
CA GLU A 20 -2.09 -3.76 8.49
C GLU A 20 -0.77 -3.03 8.73
N ALA A 21 0.26 -3.42 8.00
CA ALA A 21 1.57 -2.80 8.12
C ALA A 21 1.51 -1.32 7.77
N LEU A 22 0.77 -0.99 6.71
CA LEU A 22 0.62 0.39 6.27
C LEU A 22 -0.11 1.23 7.32
N GLU A 23 -1.25 0.74 7.79
CA GLU A 23 -2.04 1.46 8.78
C GLU A 23 -1.37 1.42 10.16
N LYS A 24 -0.36 0.57 10.29
CA LYS A 24 0.48 0.57 11.48
C LYS A 24 1.44 1.76 11.45
N VAL A 25 1.60 2.35 10.27
CA VAL A 25 2.41 3.54 10.10
C VAL A 25 1.56 4.77 10.42
N PRO A 26 2.01 5.62 11.36
CA PRO A 26 1.27 6.83 11.77
C PRO A 26 1.38 7.95 10.74
N GLY A 27 0.95 7.64 9.53
CA GLY A 27 0.89 8.61 8.46
C GLY A 27 -0.13 8.18 7.44
N VAL A 28 -1.20 7.58 7.95
CA VAL A 28 -2.18 6.92 7.13
C VAL A 28 -3.57 7.14 7.71
N GLN A 29 -4.47 7.67 6.89
CA GLN A 29 -5.83 7.92 7.34
C GLN A 29 -6.75 6.76 6.99
N SER A 30 -6.59 6.21 5.78
CA SER A 30 -7.39 5.07 5.35
C SER A 30 -6.67 4.27 4.28
N ALA A 31 -6.41 2.99 4.56
CA ALA A 31 -5.81 2.11 3.58
C ALA A 31 -6.87 1.19 2.98
N LEU A 32 -7.04 1.26 1.66
CA LEU A 32 -8.02 0.43 0.98
C LEU A 32 -7.37 -0.32 -0.18
N VAL A 33 -6.55 -1.32 0.16
CA VAL A 33 -5.90 -2.14 -0.85
C VAL A 33 -6.93 -3.05 -1.51
N SER A 34 -7.16 -2.85 -2.79
CA SER A 34 -8.21 -3.57 -3.49
C SER A 34 -7.64 -4.57 -4.50
N TYR A 35 -7.83 -5.85 -4.20
CA TYR A 35 -7.41 -6.95 -5.08
C TYR A 35 -8.09 -6.89 -6.46
N PRO A 36 -9.41 -6.62 -6.56
CA PRO A 36 -10.10 -6.57 -7.87
C PRO A 36 -9.56 -5.48 -8.81
N LYS A 37 -8.56 -4.74 -8.36
CA LYS A 37 -7.94 -3.72 -9.18
C LYS A 37 -6.41 -3.82 -9.12
N GLY A 38 -5.91 -4.39 -8.03
CA GLY A 38 -4.48 -4.51 -7.85
C GLY A 38 -3.86 -3.21 -7.38
N THR A 39 -4.69 -2.34 -6.83
CA THR A 39 -4.25 -1.02 -6.43
C THR A 39 -4.36 -0.85 -4.92
N ALA A 40 -3.37 -0.18 -4.35
CA ALA A 40 -3.35 0.13 -2.94
C ALA A 40 -3.88 1.53 -2.73
N GLN A 41 -5.19 1.65 -2.64
CA GLN A 41 -5.85 2.95 -2.50
C GLN A 41 -5.68 3.45 -1.07
N LEU A 42 -4.58 4.15 -0.84
CA LEU A 42 -4.24 4.62 0.48
C LEU A 42 -4.41 6.12 0.60
N ALA A 43 -5.20 6.53 1.57
CA ALA A 43 -5.31 7.92 1.93
C ALA A 43 -4.26 8.22 2.98
N ILE A 44 -3.04 8.40 2.52
CA ILE A 44 -1.90 8.67 3.39
C ILE A 44 -1.79 10.16 3.70
N VAL A 45 -1.20 10.45 4.85
CA VAL A 45 -1.01 11.82 5.27
C VAL A 45 0.13 12.47 4.49
N PRO A 46 -0.05 13.73 4.04
CA PRO A 46 0.99 14.49 3.33
C PRO A 46 2.30 14.53 4.11
N GLY A 47 3.36 14.06 3.47
CA GLY A 47 4.64 13.96 4.12
C GLY A 47 5.22 12.57 3.99
N THR A 48 4.34 11.59 4.04
CA THR A 48 4.73 10.20 3.83
C THR A 48 4.79 9.90 2.35
N SER A 49 6.01 9.69 1.86
CA SER A 49 6.21 9.47 0.44
C SER A 49 5.76 8.07 0.05
N PRO A 50 5.13 7.92 -1.12
CA PRO A 50 4.68 6.62 -1.62
C PRO A 50 5.83 5.63 -1.77
N ASP A 51 7.03 6.15 -1.99
CA ASP A 51 8.23 5.33 -2.05
C ASP A 51 8.44 4.60 -0.72
N ALA A 52 8.01 5.24 0.37
CA ALA A 52 8.21 4.67 1.70
C ALA A 52 7.21 3.55 1.93
N LEU A 53 6.03 3.73 1.36
CA LEU A 53 4.97 2.73 1.45
C LEU A 53 5.34 1.54 0.58
N THR A 54 5.79 1.85 -0.63
CA THR A 54 6.28 0.84 -1.56
C THR A 54 7.42 0.05 -0.92
N ALA A 55 8.31 0.77 -0.25
CA ALA A 55 9.43 0.17 0.46
C ALA A 55 8.96 -0.69 1.62
N ALA A 56 7.90 -0.24 2.29
CA ALA A 56 7.32 -0.99 3.38
C ALA A 56 6.72 -2.30 2.89
N VAL A 57 6.00 -2.23 1.78
CA VAL A 57 5.43 -3.44 1.16
C VAL A 57 6.53 -4.33 0.62
N ALA A 58 7.56 -3.69 0.06
CA ALA A 58 8.72 -4.42 -0.43
C ALA A 58 9.42 -5.16 0.70
N GLY A 59 9.50 -4.50 1.85
CA GLY A 59 10.13 -5.10 3.02
C GLY A 59 9.17 -5.96 3.81
N LEU A 60 7.89 -5.89 3.47
CA LEU A 60 6.88 -6.71 4.13
C LEU A 60 6.96 -8.17 3.68
N GLY A 61 7.70 -8.41 2.61
CA GLY A 61 7.83 -9.75 2.09
C GLY A 61 7.25 -9.88 0.69
N TYR A 62 6.64 -8.81 0.22
CA TYR A 62 6.08 -8.77 -1.11
C TYR A 62 6.77 -7.68 -1.92
N LYS A 63 6.17 -7.28 -3.02
CA LYS A 63 6.71 -6.21 -3.84
C LYS A 63 5.58 -5.29 -4.29
N ALA A 64 5.92 -4.04 -4.53
CA ALA A 64 4.91 -3.05 -4.89
C ALA A 64 5.48 -1.99 -5.81
N THR A 65 4.62 -1.04 -6.16
CA THR A 65 4.97 0.10 -6.97
C THR A 65 4.12 1.30 -6.53
N LEU A 66 3.95 2.30 -7.37
CA LEU A 66 3.18 3.47 -6.98
C LEU A 66 2.56 4.16 -8.18
N ALA A 67 1.40 4.75 -7.96
CA ALA A 67 0.68 5.48 -8.98
C ALA A 67 -0.01 6.67 -8.34
N ASP A 68 0.80 7.63 -7.89
CA ASP A 68 0.30 8.77 -7.16
C ASP A 68 -0.51 9.69 -8.06
N ALA A 69 -1.79 9.40 -8.15
CA ALA A 69 -2.74 10.20 -8.90
C ALA A 69 -4.13 10.06 -8.28
HG HG B . -3.45 -12.85 -1.83
N MET A 1 1.87 7.58 -2.23
CA MET A 1 0.59 8.29 -2.08
C MET A 1 -0.40 7.78 -3.12
N THR A 2 -1.66 8.13 -2.94
CA THR A 2 -2.71 7.79 -3.90
C THR A 2 -2.74 6.30 -4.22
N HIS A 3 -2.64 5.99 -5.51
CA HIS A 3 -2.70 4.61 -5.98
C HIS A 3 -1.32 4.01 -6.12
N LEU A 4 -1.16 2.80 -5.66
CA LEU A 4 0.06 2.02 -5.90
C LEU A 4 -0.31 0.59 -6.23
N LYS A 5 0.37 0.00 -7.20
CA LYS A 5 0.10 -1.37 -7.58
C LYS A 5 0.77 -2.32 -6.62
N ILE A 6 0.01 -3.24 -6.06
CA ILE A 6 0.57 -4.23 -5.18
C ILE A 6 0.92 -5.49 -5.98
N THR A 7 2.00 -6.15 -5.63
CA THR A 7 2.49 -7.28 -6.38
C THR A 7 3.00 -8.33 -5.43
N GLY A 8 2.95 -9.57 -5.86
CA GLY A 8 3.30 -10.67 -5.00
C GLY A 8 2.08 -11.48 -4.63
N MET A 9 1.02 -10.79 -4.25
CA MET A 9 -0.25 -11.41 -3.90
C MET A 9 -1.32 -10.34 -3.76
N THR A 10 -2.53 -10.63 -4.22
CA THR A 10 -3.57 -9.61 -4.28
C THR A 10 -4.93 -10.09 -3.76
N CYS A 11 -5.40 -11.21 -4.31
CA CYS A 11 -6.80 -11.67 -4.20
C CYS A 11 -7.51 -11.33 -2.89
N ASP A 12 -6.91 -11.68 -1.76
CA ASP A 12 -7.53 -11.39 -0.47
C ASP A 12 -6.57 -11.72 0.66
N SER A 13 -6.74 -11.04 1.79
CA SER A 13 -5.98 -11.32 3.02
C SER A 13 -4.53 -10.83 2.94
N CYS A 14 -3.80 -11.23 1.89
CA CYS A 14 -2.44 -10.74 1.70
C CYS A 14 -2.47 -9.23 1.51
N ALA A 15 -3.29 -8.76 0.58
CA ALA A 15 -3.50 -7.34 0.38
C ALA A 15 -4.42 -6.78 1.47
N ALA A 16 -4.06 -7.06 2.71
CA ALA A 16 -4.85 -6.67 3.87
C ALA A 16 -3.98 -6.72 5.11
N HIS A 17 -3.14 -7.74 5.19
CA HIS A 17 -2.09 -7.75 6.21
C HIS A 17 -1.09 -6.66 5.89
N VAL A 18 -0.89 -6.44 4.59
CA VAL A 18 -0.08 -5.31 4.12
C VAL A 18 -0.75 -4.00 4.55
N LYS A 19 -2.07 -3.98 4.47
CA LYS A 19 -2.85 -2.83 4.92
C LYS A 19 -2.67 -2.65 6.42
N GLU A 20 -2.61 -3.75 7.16
CA GLU A 20 -2.38 -3.72 8.60
C GLU A 20 -1.02 -3.08 8.90
N ALA A 21 0.01 -3.58 8.23
CA ALA A 21 1.36 -3.04 8.41
C ALA A 21 1.42 -1.57 7.95
N LEU A 22 0.68 -1.25 6.91
CA LEU A 22 0.57 0.12 6.43
C LEU A 22 -0.14 0.99 7.46
N GLU A 23 -1.26 0.50 7.98
CA GLU A 23 -2.02 1.24 8.98
C GLU A 23 -1.26 1.31 10.30
N LYS A 24 -0.23 0.49 10.42
CA LYS A 24 0.69 0.57 11.56
C LYS A 24 1.59 1.79 11.43
N VAL A 25 1.61 2.39 10.24
CA VAL A 25 2.31 3.64 10.03
C VAL A 25 1.42 4.79 10.48
N PRO A 26 1.91 5.62 11.41
CA PRO A 26 1.10 6.69 12.01
C PRO A 26 0.98 7.93 11.13
N GLY A 27 0.65 7.72 9.88
CA GLY A 27 0.36 8.81 8.96
C GLY A 27 -0.70 8.38 7.98
N VAL A 28 -1.30 7.24 8.25
CA VAL A 28 -2.26 6.63 7.36
C VAL A 28 -3.69 6.97 7.78
N GLN A 29 -4.45 7.58 6.87
CA GLN A 29 -5.84 7.86 7.12
C GLN A 29 -6.70 6.66 6.72
N SER A 30 -6.40 6.10 5.56
CA SER A 30 -7.11 4.92 5.08
C SER A 30 -6.22 4.12 4.12
N ALA A 31 -5.97 2.85 4.44
CA ALA A 31 -5.21 1.99 3.56
C ALA A 31 -6.15 0.99 2.89
N LEU A 32 -6.85 1.44 1.88
CA LEU A 32 -7.87 0.62 1.24
C LEU A 32 -7.33 -0.07 0.00
N VAL A 33 -6.68 -1.21 0.21
CA VAL A 33 -6.14 -2.00 -0.88
C VAL A 33 -7.26 -2.68 -1.67
N SER A 34 -7.20 -2.54 -2.99
CA SER A 34 -8.19 -3.15 -3.87
C SER A 34 -7.67 -4.47 -4.42
N TYR A 35 -7.98 -5.54 -3.70
CA TYR A 35 -7.55 -6.89 -4.06
C TYR A 35 -8.01 -7.30 -5.46
N PRO A 36 -9.32 -7.17 -5.81
CA PRO A 36 -9.85 -7.59 -7.12
C PRO A 36 -9.46 -6.63 -8.25
N LYS A 37 -8.46 -5.80 -7.99
CA LYS A 37 -8.02 -4.82 -8.99
C LYS A 37 -6.49 -4.85 -9.11
N GLY A 38 -5.83 -5.14 -8.01
CA GLY A 38 -4.38 -5.20 -8.01
C GLY A 38 -3.74 -3.88 -7.64
N THR A 39 -4.54 -3.00 -7.07
CA THR A 39 -4.06 -1.68 -6.70
C THR A 39 -4.39 -1.37 -5.25
N ALA A 40 -3.77 -0.35 -4.70
CA ALA A 40 -4.06 0.07 -3.34
C ALA A 40 -4.43 1.55 -3.30
N GLN A 41 -5.53 1.85 -2.62
CA GLN A 41 -5.92 3.24 -2.40
C GLN A 41 -5.38 3.69 -1.04
N LEU A 42 -4.20 4.25 -1.05
CA LEU A 42 -3.53 4.60 0.19
C LEU A 42 -3.66 6.09 0.46
N ALA A 43 -4.57 6.43 1.35
CA ALA A 43 -4.82 7.80 1.72
C ALA A 43 -4.01 8.16 2.96
N ILE A 44 -2.77 8.50 2.74
CA ILE A 44 -1.90 8.93 3.83
C ILE A 44 -1.95 10.44 4.00
N VAL A 45 -1.41 10.91 5.12
CA VAL A 45 -1.35 12.33 5.41
C VAL A 45 -0.26 13.00 4.57
N PRO A 46 -0.48 14.27 4.18
CA PRO A 46 0.50 15.04 3.41
C PRO A 46 1.80 15.24 4.18
N GLY A 47 2.77 14.37 3.91
CA GLY A 47 4.04 14.43 4.58
C GLY A 47 4.77 13.12 4.49
N THR A 48 4.02 12.03 4.54
CA THR A 48 4.58 10.69 4.42
C THR A 48 5.19 10.49 3.06
N SER A 49 6.46 10.10 3.05
CA SER A 49 7.20 9.94 1.81
C SER A 49 6.70 8.71 1.04
N PRO A 50 6.59 8.82 -0.29
CA PRO A 50 6.09 7.72 -1.12
C PRO A 50 7.03 6.52 -1.11
N ASP A 51 8.32 6.80 -0.97
CA ASP A 51 9.33 5.76 -0.91
C ASP A 51 9.20 4.93 0.35
N ALA A 52 8.49 5.47 1.35
CA ALA A 52 8.27 4.76 2.59
C ALA A 52 7.22 3.68 2.40
N LEU A 53 6.22 4.00 1.61
CA LEU A 53 5.07 3.13 1.39
C LEU A 53 5.47 1.97 0.48
N THR A 54 6.06 2.33 -0.65
CA THR A 54 6.55 1.35 -1.60
C THR A 54 7.53 0.39 -0.93
N ALA A 55 8.44 0.96 -0.14
CA ALA A 55 9.42 0.18 0.60
C ALA A 55 8.78 -0.67 1.68
N ALA A 56 7.73 -0.13 2.30
CA ALA A 56 7.01 -0.87 3.32
C ALA A 56 6.40 -2.14 2.73
N VAL A 57 5.82 -2.01 1.54
CA VAL A 57 5.24 -3.15 0.86
C VAL A 57 6.32 -4.06 0.30
N ALA A 58 7.37 -3.45 -0.25
CA ALA A 58 8.48 -4.22 -0.79
C ALA A 58 9.18 -5.00 0.31
N GLY A 59 9.47 -4.31 1.41
CA GLY A 59 10.13 -4.94 2.54
C GLY A 59 9.22 -5.88 3.29
N LEU A 60 7.91 -5.78 3.04
CA LEU A 60 6.94 -6.69 3.64
C LEU A 60 7.00 -8.08 2.99
N GLY A 61 7.95 -8.26 2.07
CA GLY A 61 8.08 -9.52 1.38
C GLY A 61 7.18 -9.58 0.18
N TYR A 62 6.84 -8.41 -0.32
CA TYR A 62 6.00 -8.27 -1.50
C TYR A 62 6.64 -7.29 -2.46
N LYS A 63 5.85 -6.75 -3.37
CA LYS A 63 6.33 -5.71 -4.25
C LYS A 63 5.24 -4.68 -4.45
N ALA A 64 5.63 -3.46 -4.76
CA ALA A 64 4.68 -2.40 -5.03
C ALA A 64 5.29 -1.37 -5.97
N THR A 65 4.45 -0.67 -6.71
CA THR A 65 4.88 0.41 -7.58
C THR A 65 3.89 1.57 -7.51
N LEU A 66 4.38 2.76 -7.21
CA LEU A 66 3.52 3.92 -7.04
C LEU A 66 2.97 4.41 -8.37
N ALA A 67 1.73 4.03 -8.65
CA ALA A 67 1.04 4.47 -9.84
C ALA A 67 0.17 5.67 -9.50
N ASP A 68 0.81 6.79 -9.25
CA ASP A 68 0.13 8.04 -8.87
C ASP A 68 -0.87 8.46 -9.94
N ALA A 69 -2.12 8.09 -9.72
CA ALA A 69 -3.20 8.36 -10.67
C ALA A 69 -4.53 7.95 -10.06
HG HG B . -4.13 -13.21 -2.35
N MET A 1 1.27 11.32 -7.10
CA MET A 1 -0.09 11.53 -6.55
C MET A 1 -0.28 10.70 -5.27
N THR A 2 -1.09 9.63 -5.34
CA THR A 2 -1.40 8.86 -4.14
C THR A 2 -1.89 7.45 -4.49
N HIS A 3 -1.37 6.89 -5.56
CA HIS A 3 -1.81 5.57 -6.00
C HIS A 3 -0.61 4.64 -6.12
N LEU A 4 -0.72 3.48 -5.48
CA LEU A 4 0.31 2.46 -5.59
C LEU A 4 -0.31 1.18 -6.14
N LYS A 5 0.49 0.40 -6.83
CA LYS A 5 0.05 -0.89 -7.33
C LYS A 5 0.78 -1.99 -6.58
N ILE A 6 0.01 -2.89 -5.98
CA ILE A 6 0.61 -3.94 -5.17
C ILE A 6 0.90 -5.17 -6.04
N THR A 7 2.18 -5.47 -6.19
CA THR A 7 2.63 -6.51 -7.08
C THR A 7 2.86 -7.83 -6.33
N GLY A 8 3.01 -7.73 -5.01
CA GLY A 8 3.27 -8.92 -4.21
C GLY A 8 2.01 -9.63 -3.80
N MET A 9 0.86 -9.00 -4.03
CA MET A 9 -0.42 -9.62 -3.68
C MET A 9 -0.92 -10.50 -4.83
N THR A 10 -1.53 -11.61 -4.48
CA THR A 10 -2.16 -12.47 -5.46
C THR A 10 -3.64 -12.66 -5.14
N CYS A 11 -4.08 -12.06 -4.04
CA CYS A 11 -5.44 -12.23 -3.54
C CYS A 11 -5.63 -11.50 -2.21
N ASP A 12 -6.77 -11.76 -1.58
CA ASP A 12 -7.23 -11.02 -0.40
C ASP A 12 -6.29 -11.11 0.79
N SER A 13 -5.55 -12.20 0.91
CA SER A 13 -4.68 -12.43 2.06
C SER A 13 -3.59 -11.35 2.17
N CYS A 14 -2.82 -11.18 1.10
CA CYS A 14 -1.75 -10.19 1.10
C CYS A 14 -2.34 -8.78 1.08
N ALA A 15 -3.40 -8.60 0.30
CA ALA A 15 -4.09 -7.32 0.19
C ALA A 15 -4.97 -7.06 1.42
N ALA A 16 -4.42 -7.31 2.58
CA ALA A 16 -5.09 -7.05 3.85
C ALA A 16 -4.06 -7.00 4.95
N HIS A 17 -3.12 -7.93 4.91
CA HIS A 17 -1.97 -7.88 5.80
C HIS A 17 -1.15 -6.63 5.49
N VAL A 18 -1.14 -6.25 4.21
CA VAL A 18 -0.47 -5.04 3.78
C VAL A 18 -1.21 -3.83 4.31
N LYS A 19 -2.54 -3.91 4.30
CA LYS A 19 -3.38 -2.85 4.86
C LYS A 19 -3.08 -2.69 6.34
N GLU A 20 -2.98 -3.83 7.03
CA GLU A 20 -2.69 -3.83 8.45
C GLU A 20 -1.33 -3.20 8.71
N ALA A 21 -0.31 -3.71 8.02
CA ALA A 21 1.04 -3.17 8.13
C ALA A 21 1.08 -1.69 7.79
N LEU A 22 0.30 -1.30 6.78
CA LEU A 22 0.23 0.09 6.36
C LEU A 22 -0.37 0.96 7.44
N GLU A 23 -1.56 0.59 7.90
CA GLU A 23 -2.26 1.34 8.93
C GLU A 23 -1.52 1.26 10.27
N LYS A 24 -0.58 0.33 10.38
CA LYS A 24 0.29 0.25 11.55
C LYS A 24 1.33 1.36 11.51
N VAL A 25 1.63 1.85 10.31
CA VAL A 25 2.53 2.98 10.14
C VAL A 25 1.77 4.28 10.38
N PRO A 26 2.27 5.13 11.31
CA PRO A 26 1.58 6.36 11.68
C PRO A 26 1.75 7.48 10.66
N GLY A 27 1.62 7.13 9.40
CA GLY A 27 1.55 8.09 8.33
C GLY A 27 0.32 7.84 7.49
N VAL A 28 -0.36 6.75 7.82
CA VAL A 28 -1.55 6.33 7.12
C VAL A 28 -2.80 6.82 7.86
N GLN A 29 -3.88 7.04 7.13
CA GLN A 29 -5.15 7.42 7.73
C GLN A 29 -6.28 6.56 7.15
N SER A 30 -6.11 6.16 5.90
CA SER A 30 -7.01 5.19 5.27
C SER A 30 -6.29 4.47 4.14
N ALA A 31 -5.85 3.25 4.39
CA ALA A 31 -5.17 2.45 3.38
C ALA A 31 -6.10 1.41 2.79
N LEU A 32 -6.58 1.66 1.58
CA LEU A 32 -7.52 0.78 0.94
C LEU A 32 -6.87 0.02 -0.21
N VAL A 33 -6.37 -1.16 0.09
CA VAL A 33 -5.80 -2.02 -0.92
C VAL A 33 -6.86 -2.98 -1.47
N SER A 34 -7.19 -2.82 -2.73
CA SER A 34 -8.23 -3.63 -3.36
C SER A 34 -7.64 -4.86 -4.06
N TYR A 35 -8.02 -6.04 -3.59
CA TYR A 35 -7.45 -7.30 -4.09
C TYR A 35 -7.89 -7.61 -5.53
N PRO A 36 -9.19 -7.56 -5.87
CA PRO A 36 -9.66 -7.91 -7.22
C PRO A 36 -9.25 -6.89 -8.28
N LYS A 37 -8.38 -5.97 -7.90
CA LYS A 37 -7.90 -4.94 -8.81
C LYS A 37 -6.39 -4.80 -8.70
N GLY A 38 -5.85 -5.14 -7.53
CA GLY A 38 -4.42 -5.05 -7.31
C GLY A 38 -3.97 -3.61 -7.15
N THR A 39 -4.89 -2.75 -6.70
CA THR A 39 -4.61 -1.34 -6.59
C THR A 39 -4.69 -0.87 -5.14
N ALA A 40 -3.78 0.00 -4.76
CA ALA A 40 -3.75 0.56 -3.43
C ALA A 40 -4.19 2.01 -3.46
N GLN A 41 -5.34 2.28 -2.86
CA GLN A 41 -5.84 3.65 -2.72
C GLN A 41 -5.52 4.14 -1.33
N LEU A 42 -4.61 5.09 -1.22
CA LEU A 42 -4.09 5.48 0.09
C LEU A 42 -4.48 6.91 0.43
N ALA A 43 -5.08 7.07 1.60
CA ALA A 43 -5.29 8.38 2.17
C ALA A 43 -4.24 8.60 3.25
N ILE A 44 -3.03 8.91 2.81
CA ILE A 44 -1.90 9.06 3.71
C ILE A 44 -1.72 10.51 4.14
N VAL A 45 -0.97 10.69 5.22
CA VAL A 45 -0.63 11.99 5.74
C VAL A 45 0.41 12.65 4.83
N PRO A 46 0.30 13.97 4.58
CA PRO A 46 1.23 14.71 3.71
C PRO A 46 2.71 14.52 4.08
N GLY A 47 2.97 14.07 5.31
CA GLY A 47 4.33 13.83 5.74
C GLY A 47 4.76 12.40 5.49
N THR A 48 4.32 11.83 4.38
CA THR A 48 4.68 10.46 4.03
C THR A 48 4.85 10.32 2.53
N SER A 49 6.00 9.82 2.12
CA SER A 49 6.29 9.63 0.71
C SER A 49 5.77 8.27 0.22
N PRO A 50 5.21 8.22 -1.01
CA PRO A 50 4.73 6.97 -1.62
C PRO A 50 5.82 5.91 -1.71
N ASP A 51 7.04 6.36 -1.95
CA ASP A 51 8.18 5.47 -2.03
C ASP A 51 8.43 4.80 -0.67
N ALA A 52 7.99 5.47 0.39
CA ALA A 52 8.18 4.96 1.74
C ALA A 52 7.21 3.83 2.03
N LEU A 53 5.99 4.00 1.53
CA LEU A 53 4.95 2.99 1.70
C LEU A 53 5.28 1.79 0.81
N THR A 54 5.69 2.09 -0.41
CA THR A 54 6.15 1.08 -1.35
C THR A 54 7.30 0.30 -0.74
N ALA A 55 8.22 1.02 -0.10
CA ALA A 55 9.37 0.41 0.56
C ALA A 55 8.93 -0.44 1.75
N ALA A 56 7.92 0.03 2.47
CA ALA A 56 7.38 -0.71 3.59
C ALA A 56 6.75 -2.02 3.13
N VAL A 57 6.03 -1.96 2.02
CA VAL A 57 5.41 -3.14 1.43
C VAL A 57 6.47 -4.06 0.84
N ALA A 58 7.44 -3.47 0.15
CA ALA A 58 8.52 -4.24 -0.45
C ALA A 58 9.35 -4.90 0.65
N GLY A 59 9.61 -4.16 1.71
CA GLY A 59 10.38 -4.67 2.82
C GLY A 59 9.60 -5.67 3.65
N LEU A 60 8.27 -5.60 3.58
CA LEU A 60 7.41 -6.52 4.32
C LEU A 60 7.43 -7.92 3.69
N GLY A 61 8.12 -8.03 2.56
CA GLY A 61 8.21 -9.32 1.89
C GLY A 61 7.37 -9.35 0.63
N TYR A 62 6.60 -8.29 0.43
CA TYR A 62 5.77 -8.18 -0.76
C TYR A 62 6.43 -7.26 -1.76
N LYS A 63 5.66 -6.75 -2.71
CA LYS A 63 6.19 -5.84 -3.70
C LYS A 63 5.14 -4.82 -4.09
N ALA A 64 5.57 -3.61 -4.41
CA ALA A 64 4.66 -2.56 -4.84
C ALA A 64 5.35 -1.61 -5.82
N THR A 65 4.55 -0.85 -6.54
CA THR A 65 5.06 0.15 -7.47
C THR A 65 4.21 1.40 -7.42
N LEU A 66 4.84 2.57 -7.48
CA LEU A 66 4.11 3.83 -7.44
C LEU A 66 3.42 4.09 -8.79
N ALA A 67 2.25 3.51 -8.95
CA ALA A 67 1.43 3.70 -10.14
C ALA A 67 0.40 4.78 -9.88
N ASP A 68 0.89 6.00 -9.69
CA ASP A 68 0.04 7.11 -9.27
C ASP A 68 -0.72 7.72 -10.45
N ALA A 69 -1.34 8.87 -10.19
CA ALA A 69 -2.17 9.58 -11.16
C ALA A 69 -3.45 8.80 -11.40
HG HG B . -2.82 -13.35 -1.76
N MET A 1 -2.19 10.48 -8.03
CA MET A 1 -2.02 11.10 -6.70
C MET A 1 -2.12 10.05 -5.59
N THR A 2 -3.05 9.11 -5.72
CA THR A 2 -3.31 8.14 -4.67
C THR A 2 -3.44 6.73 -5.23
N HIS A 3 -2.39 6.24 -5.89
CA HIS A 3 -2.46 4.93 -6.53
C HIS A 3 -1.11 4.23 -6.50
N LEU A 4 -0.96 3.26 -5.61
CA LEU A 4 0.17 2.35 -5.68
C LEU A 4 -0.35 0.96 -6.02
N LYS A 5 0.32 0.28 -6.94
CA LYS A 5 -0.13 -1.02 -7.42
C LYS A 5 0.59 -2.13 -6.66
N ILE A 6 -0.18 -3.06 -6.11
CA ILE A 6 0.39 -4.19 -5.39
C ILE A 6 0.76 -5.29 -6.37
N THR A 7 2.02 -5.70 -6.34
CA THR A 7 2.52 -6.64 -7.33
C THR A 7 3.10 -7.89 -6.66
N GLY A 8 3.40 -7.80 -5.39
CA GLY A 8 3.95 -8.94 -4.67
C GLY A 8 2.92 -10.02 -4.45
N MET A 9 1.66 -9.62 -4.35
CA MET A 9 0.55 -10.54 -4.11
C MET A 9 -0.76 -9.78 -4.12
N THR A 10 -1.67 -10.20 -4.99
CA THR A 10 -2.90 -9.46 -5.22
C THR A 10 -4.05 -9.91 -4.32
N CYS A 11 -4.08 -11.20 -3.99
CA CYS A 11 -5.21 -11.80 -3.27
C CYS A 11 -5.53 -11.12 -1.94
N ASP A 12 -6.78 -11.35 -1.52
CA ASP A 12 -7.40 -10.68 -0.37
C ASP A 12 -6.51 -10.58 0.87
N SER A 13 -6.02 -11.70 1.37
CA SER A 13 -5.31 -11.72 2.64
C SER A 13 -3.93 -11.09 2.52
N CYS A 14 -3.31 -11.25 1.37
CA CYS A 14 -2.01 -10.65 1.12
C CYS A 14 -2.16 -9.13 1.02
N ALA A 15 -3.12 -8.68 0.22
CA ALA A 15 -3.45 -7.28 0.12
C ALA A 15 -4.26 -6.83 1.34
N ALA A 16 -3.75 -7.16 2.52
CA ALA A 16 -4.42 -6.87 3.78
C ALA A 16 -3.40 -6.94 4.89
N HIS A 17 -2.50 -7.92 4.82
CA HIS A 17 -1.31 -7.92 5.66
C HIS A 17 -0.50 -6.67 5.36
N VAL A 18 -0.50 -6.30 4.07
CA VAL A 18 0.13 -5.07 3.61
C VAL A 18 -0.58 -3.86 4.20
N LYS A 19 -1.91 -3.89 4.15
CA LYS A 19 -2.72 -2.81 4.70
C LYS A 19 -2.50 -2.69 6.20
N GLU A 20 -2.36 -3.83 6.87
CA GLU A 20 -2.10 -3.85 8.30
C GLU A 20 -0.74 -3.22 8.59
N ALA A 21 0.28 -3.68 7.88
CA ALA A 21 1.62 -3.14 8.04
C ALA A 21 1.64 -1.63 7.76
N LEU A 22 0.92 -1.22 6.72
CA LEU A 22 0.80 0.19 6.36
C LEU A 22 0.04 0.95 7.45
N GLU A 23 -1.00 0.33 8.00
CA GLU A 23 -1.81 0.95 9.04
C GLU A 23 -1.06 0.98 10.37
N LYS A 24 0.01 0.20 10.46
CA LYS A 24 0.88 0.24 11.63
C LYS A 24 1.72 1.52 11.61
N VAL A 25 1.80 2.13 10.44
CA VAL A 25 2.47 3.42 10.30
C VAL A 25 1.48 4.54 10.61
N PRO A 26 1.82 5.40 11.58
CA PRO A 26 0.95 6.50 12.00
C PRO A 26 1.02 7.69 11.05
N GLY A 27 0.67 7.44 9.81
CA GLY A 27 0.62 8.48 8.81
C GLY A 27 -0.33 8.11 7.70
N VAL A 28 -1.53 7.68 8.08
CA VAL A 28 -2.48 7.10 7.15
C VAL A 28 -3.90 7.53 7.52
N GLN A 29 -4.59 8.14 6.56
CA GLN A 29 -5.96 8.59 6.77
C GLN A 29 -6.94 7.55 6.23
N SER A 30 -6.54 6.89 5.15
CA SER A 30 -7.34 5.83 4.54
C SER A 30 -6.44 4.85 3.80
N ALA A 31 -6.80 3.58 3.83
CA ALA A 31 -6.04 2.55 3.15
C ALA A 31 -6.98 1.60 2.43
N LEU A 32 -7.52 2.05 1.31
CA LEU A 32 -8.50 1.27 0.57
C LEU A 32 -7.81 0.33 -0.41
N VAL A 33 -7.38 -0.80 0.11
CA VAL A 33 -6.75 -1.83 -0.71
C VAL A 33 -7.81 -2.59 -1.49
N SER A 34 -7.58 -2.74 -2.79
CA SER A 34 -8.51 -3.44 -3.65
C SER A 34 -7.82 -4.65 -4.27
N TYR A 35 -7.93 -5.79 -3.57
CA TYR A 35 -7.22 -7.01 -3.96
C TYR A 35 -7.51 -7.43 -5.40
N PRO A 36 -8.81 -7.61 -5.79
CA PRO A 36 -9.15 -8.06 -7.15
C PRO A 36 -8.75 -7.05 -8.21
N LYS A 37 -8.56 -5.80 -7.81
CA LYS A 37 -8.21 -4.73 -8.72
C LYS A 37 -6.70 -4.51 -8.77
N GLY A 38 -5.98 -5.15 -7.86
CA GLY A 38 -4.54 -4.99 -7.78
C GLY A 38 -4.14 -3.59 -7.37
N THR A 39 -5.03 -2.93 -6.65
CA THR A 39 -4.83 -1.54 -6.29
C THR A 39 -4.69 -1.34 -4.78
N ALA A 40 -3.93 -0.34 -4.42
CA ALA A 40 -3.84 0.11 -3.05
C ALA A 40 -4.04 1.62 -3.01
N GLN A 41 -5.26 2.01 -2.68
CA GLN A 41 -5.61 3.42 -2.64
C GLN A 41 -5.39 3.96 -1.23
N LEU A 42 -4.19 4.43 -0.97
CA LEU A 42 -3.83 4.88 0.36
C LEU A 42 -3.77 6.40 0.43
N ALA A 43 -4.66 6.97 1.22
CA ALA A 43 -4.67 8.39 1.48
C ALA A 43 -3.86 8.64 2.74
N ILE A 44 -2.57 8.80 2.54
CA ILE A 44 -1.65 8.94 3.65
C ILE A 44 -1.60 10.38 4.16
N VAL A 45 -1.21 10.52 5.41
CA VAL A 45 -1.07 11.82 6.05
C VAL A 45 0.20 12.52 5.58
N PRO A 46 0.10 13.81 5.20
CA PRO A 46 1.28 14.61 4.81
C PRO A 46 2.36 14.57 5.88
N GLY A 47 3.58 14.32 5.45
CA GLY A 47 4.67 14.05 6.36
C GLY A 47 5.29 12.72 6.05
N THR A 48 4.43 11.78 5.66
CA THR A 48 4.86 10.50 5.13
C THR A 48 5.19 10.65 3.66
N SER A 49 5.64 9.57 3.05
CA SER A 49 6.02 9.61 1.66
C SER A 49 5.82 8.25 1.02
N PRO A 50 5.39 8.23 -0.26
CA PRO A 50 5.10 6.98 -0.96
C PRO A 50 6.29 6.04 -1.01
N ASP A 51 7.49 6.62 -1.04
CA ASP A 51 8.72 5.83 -1.01
C ASP A 51 8.77 4.95 0.22
N ALA A 52 8.17 5.44 1.30
CA ALA A 52 8.17 4.73 2.57
C ALA A 52 7.17 3.59 2.53
N LEU A 53 6.11 3.78 1.77
CA LEU A 53 5.04 2.80 1.68
C LEU A 53 5.43 1.69 0.71
N THR A 54 5.90 2.09 -0.46
CA THR A 54 6.40 1.15 -1.45
C THR A 54 7.48 0.27 -0.82
N ALA A 55 8.40 0.91 -0.11
CA ALA A 55 9.49 0.21 0.57
C ALA A 55 8.94 -0.65 1.71
N ALA A 56 7.92 -0.15 2.39
CA ALA A 56 7.28 -0.92 3.47
C ALA A 56 6.70 -2.21 2.93
N VAL A 57 6.09 -2.13 1.75
CA VAL A 57 5.51 -3.30 1.12
C VAL A 57 6.60 -4.21 0.56
N ALA A 58 7.63 -3.61 -0.04
CA ALA A 58 8.74 -4.38 -0.57
C ALA A 58 9.48 -5.10 0.54
N GLY A 59 9.72 -4.37 1.64
CA GLY A 59 10.39 -4.95 2.79
C GLY A 59 9.49 -5.84 3.61
N LEU A 60 8.19 -5.77 3.35
CA LEU A 60 7.25 -6.67 4.01
C LEU A 60 7.26 -8.06 3.39
N GLY A 61 8.10 -8.24 2.37
CA GLY A 61 8.21 -9.52 1.71
C GLY A 61 7.41 -9.55 0.42
N TYR A 62 6.63 -8.51 0.20
CA TYR A 62 5.83 -8.40 -1.00
C TYR A 62 6.51 -7.44 -1.98
N LYS A 63 5.71 -6.82 -2.83
CA LYS A 63 6.21 -5.85 -3.79
C LYS A 63 5.09 -4.88 -4.18
N ALA A 64 5.45 -3.63 -4.34
CA ALA A 64 4.51 -2.62 -4.75
C ALA A 64 5.16 -1.64 -5.70
N THR A 65 4.36 -1.01 -6.54
CA THR A 65 4.86 0.01 -7.45
C THR A 65 3.81 1.10 -7.62
N LEU A 66 4.12 2.30 -7.16
CA LEU A 66 3.24 3.44 -7.33
C LEU A 66 3.08 3.73 -8.81
N ALA A 67 1.89 4.19 -9.20
CA ALA A 67 1.60 4.41 -10.61
C ALA A 67 0.75 5.67 -10.77
N ASP A 68 0.87 6.53 -9.76
CA ASP A 68 0.24 7.86 -9.73
C ASP A 68 -1.08 7.95 -10.48
N ALA A 69 -2.16 7.64 -9.80
CA ALA A 69 -3.49 7.75 -10.36
C ALA A 69 -4.45 8.12 -9.25
HG HG B . -2.82 -13.53 -2.36
N MET A 1 -0.28 11.63 -3.05
CA MET A 1 -0.43 10.49 -3.99
C MET A 1 -1.53 9.56 -3.51
N THR A 2 -2.29 8.99 -4.43
CA THR A 2 -3.44 8.17 -4.08
C THR A 2 -3.52 6.93 -4.95
N HIS A 3 -2.38 6.47 -5.46
CA HIS A 3 -2.38 5.31 -6.34
C HIS A 3 -1.05 4.55 -6.28
N LEU A 4 -1.04 3.47 -5.53
CA LEU A 4 0.09 2.55 -5.54
C LEU A 4 -0.40 1.19 -6.04
N LYS A 5 0.49 0.41 -6.63
CA LYS A 5 0.12 -0.88 -7.15
C LYS A 5 0.80 -1.99 -6.35
N ILE A 6 0.07 -3.03 -6.02
CA ILE A 6 0.65 -4.15 -5.30
C ILE A 6 1.20 -5.17 -6.30
N THR A 7 2.42 -5.64 -6.06
CA THR A 7 3.07 -6.56 -6.98
C THR A 7 3.46 -7.87 -6.28
N GLY A 8 3.69 -7.79 -4.97
CA GLY A 8 4.05 -8.98 -4.20
C GLY A 8 2.87 -9.92 -4.03
N MET A 9 1.68 -9.43 -4.36
CA MET A 9 0.46 -10.21 -4.29
C MET A 9 -0.66 -9.42 -4.91
N THR A 10 -1.91 -9.88 -4.82
CA THR A 10 -3.00 -9.14 -5.43
C THR A 10 -4.36 -9.43 -4.79
N CYS A 11 -4.64 -10.71 -4.48
CA CYS A 11 -5.96 -11.12 -3.96
C CYS A 11 -6.35 -10.47 -2.62
N ASP A 12 -6.68 -11.27 -1.61
CA ASP A 12 -7.42 -10.72 -0.47
C ASP A 12 -6.59 -10.62 0.81
N SER A 13 -6.46 -11.72 1.53
CA SER A 13 -5.83 -11.73 2.85
C SER A 13 -4.43 -11.10 2.82
N CYS A 14 -3.69 -11.37 1.75
CA CYS A 14 -2.38 -10.77 1.57
C CYS A 14 -2.52 -9.25 1.44
N ALA A 15 -3.35 -8.81 0.49
CA ALA A 15 -3.64 -7.39 0.29
C ALA A 15 -4.61 -6.88 1.36
N ALA A 16 -4.29 -7.17 2.61
CA ALA A 16 -5.12 -6.81 3.73
C ALA A 16 -4.28 -6.89 5.00
N HIS A 17 -3.46 -7.93 5.09
CA HIS A 17 -2.45 -8.01 6.13
C HIS A 17 -1.36 -6.99 5.83
N VAL A 18 -1.08 -6.81 4.54
CA VAL A 18 -0.19 -5.76 4.09
C VAL A 18 -0.79 -4.41 4.45
N LYS A 19 -2.10 -4.32 4.33
CA LYS A 19 -2.84 -3.12 4.72
C LYS A 19 -2.70 -2.90 6.22
N GLU A 20 -2.75 -3.99 6.99
CA GLU A 20 -2.57 -3.91 8.44
C GLU A 20 -1.20 -3.33 8.76
N ALA A 21 -0.16 -3.94 8.19
CA ALA A 21 1.21 -3.44 8.39
C ALA A 21 1.35 -2.02 7.87
N LEU A 22 0.68 -1.71 6.77
CA LEU A 22 0.69 -0.38 6.18
C LEU A 22 0.04 0.64 7.11
N GLU A 23 -1.13 0.29 7.62
CA GLU A 23 -1.87 1.17 8.53
C GLU A 23 -1.20 1.23 9.88
N LYS A 24 -0.30 0.29 10.14
CA LYS A 24 0.53 0.34 11.33
C LYS A 24 1.61 1.39 11.18
N VAL A 25 1.97 1.69 9.93
CA VAL A 25 2.96 2.72 9.63
C VAL A 25 2.36 4.10 9.91
N PRO A 26 3.02 4.89 10.75
CA PRO A 26 2.57 6.23 11.09
C PRO A 26 2.59 7.16 9.88
N GLY A 27 1.49 7.87 9.67
CA GLY A 27 1.34 8.68 8.48
C GLY A 27 0.25 8.12 7.60
N VAL A 28 -0.07 6.87 7.83
CA VAL A 28 -1.14 6.19 7.12
C VAL A 28 -2.43 6.26 7.92
N GLN A 29 -3.47 6.83 7.33
CA GLN A 29 -4.76 6.93 8.00
C GLN A 29 -5.68 5.80 7.60
N SER A 30 -5.73 5.50 6.30
CA SER A 30 -6.59 4.43 5.80
C SER A 30 -6.04 3.84 4.50
N ALA A 31 -6.07 2.52 4.41
CA ALA A 31 -5.65 1.84 3.20
C ALA A 31 -6.84 1.13 2.55
N LEU A 32 -7.27 1.66 1.42
CA LEU A 32 -8.41 1.10 0.70
C LEU A 32 -7.90 0.21 -0.43
N VAL A 33 -7.42 -0.97 -0.05
CA VAL A 33 -6.85 -1.90 -1.02
C VAL A 33 -7.93 -2.50 -1.91
N SER A 34 -7.84 -2.22 -3.20
CA SER A 34 -8.76 -2.77 -4.17
C SER A 34 -8.19 -4.06 -4.76
N TYR A 35 -8.39 -5.15 -4.03
CA TYR A 35 -7.80 -6.44 -4.38
C TYR A 35 -8.13 -6.89 -5.81
N PRO A 36 -9.42 -6.88 -6.24
CA PRO A 36 -9.80 -7.32 -7.59
C PRO A 36 -9.30 -6.40 -8.71
N LYS A 37 -8.43 -5.46 -8.35
CA LYS A 37 -7.85 -4.54 -9.33
C LYS A 37 -6.34 -4.43 -9.12
N GLY A 38 -5.84 -5.07 -8.06
CA GLY A 38 -4.42 -5.02 -7.75
C GLY A 38 -3.95 -3.62 -7.39
N THR A 39 -4.87 -2.79 -6.93
CA THR A 39 -4.56 -1.41 -6.62
C THR A 39 -4.64 -1.13 -5.13
N ALA A 40 -3.75 -0.27 -4.67
CA ALA A 40 -3.75 0.14 -3.27
C ALA A 40 -4.07 1.62 -3.16
N GLN A 41 -5.31 1.93 -2.81
CA GLN A 41 -5.71 3.31 -2.57
C GLN A 41 -5.37 3.66 -1.14
N LEU A 42 -4.70 4.77 -0.93
CA LEU A 42 -4.25 5.10 0.41
C LEU A 42 -4.58 6.54 0.78
N ALA A 43 -5.20 6.69 1.93
CA ALA A 43 -5.47 7.99 2.49
C ALA A 43 -4.39 8.30 3.51
N ILE A 44 -3.27 8.77 3.01
CA ILE A 44 -2.11 9.05 3.84
C ILE A 44 -2.00 10.54 4.16
N VAL A 45 -1.10 10.87 5.06
CA VAL A 45 -0.82 12.26 5.39
C VAL A 45 -0.03 12.93 4.27
N PRO A 46 -0.57 14.01 3.70
CA PRO A 46 0.09 14.76 2.62
C PRO A 46 1.51 15.17 3.00
N GLY A 47 2.48 14.46 2.45
CA GLY A 47 3.86 14.71 2.76
C GLY A 47 4.67 13.43 2.72
N THR A 48 4.02 12.32 3.06
CA THR A 48 4.66 11.02 3.01
C THR A 48 4.86 10.59 1.56
N SER A 49 6.10 10.40 1.18
CA SER A 49 6.44 10.04 -0.18
C SER A 49 5.98 8.61 -0.47
N PRO A 50 5.42 8.36 -1.67
CA PRO A 50 4.92 7.04 -2.07
C PRO A 50 6.04 6.00 -2.10
N ASP A 51 7.26 6.48 -2.18
CA ASP A 51 8.44 5.61 -2.10
C ASP A 51 8.49 4.92 -0.75
N ALA A 52 8.03 5.60 0.28
CA ALA A 52 8.11 5.10 1.65
C ALA A 52 7.08 4.00 1.87
N LEU A 53 5.92 4.17 1.26
CA LEU A 53 4.85 3.18 1.36
C LEU A 53 5.21 1.96 0.53
N THR A 54 5.69 2.21 -0.68
CA THR A 54 6.19 1.16 -1.54
C THR A 54 7.32 0.40 -0.84
N ALA A 55 8.20 1.14 -0.18
CA ALA A 55 9.31 0.55 0.56
C ALA A 55 8.80 -0.23 1.77
N ALA A 56 7.73 0.24 2.37
CA ALA A 56 7.12 -0.46 3.51
C ALA A 56 6.58 -1.81 3.06
N VAL A 57 5.93 -1.82 1.91
CA VAL A 57 5.41 -3.05 1.33
C VAL A 57 6.56 -3.95 0.89
N ALA A 58 7.63 -3.31 0.41
CA ALA A 58 8.83 -4.04 0.03
C ALA A 58 9.47 -4.68 1.27
N GLY A 59 9.61 -3.88 2.32
CA GLY A 59 10.16 -4.37 3.56
C GLY A 59 9.23 -5.31 4.29
N LEU A 60 7.97 -5.34 3.86
CA LEU A 60 7.00 -6.27 4.40
C LEU A 60 7.26 -7.69 3.89
N GLY A 61 8.14 -7.80 2.90
CA GLY A 61 8.43 -9.08 2.30
C GLY A 61 7.69 -9.26 0.99
N TYR A 62 7.09 -8.17 0.52
CA TYR A 62 6.37 -8.16 -0.73
C TYR A 62 7.02 -7.15 -1.67
N LYS A 63 6.21 -6.58 -2.55
CA LYS A 63 6.68 -5.56 -3.46
C LYS A 63 5.53 -4.68 -3.90
N ALA A 64 5.75 -3.38 -3.91
CA ALA A 64 4.77 -2.44 -4.42
C ALA A 64 5.36 -1.68 -5.59
N THR A 65 4.50 -0.99 -6.32
CA THR A 65 4.94 -0.19 -7.44
C THR A 65 4.24 1.17 -7.43
N LEU A 66 5.02 2.24 -7.40
CA LEU A 66 4.46 3.58 -7.41
C LEU A 66 3.98 3.94 -8.81
N ALA A 67 2.70 4.28 -8.92
CA ALA A 67 2.11 4.66 -10.19
C ALA A 67 0.88 5.54 -9.95
N ASP A 68 1.13 6.72 -9.39
CA ASP A 68 0.06 7.65 -9.05
C ASP A 68 -0.83 7.97 -10.25
N ALA A 69 -2.11 8.19 -9.98
CA ALA A 69 -3.11 8.47 -11.01
C ALA A 69 -3.26 7.30 -11.96
HG HG B . -3.59 -13.12 -2.45
N MET A 1 0.10 10.79 -7.42
CA MET A 1 -1.27 10.84 -6.88
C MET A 1 -1.49 9.74 -5.85
N THR A 2 -0.43 9.02 -5.54
CA THR A 2 -0.44 7.99 -4.50
C THR A 2 -1.46 6.89 -4.79
N HIS A 3 -1.24 6.13 -5.86
CA HIS A 3 -1.98 4.90 -6.07
C HIS A 3 -0.98 3.76 -6.22
N LEU A 4 -0.73 3.06 -5.14
CA LEU A 4 0.28 2.02 -5.11
C LEU A 4 -0.27 0.73 -5.68
N LYS A 5 0.35 0.21 -6.72
CA LYS A 5 -0.05 -1.07 -7.28
C LYS A 5 0.62 -2.19 -6.51
N ILE A 6 -0.13 -3.25 -6.22
CA ILE A 6 0.40 -4.35 -5.47
C ILE A 6 0.83 -5.48 -6.40
N THR A 7 1.95 -6.10 -6.07
CA THR A 7 2.48 -7.20 -6.87
C THR A 7 2.90 -8.35 -5.97
N GLY A 8 2.92 -8.11 -4.66
CA GLY A 8 3.21 -9.16 -3.71
C GLY A 8 1.99 -9.99 -3.41
N MET A 9 1.42 -10.53 -4.49
CA MET A 9 0.17 -11.30 -4.45
C MET A 9 -1.02 -10.36 -4.34
N THR A 10 -1.94 -10.50 -5.28
CA THR A 10 -3.04 -9.56 -5.41
C THR A 10 -4.25 -9.96 -4.57
N CYS A 11 -4.32 -11.24 -4.21
CA CYS A 11 -5.45 -11.77 -3.45
C CYS A 11 -5.68 -11.06 -2.11
N ASP A 12 -6.91 -11.21 -1.61
CA ASP A 12 -7.42 -10.50 -0.44
C ASP A 12 -6.53 -10.61 0.79
N SER A 13 -6.27 -11.83 1.24
CA SER A 13 -5.54 -12.06 2.48
C SER A 13 -4.21 -11.29 2.52
N CYS A 14 -3.46 -11.36 1.43
CA CYS A 14 -2.20 -10.64 1.33
C CYS A 14 -2.45 -9.14 1.23
N ALA A 15 -3.34 -8.74 0.32
CA ALA A 15 -3.70 -7.34 0.16
C ALA A 15 -4.63 -6.87 1.27
N ALA A 16 -4.24 -7.16 2.50
CA ALA A 16 -5.01 -6.79 3.68
C ALA A 16 -4.11 -6.84 4.90
N HIS A 17 -3.27 -7.87 4.97
CA HIS A 17 -2.23 -7.92 6.00
C HIS A 17 -1.19 -6.84 5.71
N VAL A 18 -0.94 -6.64 4.42
CA VAL A 18 -0.09 -5.53 3.98
C VAL A 18 -0.75 -4.22 4.39
N LYS A 19 -2.07 -4.16 4.26
CA LYS A 19 -2.85 -3.01 4.67
C LYS A 19 -2.70 -2.79 6.18
N GLU A 20 -2.66 -3.90 6.92
CA GLU A 20 -2.45 -3.84 8.37
C GLU A 20 -1.11 -3.18 8.69
N ALA A 21 -0.05 -3.68 8.07
CA ALA A 21 1.29 -3.13 8.29
C ALA A 21 1.35 -1.68 7.82
N LEU A 22 0.65 -1.38 6.74
CA LEU A 22 0.56 -0.03 6.21
C LEU A 22 -0.18 0.90 7.17
N GLU A 23 -1.37 0.51 7.58
CA GLU A 23 -2.20 1.32 8.46
C GLU A 23 -1.63 1.33 9.88
N LYS A 24 -0.69 0.44 10.15
CA LYS A 24 0.03 0.46 11.42
C LYS A 24 1.00 1.63 11.45
N VAL A 25 1.40 2.08 10.26
CA VAL A 25 2.24 3.26 10.15
C VAL A 25 1.41 4.50 10.45
N PRO A 26 1.83 5.31 11.43
CA PRO A 26 1.03 6.43 11.92
C PRO A 26 1.13 7.68 11.04
N GLY A 27 1.04 7.46 9.74
CA GLY A 27 0.96 8.56 8.80
C GLY A 27 -0.16 8.31 7.81
N VAL A 28 -0.84 7.20 8.03
CA VAL A 28 -1.91 6.77 7.16
C VAL A 28 -3.27 7.21 7.71
N GLN A 29 -4.12 7.75 6.86
CA GLN A 29 -5.47 8.12 7.26
C GLN A 29 -6.44 7.00 6.93
N SER A 30 -6.31 6.43 5.73
CA SER A 30 -7.13 5.31 5.31
C SER A 30 -6.42 4.52 4.20
N ALA A 31 -6.28 3.21 4.40
CA ALA A 31 -5.70 2.35 3.40
C ALA A 31 -6.80 1.53 2.72
N LEU A 32 -7.22 1.96 1.55
CA LEU A 32 -8.28 1.28 0.83
C LEU A 32 -7.72 0.38 -0.25
N VAL A 33 -7.34 -0.84 0.14
CA VAL A 33 -6.78 -1.80 -0.80
C VAL A 33 -7.88 -2.48 -1.61
N SER A 34 -7.64 -2.61 -2.90
CA SER A 34 -8.56 -3.33 -3.77
C SER A 34 -7.85 -4.54 -4.36
N TYR A 35 -8.05 -5.70 -3.74
CA TYR A 35 -7.36 -6.94 -4.12
C TYR A 35 -7.57 -7.31 -5.60
N PRO A 36 -8.83 -7.38 -6.10
CA PRO A 36 -9.10 -7.74 -7.49
C PRO A 36 -8.57 -6.69 -8.49
N LYS A 37 -8.38 -5.47 -8.01
CA LYS A 37 -7.87 -4.40 -8.84
C LYS A 37 -6.34 -4.33 -8.76
N GLY A 38 -5.78 -4.93 -7.71
CA GLY A 38 -4.35 -4.94 -7.53
C GLY A 38 -3.81 -3.58 -7.17
N THR A 39 -4.64 -2.76 -6.53
CA THR A 39 -4.26 -1.39 -6.23
C THR A 39 -4.53 -1.06 -4.76
N ALA A 40 -3.69 -0.21 -4.20
CA ALA A 40 -3.86 0.25 -2.83
C ALA A 40 -4.11 1.75 -2.81
N GLN A 41 -5.34 2.13 -2.48
CA GLN A 41 -5.70 3.52 -2.32
C GLN A 41 -5.23 4.01 -0.95
N LEU A 42 -3.96 4.33 -0.87
CA LEU A 42 -3.36 4.74 0.40
C LEU A 42 -3.51 6.25 0.59
N ALA A 43 -4.45 6.62 1.45
CA ALA A 43 -4.67 8.01 1.78
C ALA A 43 -3.83 8.38 2.98
N ILE A 44 -2.56 8.62 2.74
CA ILE A 44 -1.64 9.01 3.79
C ILE A 44 -1.61 10.53 3.95
N VAL A 45 -1.20 10.98 5.13
CA VAL A 45 -1.09 12.40 5.42
C VAL A 45 0.06 13.00 4.62
N PRO A 46 -0.19 14.17 3.98
CA PRO A 46 0.83 14.90 3.23
C PRO A 46 2.15 15.02 3.98
N GLY A 47 3.15 14.34 3.47
CA GLY A 47 4.44 14.29 4.13
C GLY A 47 5.00 12.89 4.10
N THR A 48 4.11 11.92 4.24
CA THR A 48 4.48 10.52 4.13
C THR A 48 4.65 10.15 2.66
N SER A 49 5.89 9.91 2.29
CA SER A 49 6.22 9.61 0.91
C SER A 49 5.69 8.25 0.49
N PRO A 50 4.99 8.18 -0.65
CA PRO A 50 4.52 6.91 -1.22
C PRO A 50 5.64 5.91 -1.44
N ASP A 51 6.84 6.41 -1.71
CA ASP A 51 8.02 5.56 -1.85
C ASP A 51 8.31 4.84 -0.53
N ALA A 52 7.92 5.45 0.58
CA ALA A 52 8.17 4.87 1.90
C ALA A 52 7.20 3.73 2.15
N LEU A 53 6.00 3.86 1.60
CA LEU A 53 4.99 2.84 1.72
C LEU A 53 5.33 1.69 0.78
N THR A 54 5.78 2.06 -0.42
CA THR A 54 6.28 1.11 -1.40
C THR A 54 7.44 0.33 -0.81
N ALA A 55 8.35 1.04 -0.15
CA ALA A 55 9.51 0.43 0.48
C ALA A 55 9.07 -0.46 1.63
N ALA A 56 8.04 -0.04 2.35
CA ALA A 56 7.49 -0.82 3.44
C ALA A 56 6.93 -2.15 2.93
N VAL A 57 6.23 -2.09 1.80
CA VAL A 57 5.67 -3.29 1.21
C VAL A 57 6.77 -4.14 0.58
N ALA A 58 7.75 -3.48 -0.03
CA ALA A 58 8.88 -4.18 -0.62
C ALA A 58 9.70 -4.88 0.46
N GLY A 59 9.95 -4.15 1.55
CA GLY A 59 10.70 -4.69 2.67
C GLY A 59 9.88 -5.65 3.50
N LEU A 60 8.57 -5.66 3.29
CA LEU A 60 7.69 -6.62 3.97
C LEU A 60 7.86 -8.01 3.38
N GLY A 61 8.61 -8.10 2.28
CA GLY A 61 8.81 -9.36 1.61
C GLY A 61 7.89 -9.51 0.43
N TYR A 62 7.23 -8.41 0.07
CA TYR A 62 6.29 -8.42 -1.05
C TYR A 62 6.74 -7.43 -2.11
N LYS A 63 5.80 -6.94 -2.90
CA LYS A 63 6.14 -6.03 -3.99
C LYS A 63 5.03 -5.01 -4.22
N ALA A 64 5.43 -3.76 -4.40
CA ALA A 64 4.51 -2.69 -4.73
C ALA A 64 5.21 -1.67 -5.60
N THR A 65 4.46 -0.81 -6.28
CA THR A 65 5.03 0.24 -7.09
C THR A 65 4.10 1.44 -7.20
N LEU A 66 4.68 2.64 -7.16
CA LEU A 66 3.91 3.88 -7.31
C LEU A 66 3.51 4.07 -8.78
N ALA A 67 2.25 3.82 -9.07
CA ALA A 67 1.74 4.00 -10.43
C ALA A 67 0.27 4.37 -10.41
N ASP A 68 0.00 5.65 -10.16
CA ASP A 68 -1.37 6.13 -10.12
C ASP A 68 -1.93 6.28 -11.52
N ALA A 69 -3.22 5.98 -11.67
CA ALA A 69 -3.94 6.16 -12.93
C ALA A 69 -3.25 5.42 -14.08
HG HG B . -2.89 -13.43 -2.27
N MET A 1 1.08 9.37 -6.56
CA MET A 1 0.49 10.26 -5.54
C MET A 1 -0.10 9.43 -4.41
N THR A 2 -1.42 9.32 -4.37
CA THR A 2 -2.09 8.61 -3.30
C THR A 2 -2.41 7.17 -3.71
N HIS A 3 -1.93 6.77 -4.89
CA HIS A 3 -2.20 5.44 -5.40
C HIS A 3 -0.90 4.72 -5.72
N LEU A 4 -0.83 3.47 -5.32
CA LEU A 4 0.28 2.60 -5.71
C LEU A 4 -0.28 1.25 -6.13
N LYS A 5 0.58 0.38 -6.62
CA LYS A 5 0.15 -0.93 -7.08
C LYS A 5 0.83 -2.03 -6.29
N ILE A 6 0.06 -3.03 -5.89
CA ILE A 6 0.60 -4.16 -5.17
C ILE A 6 0.83 -5.32 -6.15
N THR A 7 1.99 -5.96 -6.06
CA THR A 7 2.35 -7.00 -7.01
C THR A 7 2.81 -8.28 -6.31
N GLY A 8 3.11 -8.20 -5.02
CA GLY A 8 3.58 -9.36 -4.29
C GLY A 8 2.47 -10.36 -4.04
N MET A 9 1.25 -9.86 -3.97
CA MET A 9 0.08 -10.69 -3.71
C MET A 9 -1.16 -9.82 -3.73
N THR A 10 -2.16 -10.21 -4.51
CA THR A 10 -3.28 -9.33 -4.79
C THR A 10 -4.61 -9.86 -4.23
N CYS A 11 -4.99 -11.05 -4.67
CA CYS A 11 -6.34 -11.61 -4.54
C CYS A 11 -7.10 -11.23 -3.26
N ASP A 12 -6.52 -11.48 -2.10
CA ASP A 12 -7.15 -11.13 -0.84
C ASP A 12 -6.28 -11.63 0.31
N SER A 13 -6.62 -11.25 1.55
CA SER A 13 -5.87 -11.66 2.74
C SER A 13 -4.51 -10.97 2.80
N CYS A 14 -3.63 -11.31 1.88
CA CYS A 14 -2.31 -10.70 1.81
C CYS A 14 -2.45 -9.19 1.64
N ALA A 15 -3.28 -8.78 0.68
CA ALA A 15 -3.58 -7.36 0.46
C ALA A 15 -4.53 -6.83 1.53
N ALA A 16 -4.20 -7.09 2.78
CA ALA A 16 -5.00 -6.67 3.92
C ALA A 16 -4.14 -6.71 5.16
N HIS A 17 -3.36 -7.77 5.30
CA HIS A 17 -2.34 -7.82 6.34
C HIS A 17 -1.24 -6.82 6.01
N VAL A 18 -0.99 -6.66 4.71
CA VAL A 18 -0.09 -5.64 4.22
C VAL A 18 -0.67 -4.26 4.53
N LYS A 19 -1.99 -4.14 4.39
CA LYS A 19 -2.69 -2.91 4.75
C LYS A 19 -2.52 -2.63 6.24
N GLU A 20 -2.57 -3.69 7.05
CA GLU A 20 -2.35 -3.58 8.49
C GLU A 20 -0.95 -3.02 8.74
N ALA A 21 0.05 -3.66 8.14
CA ALA A 21 1.43 -3.21 8.25
C ALA A 21 1.60 -1.78 7.73
N LEU A 22 0.87 -1.47 6.65
CA LEU A 22 0.89 -0.13 6.08
C LEU A 22 0.30 0.88 7.06
N GLU A 23 -0.86 0.56 7.62
CA GLU A 23 -1.52 1.44 8.57
C GLU A 23 -0.82 1.42 9.93
N LYS A 24 0.15 0.53 10.08
CA LYS A 24 1.04 0.55 11.24
C LYS A 24 2.01 1.72 11.11
N VAL A 25 2.31 2.08 9.87
CA VAL A 25 3.18 3.21 9.59
C VAL A 25 2.43 4.53 9.85
N PRO A 26 3.06 5.46 10.57
CA PRO A 26 2.45 6.77 10.85
C PRO A 26 2.30 7.63 9.60
N GLY A 27 1.25 8.42 9.56
CA GLY A 27 0.95 9.20 8.38
C GLY A 27 -0.08 8.51 7.51
N VAL A 28 -0.33 7.25 7.80
CA VAL A 28 -1.31 6.48 7.07
C VAL A 28 -2.65 6.49 7.82
N GLN A 29 -3.65 7.14 7.24
CA GLN A 29 -4.94 7.26 7.89
C GLN A 29 -5.83 6.05 7.58
N SER A 30 -6.02 5.75 6.30
CA SER A 30 -6.84 4.60 5.90
C SER A 30 -6.41 4.09 4.52
N ALA A 31 -5.92 2.86 4.48
CA ALA A 31 -5.46 2.26 3.23
C ALA A 31 -6.54 1.39 2.60
N LEU A 32 -7.06 1.83 1.46
CA LEU A 32 -8.11 1.10 0.77
C LEU A 32 -7.52 0.39 -0.44
N VAL A 33 -7.14 -0.86 -0.25
CA VAL A 33 -6.55 -1.66 -1.31
C VAL A 33 -7.61 -2.49 -2.03
N SER A 34 -7.63 -2.39 -3.35
CA SER A 34 -8.51 -3.20 -4.16
C SER A 34 -7.77 -4.45 -4.65
N TYR A 35 -8.03 -5.58 -3.99
CA TYR A 35 -7.30 -6.81 -4.25
C TYR A 35 -7.38 -7.26 -5.71
N PRO A 36 -8.59 -7.44 -6.30
CA PRO A 36 -8.72 -7.96 -7.67
C PRO A 36 -8.37 -6.92 -8.73
N LYS A 37 -7.73 -5.84 -8.30
CA LYS A 37 -7.32 -4.78 -9.22
C LYS A 37 -5.87 -4.39 -8.96
N GLY A 38 -5.33 -4.89 -7.85
CA GLY A 38 -3.94 -4.62 -7.51
C GLY A 38 -3.66 -3.18 -7.18
N THR A 39 -4.71 -2.41 -6.91
CA THR A 39 -4.57 -0.98 -6.69
C THR A 39 -4.68 -0.64 -5.21
N ALA A 40 -3.80 0.21 -4.75
CA ALA A 40 -3.80 0.65 -3.36
C ALA A 40 -4.17 2.13 -3.26
N GLN A 41 -5.40 2.38 -2.85
CA GLN A 41 -5.87 3.75 -2.67
C GLN A 41 -5.83 4.12 -1.19
N LEU A 42 -4.65 4.46 -0.72
CA LEU A 42 -4.45 4.75 0.69
C LEU A 42 -4.58 6.24 0.95
N ALA A 43 -5.44 6.58 1.90
CA ALA A 43 -5.62 7.95 2.32
C ALA A 43 -4.56 8.30 3.34
N ILE A 44 -3.39 8.61 2.85
CA ILE A 44 -2.28 9.01 3.68
C ILE A 44 -2.25 10.53 3.83
N VAL A 45 -1.75 10.99 4.97
CA VAL A 45 -1.60 12.42 5.21
C VAL A 45 -0.39 12.92 4.41
N PRO A 46 -0.52 14.10 3.75
CA PRO A 46 0.50 14.65 2.84
C PRO A 46 1.91 14.75 3.43
N GLY A 47 2.03 14.58 4.75
CA GLY A 47 3.33 14.60 5.38
C GLY A 47 4.15 13.35 5.09
N THR A 48 3.46 12.27 4.75
CA THR A 48 4.13 11.02 4.41
C THR A 48 4.52 11.00 2.94
N SER A 49 4.99 9.86 2.48
CA SER A 49 5.48 9.76 1.13
C SER A 49 5.30 8.35 0.59
N PRO A 50 4.84 8.22 -0.66
CA PRO A 50 4.58 6.93 -1.32
C PRO A 50 5.79 6.01 -1.30
N ASP A 51 6.99 6.57 -1.32
CA ASP A 51 8.21 5.80 -1.23
C ASP A 51 8.23 4.96 0.04
N ALA A 52 7.62 5.49 1.09
CA ALA A 52 7.63 4.83 2.39
C ALA A 52 6.67 3.65 2.39
N LEU A 53 5.56 3.81 1.70
CA LEU A 53 4.53 2.78 1.64
C LEU A 53 4.99 1.65 0.73
N THR A 54 5.52 2.03 -0.42
CA THR A 54 6.09 1.07 -1.36
C THR A 54 7.21 0.29 -0.69
N ALA A 55 8.06 1.00 0.05
CA ALA A 55 9.16 0.39 0.77
C ALA A 55 8.65 -0.51 1.89
N ALA A 56 7.55 -0.12 2.51
CA ALA A 56 6.93 -0.93 3.55
C ALA A 56 6.41 -2.24 2.98
N VAL A 57 5.77 -2.17 1.82
CA VAL A 57 5.25 -3.36 1.15
C VAL A 57 6.40 -4.21 0.62
N ALA A 58 7.42 -3.55 0.07
CA ALA A 58 8.59 -4.25 -0.43
C ALA A 58 9.32 -4.94 0.71
N GLY A 59 9.47 -4.21 1.82
CA GLY A 59 10.11 -4.76 3.00
C GLY A 59 9.23 -5.74 3.73
N LEU A 60 7.94 -5.78 3.38
CA LEU A 60 7.03 -6.77 3.92
C LEU A 60 7.27 -8.14 3.29
N GLY A 61 8.19 -8.17 2.34
CA GLY A 61 8.51 -9.42 1.67
C GLY A 61 7.76 -9.56 0.36
N TYR A 62 7.00 -8.54 0.02
CA TYR A 62 6.21 -8.55 -1.20
C TYR A 62 6.67 -7.46 -2.14
N LYS A 63 5.98 -7.30 -3.26
CA LYS A 63 6.37 -6.31 -4.25
C LYS A 63 5.29 -5.25 -4.40
N ALA A 64 5.73 -4.02 -4.59
CA ALA A 64 4.82 -2.90 -4.83
C ALA A 64 5.48 -1.90 -5.76
N THR A 65 4.67 -1.17 -6.50
CA THR A 65 5.16 -0.15 -7.41
C THR A 65 4.34 1.12 -7.28
N LEU A 66 5.01 2.27 -7.31
CA LEU A 66 4.31 3.55 -7.28
C LEU A 66 3.58 3.77 -8.60
N ALA A 67 2.27 3.67 -8.58
CA ALA A 67 1.46 3.77 -9.78
C ALA A 67 0.07 4.28 -9.45
N ASP A 68 -0.19 5.52 -9.82
CA ASP A 68 -1.49 6.15 -9.57
C ASP A 68 -2.57 5.47 -10.39
N ALA A 69 -2.24 5.19 -11.65
CA ALA A 69 -3.16 4.51 -12.56
C ALA A 69 -2.38 3.92 -13.72
HG HG B . -3.51 -13.24 -2.15
N MET A 1 0.70 8.47 -7.29
CA MET A 1 0.55 9.76 -6.58
C MET A 1 0.13 9.51 -5.13
N THR A 2 -1.03 8.90 -4.95
CA THR A 2 -1.52 8.63 -3.61
C THR A 2 -1.96 7.17 -3.45
N HIS A 3 -1.76 6.36 -4.48
CA HIS A 3 -2.05 4.93 -4.35
C HIS A 3 -0.91 4.09 -4.91
N LEU A 4 -0.75 2.89 -4.36
CA LEU A 4 0.29 1.99 -4.76
C LEU A 4 -0.30 0.89 -5.63
N LYS A 5 0.52 0.29 -6.48
CA LYS A 5 0.08 -0.83 -7.27
C LYS A 5 0.82 -2.09 -6.82
N ILE A 6 0.08 -3.11 -6.44
CA ILE A 6 0.70 -4.32 -5.92
C ILE A 6 1.06 -5.27 -7.07
N THR A 7 2.22 -5.91 -6.96
CA THR A 7 2.73 -6.72 -8.04
C THR A 7 3.18 -8.10 -7.57
N GLY A 8 3.80 -8.15 -6.41
CA GLY A 8 4.33 -9.41 -5.90
C GLY A 8 3.24 -10.39 -5.50
N MET A 9 2.03 -9.87 -5.28
CA MET A 9 0.88 -10.66 -4.87
C MET A 9 -0.35 -9.79 -4.88
N THR A 10 -1.38 -10.20 -5.60
CA THR A 10 -2.48 -9.32 -5.94
C THR A 10 -3.76 -9.61 -5.16
N CYS A 11 -4.18 -10.87 -5.16
CA CYS A 11 -5.48 -11.29 -4.65
C CYS A 11 -5.74 -10.94 -3.17
N ASP A 12 -6.00 -11.95 -2.35
CA ASP A 12 -6.43 -11.74 -0.98
C ASP A 12 -5.27 -12.01 -0.03
N SER A 13 -5.45 -11.65 1.25
CA SER A 13 -4.42 -11.78 2.28
C SER A 13 -3.30 -10.77 2.07
N CYS A 14 -2.70 -10.79 0.89
CA CYS A 14 -1.67 -9.83 0.54
C CYS A 14 -2.24 -8.41 0.53
N ALA A 15 -3.34 -8.22 -0.21
CA ALA A 15 -4.03 -6.94 -0.24
C ALA A 15 -4.85 -6.73 1.04
N ALA A 16 -4.19 -6.94 2.17
CA ALA A 16 -4.80 -6.80 3.48
C ALA A 16 -3.72 -6.73 4.54
N HIS A 17 -2.80 -7.69 4.48
CA HIS A 17 -1.63 -7.67 5.36
C HIS A 17 -0.78 -6.44 5.07
N VAL A 18 -0.75 -6.07 3.79
CA VAL A 18 -0.06 -4.87 3.35
C VAL A 18 -0.79 -3.64 3.89
N LYS A 19 -2.11 -3.70 3.88
CA LYS A 19 -2.94 -2.63 4.42
C LYS A 19 -2.67 -2.47 5.91
N GLU A 20 -2.53 -3.60 6.61
CA GLU A 20 -2.22 -3.58 8.03
C GLU A 20 -0.84 -2.98 8.28
N ALA A 21 0.12 -3.41 7.46
CA ALA A 21 1.47 -2.88 7.53
C ALA A 21 1.47 -1.38 7.29
N LEU A 22 0.71 -0.95 6.30
CA LEU A 22 0.56 0.46 6.00
C LEU A 22 -0.13 1.18 7.14
N GLU A 23 -1.18 0.57 7.67
CA GLU A 23 -1.94 1.13 8.80
C GLU A 23 -1.04 1.31 10.03
N LYS A 24 -0.02 0.47 10.13
CA LYS A 24 0.93 0.55 11.23
C LYS A 24 1.87 1.76 11.07
N VAL A 25 1.95 2.27 9.84
CA VAL A 25 2.80 3.41 9.54
C VAL A 25 2.06 4.73 9.83
N PRO A 26 2.67 5.62 10.62
CA PRO A 26 2.08 6.92 10.96
C PRO A 26 1.84 7.80 9.73
N GLY A 27 0.74 8.54 9.75
CA GLY A 27 0.36 9.36 8.62
C GLY A 27 -0.55 8.62 7.69
N VAL A 28 -0.82 7.36 8.00
CA VAL A 28 -1.78 6.59 7.26
C VAL A 28 -3.13 6.65 7.98
N GLN A 29 -4.01 7.50 7.48
CA GLN A 29 -5.31 7.69 8.10
C GLN A 29 -6.23 6.52 7.76
N SER A 30 -6.23 6.11 6.50
CA SER A 30 -7.05 4.99 6.07
C SER A 30 -6.45 4.33 4.84
N ALA A 31 -6.85 3.10 4.58
CA ALA A 31 -6.39 2.37 3.40
C ALA A 31 -7.57 1.80 2.62
N LEU A 32 -7.40 1.71 1.32
CA LEU A 32 -8.43 1.16 0.44
C LEU A 32 -7.80 0.15 -0.51
N VAL A 33 -7.69 -1.08 -0.05
CA VAL A 33 -7.09 -2.13 -0.86
C VAL A 33 -8.16 -2.93 -1.58
N SER A 34 -7.98 -3.13 -2.87
CA SER A 34 -8.91 -3.91 -3.67
C SER A 34 -8.22 -5.17 -4.19
N TYR A 35 -8.56 -6.32 -3.61
CA TYR A 35 -7.93 -7.58 -3.96
C TYR A 35 -8.20 -7.99 -5.42
N PRO A 36 -9.47 -7.96 -5.89
CA PRO A 36 -9.80 -8.33 -7.28
C PRO A 36 -9.34 -7.30 -8.31
N LYS A 37 -8.46 -6.39 -7.89
CA LYS A 37 -7.92 -5.37 -8.77
C LYS A 37 -6.41 -5.26 -8.61
N GLY A 38 -5.96 -5.37 -7.37
CA GLY A 38 -4.55 -5.24 -7.08
C GLY A 38 -4.17 -3.80 -6.77
N THR A 39 -5.16 -3.01 -6.38
CA THR A 39 -4.95 -1.61 -6.10
C THR A 39 -4.80 -1.36 -4.61
N ALA A 40 -3.74 -0.65 -4.23
CA ALA A 40 -3.53 -0.28 -2.85
C ALA A 40 -3.71 1.21 -2.67
N GLN A 41 -4.96 1.65 -2.61
CA GLN A 41 -5.26 3.05 -2.40
C GLN A 41 -5.09 3.39 -0.93
N LEU A 42 -4.74 4.63 -0.65
CA LEU A 42 -4.43 5.02 0.71
C LEU A 42 -4.76 6.47 0.98
N ALA A 43 -5.24 6.73 2.18
CA ALA A 43 -5.47 8.08 2.64
C ALA A 43 -4.36 8.47 3.60
N ILE A 44 -3.23 8.85 3.03
CA ILE A 44 -2.07 9.23 3.81
C ILE A 44 -2.04 10.74 4.04
N VAL A 45 -0.89 11.25 4.47
CA VAL A 45 -0.72 12.67 4.77
C VAL A 45 0.78 13.01 4.75
N PRO A 46 1.14 14.24 4.36
CA PRO A 46 2.54 14.72 4.33
C PRO A 46 3.35 14.23 5.52
N GLY A 47 4.38 13.47 5.23
CA GLY A 47 5.18 12.85 6.25
C GLY A 47 5.43 11.40 5.92
N THR A 48 4.40 10.74 5.44
CA THR A 48 4.53 9.38 4.94
C THR A 48 4.99 9.40 3.50
N SER A 49 6.30 9.27 3.34
CA SER A 49 6.92 9.33 2.05
C SER A 49 6.46 8.18 1.16
N PRO A 50 6.21 8.44 -0.14
CA PRO A 50 5.80 7.40 -1.08
C PRO A 50 6.84 6.30 -1.19
N ASP A 51 8.10 6.67 -1.07
CA ASP A 51 9.18 5.69 -1.06
C ASP A 51 9.06 4.82 0.18
N ALA A 52 8.52 5.40 1.24
CA ALA A 52 8.42 4.70 2.52
C ALA A 52 7.29 3.68 2.47
N LEU A 53 6.24 4.01 1.74
CA LEU A 53 5.08 3.14 1.59
C LEU A 53 5.46 1.95 0.74
N THR A 54 5.99 2.25 -0.44
CA THR A 54 6.46 1.23 -1.36
C THR A 54 7.48 0.32 -0.68
N ALA A 55 8.41 0.93 0.05
CA ALA A 55 9.43 0.19 0.77
C ALA A 55 8.81 -0.64 1.89
N ALA A 56 7.76 -0.11 2.52
CA ALA A 56 7.07 -0.84 3.58
C ALA A 56 6.40 -2.09 3.02
N VAL A 57 5.90 -1.99 1.81
CA VAL A 57 5.30 -3.13 1.13
C VAL A 57 6.39 -4.09 0.67
N ALA A 58 7.48 -3.53 0.15
CA ALA A 58 8.61 -4.34 -0.30
C ALA A 58 9.24 -5.07 0.90
N GLY A 59 9.36 -4.33 2.00
CA GLY A 59 9.91 -4.89 3.22
C GLY A 59 8.95 -5.81 3.92
N LEU A 60 7.69 -5.77 3.52
CA LEU A 60 6.69 -6.71 4.03
C LEU A 60 6.84 -8.08 3.38
N GLY A 61 7.82 -8.19 2.48
CA GLY A 61 8.04 -9.45 1.80
C GLY A 61 7.29 -9.52 0.50
N TYR A 62 6.59 -8.45 0.17
CA TYR A 62 5.81 -8.38 -1.04
C TYR A 62 6.47 -7.44 -2.03
N LYS A 63 5.75 -7.04 -3.07
CA LYS A 63 6.28 -6.12 -4.05
C LYS A 63 5.18 -5.19 -4.55
N ALA A 64 5.44 -3.90 -4.49
CA ALA A 64 4.52 -2.90 -5.01
C ALA A 64 5.29 -1.83 -5.76
N THR A 65 4.57 -1.02 -6.52
CA THR A 65 5.18 0.06 -7.28
C THR A 65 4.34 1.34 -7.16
N LEU A 66 5.01 2.48 -7.08
CA LEU A 66 4.32 3.76 -7.02
C LEU A 66 3.78 4.12 -8.39
N ALA A 67 2.49 3.95 -8.57
CA ALA A 67 1.83 4.21 -9.84
C ALA A 67 0.36 4.50 -9.60
N ASP A 68 -0.03 5.74 -9.82
CA ASP A 68 -1.42 6.14 -9.63
C ASP A 68 -2.29 5.73 -10.82
N ALA A 69 -3.48 6.31 -10.87
CA ALA A 69 -4.45 6.05 -11.94
C ALA A 69 -4.97 4.61 -11.88
HG HG B . -2.76 -12.77 -3.09
N MET A 1 -5.65 9.71 -3.38
CA MET A 1 -4.32 10.19 -2.93
C MET A 1 -3.23 9.20 -3.31
N THR A 2 -2.80 8.39 -2.34
CA THR A 2 -1.69 7.48 -2.55
C THR A 2 -2.13 6.20 -3.26
N HIS A 3 -1.90 6.15 -4.56
CA HIS A 3 -2.23 4.97 -5.34
C HIS A 3 -0.96 4.19 -5.70
N LEU A 4 -0.90 2.96 -5.28
CA LEU A 4 0.23 2.09 -5.64
C LEU A 4 -0.27 0.72 -6.05
N LYS A 5 0.47 0.08 -6.94
CA LYS A 5 0.11 -1.23 -7.45
C LYS A 5 0.81 -2.33 -6.64
N ILE A 6 0.07 -3.38 -6.32
CA ILE A 6 0.62 -4.50 -5.58
C ILE A 6 1.06 -5.60 -6.55
N THR A 7 2.18 -6.24 -6.24
CA THR A 7 2.74 -7.25 -7.11
C THR A 7 3.31 -8.40 -6.30
N GLY A 8 3.05 -9.61 -6.74
CA GLY A 8 3.56 -10.77 -6.06
C GLY A 8 2.45 -11.57 -5.42
N MET A 9 1.59 -10.87 -4.71
CA MET A 9 0.46 -11.48 -4.03
C MET A 9 -0.62 -10.44 -3.82
N THR A 10 -1.60 -10.43 -4.71
CA THR A 10 -2.58 -9.35 -4.76
C THR A 10 -3.89 -9.69 -4.03
N CYS A 11 -4.10 -10.98 -3.75
CA CYS A 11 -5.33 -11.45 -3.10
C CYS A 11 -5.60 -10.73 -1.76
N ASP A 12 -6.88 -10.76 -1.35
CA ASP A 12 -7.40 -9.98 -0.23
C ASP A 12 -6.54 -10.08 1.03
N SER A 13 -6.20 -11.30 1.44
CA SER A 13 -5.44 -11.53 2.67
C SER A 13 -4.13 -10.74 2.68
N CYS A 14 -3.39 -10.84 1.59
CA CYS A 14 -2.13 -10.13 1.46
C CYS A 14 -2.38 -8.65 1.23
N ALA A 15 -3.39 -8.34 0.42
CA ALA A 15 -3.81 -6.96 0.17
C ALA A 15 -4.61 -6.41 1.37
N ALA A 16 -4.10 -6.70 2.56
CA ALA A 16 -4.73 -6.29 3.80
C ALA A 16 -3.72 -6.37 4.92
N HIS A 17 -2.80 -7.33 4.81
CA HIS A 17 -1.64 -7.35 5.68
C HIS A 17 -0.75 -6.14 5.37
N VAL A 18 -0.75 -5.76 4.09
CA VAL A 18 -0.11 -4.54 3.65
C VAL A 18 -0.78 -3.34 4.31
N LYS A 19 -2.10 -3.38 4.36
CA LYS A 19 -2.87 -2.34 5.02
C LYS A 19 -2.56 -2.31 6.51
N GLU A 20 -2.39 -3.49 7.09
CA GLU A 20 -2.01 -3.62 8.49
C GLU A 20 -0.67 -2.94 8.74
N ALA A 21 0.30 -3.24 7.88
CA ALA A 21 1.62 -2.63 7.97
C ALA A 21 1.53 -1.11 7.81
N LEU A 22 0.71 -0.67 6.87
CA LEU A 22 0.48 0.75 6.65
C LEU A 22 -0.22 1.38 7.85
N GLU A 23 -1.12 0.61 8.47
CA GLU A 23 -1.83 1.06 9.66
C GLU A 23 -0.88 1.13 10.85
N LYS A 24 0.22 0.37 10.75
CA LYS A 24 1.27 0.43 11.76
C LYS A 24 2.06 1.73 11.63
N VAL A 25 1.95 2.36 10.46
CA VAL A 25 2.57 3.66 10.24
C VAL A 25 1.64 4.75 10.77
N PRO A 26 2.15 5.60 11.69
CA PRO A 26 1.34 6.62 12.33
C PRO A 26 1.15 7.87 11.47
N GLY A 27 0.87 7.64 10.20
CA GLY A 27 0.56 8.73 9.29
C GLY A 27 -0.54 8.32 8.34
N VAL A 28 -1.26 7.29 8.75
CA VAL A 28 -2.29 6.68 7.93
C VAL A 28 -3.67 7.26 8.24
N GLN A 29 -4.57 7.17 7.27
CA GLN A 29 -5.96 7.56 7.46
C GLN A 29 -6.87 6.49 6.90
N SER A 30 -6.51 6.00 5.72
CA SER A 30 -7.25 4.93 5.05
C SER A 30 -6.31 4.16 4.13
N ALA A 31 -6.64 2.90 3.86
CA ALA A 31 -5.81 2.06 2.99
C ALA A 31 -6.66 1.00 2.30
N LEU A 32 -7.29 1.38 1.21
CA LEU A 32 -8.19 0.47 0.49
C LEU A 32 -7.44 -0.30 -0.59
N VAL A 33 -6.72 -1.32 -0.18
CA VAL A 33 -6.02 -2.19 -1.11
C VAL A 33 -7.00 -3.22 -1.68
N SER A 34 -7.32 -3.08 -2.96
CA SER A 34 -8.30 -3.93 -3.59
C SER A 34 -7.65 -5.02 -4.44
N TYR A 35 -7.96 -6.27 -4.11
CA TYR A 35 -7.46 -7.43 -4.85
C TYR A 35 -8.06 -7.51 -6.27
N PRO A 36 -9.39 -7.29 -6.47
CA PRO A 36 -10.01 -7.37 -7.81
C PRO A 36 -9.56 -6.25 -8.75
N LYS A 37 -8.56 -5.50 -8.33
CA LYS A 37 -8.00 -4.44 -9.15
C LYS A 37 -6.48 -4.44 -9.06
N GLY A 38 -5.97 -4.80 -7.90
CA GLY A 38 -4.53 -4.81 -7.69
C GLY A 38 -4.02 -3.45 -7.29
N THR A 39 -4.92 -2.60 -6.82
CA THR A 39 -4.60 -1.23 -6.52
C THR A 39 -4.76 -0.92 -5.04
N ALA A 40 -3.71 -0.37 -4.44
CA ALA A 40 -3.80 0.10 -3.08
C ALA A 40 -4.24 1.55 -3.06
N GLN A 41 -5.50 1.77 -2.73
CA GLN A 41 -6.04 3.12 -2.59
C GLN A 41 -5.76 3.63 -1.19
N LEU A 42 -4.56 4.13 -0.99
CA LEU A 42 -4.15 4.58 0.32
C LEU A 42 -4.41 6.06 0.50
N ALA A 43 -4.65 6.44 1.74
CA ALA A 43 -4.84 7.82 2.09
C ALA A 43 -4.00 8.15 3.31
N ILE A 44 -2.72 8.37 3.08
CA ILE A 44 -1.81 8.77 4.14
C ILE A 44 -1.75 10.29 4.23
N VAL A 45 -1.22 10.79 5.34
CA VAL A 45 -1.09 12.23 5.53
C VAL A 45 0.00 12.81 4.61
N PRO A 46 -0.27 13.99 4.01
CA PRO A 46 0.70 14.71 3.19
C PRO A 46 1.98 15.03 3.97
N GLY A 47 3.00 14.22 3.73
CA GLY A 47 4.25 14.34 4.46
C GLY A 47 4.99 13.02 4.47
N THR A 48 4.22 11.95 4.38
CA THR A 48 4.78 10.63 4.23
C THR A 48 5.14 10.38 2.77
N SER A 49 6.38 10.02 2.51
CA SER A 49 6.86 9.84 1.16
C SER A 49 6.34 8.52 0.58
N PRO A 50 5.90 8.54 -0.69
CA PRO A 50 5.34 7.36 -1.36
C PRO A 50 6.31 6.20 -1.41
N ASP A 51 7.60 6.51 -1.49
CA ASP A 51 8.64 5.49 -1.54
C ASP A 51 8.69 4.73 -0.23
N ALA A 52 8.18 5.35 0.84
CA ALA A 52 8.19 4.71 2.15
C ALA A 52 7.11 3.64 2.21
N LEU A 53 6.03 3.89 1.49
CA LEU A 53 4.91 2.95 1.44
C LEU A 53 5.32 1.74 0.60
N THR A 54 5.90 2.04 -0.55
CA THR A 54 6.40 1.00 -1.44
C THR A 54 7.48 0.19 -0.76
N ALA A 55 8.34 0.87 -0.03
CA ALA A 55 9.40 0.22 0.74
C ALA A 55 8.82 -0.64 1.84
N ALA A 56 7.76 -0.16 2.47
CA ALA A 56 7.08 -0.91 3.50
C ALA A 56 6.51 -2.20 2.94
N VAL A 57 5.92 -2.12 1.75
CA VAL A 57 5.37 -3.29 1.09
C VAL A 57 6.49 -4.21 0.60
N ALA A 58 7.51 -3.62 0.00
CA ALA A 58 8.65 -4.39 -0.49
C ALA A 58 9.35 -5.11 0.66
N GLY A 59 9.57 -4.37 1.74
CA GLY A 59 10.21 -4.92 2.92
C GLY A 59 9.32 -5.89 3.67
N LEU A 60 8.02 -5.81 3.40
CA LEU A 60 7.06 -6.73 4.01
C LEU A 60 7.19 -8.12 3.41
N GLY A 61 7.76 -8.18 2.21
CA GLY A 61 7.94 -9.45 1.54
C GLY A 61 7.28 -9.46 0.19
N TYR A 62 6.40 -8.51 -0.03
CA TYR A 62 5.70 -8.38 -1.30
C TYR A 62 6.39 -7.34 -2.17
N LYS A 63 5.83 -7.09 -3.34
CA LYS A 63 6.36 -6.08 -4.23
C LYS A 63 5.30 -5.03 -4.50
N ALA A 64 5.72 -3.78 -4.59
CA ALA A 64 4.81 -2.71 -4.91
C ALA A 64 5.41 -1.76 -5.92
N THR A 65 4.56 -1.02 -6.62
CA THR A 65 5.02 -0.03 -7.58
C THR A 65 4.11 1.19 -7.52
N LEU A 66 4.71 2.37 -7.39
CA LEU A 66 3.93 3.60 -7.31
C LEU A 66 3.22 3.87 -8.62
N ALA A 67 1.92 4.04 -8.55
CA ALA A 67 1.11 4.32 -9.72
C ALA A 67 -0.02 5.26 -9.35
N ASP A 68 0.35 6.49 -9.02
CA ASP A 68 -0.60 7.47 -8.50
C ASP A 68 -1.59 7.90 -9.58
N ALA A 69 -2.85 7.93 -9.20
CA ALA A 69 -3.94 8.30 -10.09
C ALA A 69 -5.22 8.41 -9.27
HG HG B . -2.80 -13.13 -1.84
N MET A 1 0.29 8.74 -8.98
CA MET A 1 0.57 9.82 -8.01
C MET A 1 0.75 9.25 -6.61
N THR A 2 -0.26 9.43 -5.76
CA THR A 2 -0.16 9.00 -4.37
C THR A 2 -0.85 7.67 -4.12
N HIS A 3 -1.08 6.91 -5.19
CA HIS A 3 -1.67 5.59 -5.06
C HIS A 3 -0.74 4.57 -5.70
N LEU A 4 -0.62 3.40 -5.10
CA LEU A 4 0.33 2.42 -5.57
C LEU A 4 -0.36 1.14 -6.00
N LYS A 5 0.34 0.35 -6.79
CA LYS A 5 -0.12 -0.95 -7.19
C LYS A 5 0.62 -2.01 -6.40
N ILE A 6 -0.14 -2.93 -5.81
CA ILE A 6 0.46 -4.00 -5.04
C ILE A 6 1.07 -5.02 -5.99
N THR A 7 2.19 -5.59 -5.58
CA THR A 7 2.90 -6.53 -6.40
C THR A 7 3.53 -7.59 -5.51
N GLY A 8 3.97 -8.68 -6.10
CA GLY A 8 4.50 -9.76 -5.29
C GLY A 8 3.44 -10.80 -4.99
N MET A 9 2.18 -10.38 -5.07
CA MET A 9 1.04 -11.26 -4.86
C MET A 9 -0.17 -10.71 -5.59
N THR A 10 -1.29 -11.43 -5.56
CA THR A 10 -2.36 -11.17 -6.52
C THR A 10 -3.78 -11.13 -5.95
N CYS A 11 -3.96 -10.98 -4.63
CA CYS A 11 -5.33 -11.06 -4.08
C CYS A 11 -5.42 -10.80 -2.57
N ASP A 12 -6.59 -11.21 -2.03
CA ASP A 12 -7.13 -10.79 -0.73
C ASP A 12 -6.13 -10.80 0.42
N SER A 13 -5.70 -11.98 0.86
CA SER A 13 -4.94 -12.13 2.09
C SER A 13 -3.71 -11.21 2.11
N CYS A 14 -3.05 -11.11 0.99
CA CYS A 14 -1.88 -10.27 0.85
C CYS A 14 -2.29 -8.80 0.84
N ALA A 15 -3.30 -8.47 0.05
CA ALA A 15 -3.83 -7.12 -0.01
C ALA A 15 -4.70 -6.81 1.20
N ALA A 16 -4.18 -7.12 2.38
CA ALA A 16 -4.89 -6.92 3.64
C ALA A 16 -3.89 -6.94 4.79
N HIS A 17 -3.03 -7.95 4.80
CA HIS A 17 -1.92 -7.97 5.73
C HIS A 17 -1.00 -6.79 5.46
N VAL A 18 -0.89 -6.46 4.17
CA VAL A 18 -0.13 -5.30 3.73
C VAL A 18 -0.77 -4.02 4.27
N LYS A 19 -2.10 -3.95 4.17
CA LYS A 19 -2.84 -2.80 4.66
C LYS A 19 -2.67 -2.67 6.18
N GLU A 20 -2.66 -3.82 6.86
CA GLU A 20 -2.44 -3.86 8.29
C GLU A 20 -1.09 -3.25 8.64
N ALA A 21 -0.04 -3.78 8.03
CA ALA A 21 1.32 -3.31 8.28
C ALA A 21 1.49 -1.86 7.82
N LEU A 22 0.82 -1.50 6.73
CA LEU A 22 0.86 -0.14 6.21
C LEU A 22 0.20 0.82 7.19
N GLU A 23 -0.97 0.42 7.71
CA GLU A 23 -1.69 1.24 8.67
C GLU A 23 -1.00 1.21 10.03
N LYS A 24 -0.05 0.30 10.18
CA LYS A 24 0.82 0.30 11.36
C LYS A 24 1.83 1.45 11.25
N VAL A 25 2.14 1.85 10.02
CA VAL A 25 3.08 2.93 9.76
C VAL A 25 2.38 4.29 9.91
N PRO A 26 2.97 5.22 10.69
CA PRO A 26 2.40 6.54 10.92
C PRO A 26 2.42 7.40 9.66
N GLY A 27 1.36 8.16 9.45
CA GLY A 27 1.20 8.93 8.24
C GLY A 27 0.09 8.35 7.39
N VAL A 28 -0.13 7.06 7.57
CA VAL A 28 -1.20 6.35 6.88
C VAL A 28 -2.50 6.48 7.67
N GLN A 29 -3.43 7.28 7.16
CA GLN A 29 -4.71 7.46 7.83
C GLN A 29 -5.69 6.39 7.39
N SER A 30 -5.65 6.02 6.12
CA SER A 30 -6.51 4.98 5.58
C SER A 30 -5.85 4.34 4.35
N ALA A 31 -6.18 3.09 4.08
CA ALA A 31 -5.65 2.39 2.92
C ALA A 31 -6.73 1.56 2.25
N LEU A 32 -7.36 2.12 1.22
CA LEU A 32 -8.41 1.41 0.50
C LEU A 32 -7.80 0.50 -0.56
N VAL A 33 -7.33 -0.65 -0.12
CA VAL A 33 -6.73 -1.63 -1.01
C VAL A 33 -7.80 -2.43 -1.72
N SER A 34 -7.54 -2.79 -2.97
CA SER A 34 -8.47 -3.59 -3.76
C SER A 34 -7.78 -4.88 -4.20
N TYR A 35 -8.19 -5.99 -3.61
CA TYR A 35 -7.56 -7.29 -3.86
C TYR A 35 -7.60 -7.69 -5.33
N PRO A 36 -8.79 -7.76 -5.97
CA PRO A 36 -8.94 -8.27 -7.34
C PRO A 36 -8.46 -7.28 -8.41
N LYS A 37 -7.33 -6.65 -8.15
CA LYS A 37 -6.71 -5.74 -9.10
C LYS A 37 -5.29 -5.40 -8.65
N GLY A 38 -5.10 -5.36 -7.34
CA GLY A 38 -3.81 -5.01 -6.79
C GLY A 38 -3.65 -3.51 -6.64
N THR A 39 -4.74 -2.85 -6.32
CA THR A 39 -4.74 -1.40 -6.18
C THR A 39 -4.68 -0.99 -4.72
N ALA A 40 -4.00 0.12 -4.45
CA ALA A 40 -3.89 0.65 -3.10
C ALA A 40 -4.23 2.14 -3.11
N GLN A 41 -5.50 2.44 -2.87
CA GLN A 41 -5.97 3.81 -2.81
C GLN A 41 -5.88 4.31 -1.37
N LEU A 42 -4.68 4.72 -1.00
CA LEU A 42 -4.41 5.13 0.38
C LEU A 42 -4.69 6.60 0.60
N ALA A 43 -5.15 6.91 1.80
CA ALA A 43 -5.35 8.28 2.23
C ALA A 43 -4.27 8.63 3.25
N ILE A 44 -3.09 8.96 2.75
CA ILE A 44 -1.97 9.29 3.61
C ILE A 44 -1.91 10.79 3.89
N VAL A 45 -1.21 11.15 4.95
CA VAL A 45 -1.00 12.53 5.30
C VAL A 45 0.02 13.18 4.34
N PRO A 46 -0.04 14.50 4.13
CA PRO A 46 0.86 15.20 3.19
C PRO A 46 2.34 15.02 3.53
N GLY A 47 2.63 14.74 4.79
CA GLY A 47 4.00 14.55 5.23
C GLY A 47 4.56 13.18 4.86
N THR A 48 3.69 12.28 4.42
CA THR A 48 4.11 10.96 4.02
C THR A 48 4.55 10.96 2.56
N SER A 49 5.05 9.82 2.12
CA SER A 49 5.59 9.71 0.78
C SER A 49 5.43 8.28 0.27
N PRO A 50 5.10 8.12 -1.02
CA PRO A 50 4.82 6.81 -1.61
C PRO A 50 6.00 5.85 -1.52
N ASP A 51 7.21 6.40 -1.47
CA ASP A 51 8.40 5.58 -1.33
C ASP A 51 8.39 4.82 -0.01
N ALA A 52 7.72 5.39 0.98
CA ALA A 52 7.67 4.80 2.31
C ALA A 52 6.72 3.61 2.31
N LEU A 53 5.64 3.75 1.56
CA LEU A 53 4.63 2.71 1.47
C LEU A 53 5.16 1.58 0.61
N THR A 54 5.77 1.97 -0.51
CA THR A 54 6.41 1.02 -1.40
C THR A 54 7.48 0.24 -0.65
N ALA A 55 8.27 0.95 0.15
CA ALA A 55 9.35 0.34 0.94
C ALA A 55 8.77 -0.57 2.02
N ALA A 56 7.65 -0.15 2.60
CA ALA A 56 6.99 -0.95 3.62
C ALA A 56 6.48 -2.26 3.05
N VAL A 57 5.82 -2.19 1.90
CA VAL A 57 5.31 -3.39 1.25
C VAL A 57 6.45 -4.22 0.70
N ALA A 58 7.51 -3.55 0.23
CA ALA A 58 8.70 -4.24 -0.25
C ALA A 58 9.37 -4.99 0.89
N GLY A 59 9.39 -4.36 2.07
CA GLY A 59 9.95 -4.98 3.25
C GLY A 59 8.99 -5.98 3.87
N LEU A 60 7.72 -5.90 3.48
CA LEU A 60 6.70 -6.82 3.96
C LEU A 60 6.86 -8.21 3.35
N GLY A 61 7.73 -8.31 2.34
CA GLY A 61 7.94 -9.56 1.67
C GLY A 61 7.31 -9.57 0.29
N TYR A 62 6.62 -8.49 -0.03
CA TYR A 62 6.00 -8.32 -1.33
C TYR A 62 6.64 -7.12 -2.01
N LYS A 63 5.86 -6.38 -2.77
CA LYS A 63 6.34 -5.18 -3.43
C LYS A 63 5.20 -4.21 -3.69
N ALA A 64 5.50 -2.94 -3.71
CA ALA A 64 4.51 -1.94 -4.07
C ALA A 64 5.06 -1.02 -5.14
N THR A 65 4.30 -0.84 -6.20
CA THR A 65 4.72 0.02 -7.29
C THR A 65 3.71 1.14 -7.49
N LEU A 66 4.06 2.32 -7.04
CA LEU A 66 3.17 3.48 -7.15
C LEU A 66 3.01 3.91 -8.61
N ALA A 67 1.83 3.67 -9.16
CA ALA A 67 1.53 4.04 -10.54
C ALA A 67 0.08 4.46 -10.66
N ASP A 68 -0.54 4.69 -9.50
CA ASP A 68 -1.95 5.06 -9.40
C ASP A 68 -2.87 4.11 -10.18
N ALA A 69 -3.37 3.08 -9.49
CA ALA A 69 -4.28 2.09 -10.07
C ALA A 69 -3.60 1.24 -11.14
HG HG B . -3.25 -13.05 -2.67
N MET A 1 1.36 10.73 -0.29
CA MET A 1 1.08 10.84 -1.74
C MET A 1 -0.32 10.30 -2.05
N THR A 2 -0.38 9.12 -2.65
CA THR A 2 -1.65 8.55 -3.08
C THR A 2 -1.65 7.03 -2.90
N HIS A 3 -2.38 6.33 -3.76
CA HIS A 3 -2.49 4.88 -3.66
C HIS A 3 -1.32 4.18 -4.35
N LEU A 4 -1.14 2.90 -4.06
CA LEU A 4 -0.06 2.13 -4.65
C LEU A 4 -0.59 0.83 -5.23
N LYS A 5 0.20 0.20 -6.09
CA LYS A 5 -0.20 -1.05 -6.72
C LYS A 5 0.71 -2.20 -6.27
N ILE A 6 0.11 -3.27 -5.79
CA ILE A 6 0.86 -4.43 -5.33
C ILE A 6 1.23 -5.31 -6.53
N THR A 7 2.44 -5.86 -6.51
CA THR A 7 2.95 -6.58 -7.66
C THR A 7 3.26 -8.04 -7.34
N GLY A 8 3.81 -8.27 -6.15
CA GLY A 8 4.19 -9.62 -5.77
C GLY A 8 3.01 -10.55 -5.62
N MET A 9 1.84 -9.95 -5.36
CA MET A 9 0.60 -10.70 -5.17
C MET A 9 -0.55 -9.74 -5.02
N THR A 10 -1.29 -9.57 -6.11
CA THR A 10 -2.40 -8.63 -6.16
C THR A 10 -3.61 -9.17 -5.39
N CYS A 11 -3.67 -10.50 -5.29
CA CYS A 11 -4.78 -11.21 -4.68
C CYS A 11 -5.06 -10.79 -3.24
N ASP A 12 -6.29 -11.08 -2.81
CA ASP A 12 -6.79 -10.74 -1.48
C ASP A 12 -6.04 -11.52 -0.40
N SER A 13 -6.19 -11.08 0.86
CA SER A 13 -5.50 -11.64 2.03
C SER A 13 -4.08 -11.06 2.10
N CYS A 14 -3.33 -11.23 1.02
CA CYS A 14 -2.07 -10.54 0.88
C CYS A 14 -2.33 -9.04 0.77
N ALA A 15 -3.29 -8.69 -0.08
CA ALA A 15 -3.78 -7.32 -0.18
C ALA A 15 -4.69 -7.00 1.01
N ALA A 16 -4.14 -7.12 2.20
CA ALA A 16 -4.84 -6.81 3.44
C ALA A 16 -3.82 -6.67 4.56
N HIS A 17 -2.91 -7.63 4.63
CA HIS A 17 -1.79 -7.53 5.55
C HIS A 17 -0.92 -6.33 5.19
N VAL A 18 -0.92 -6.00 3.91
CA VAL A 18 -0.24 -4.81 3.40
C VAL A 18 -0.92 -3.58 3.95
N LYS A 19 -2.26 -3.59 3.92
CA LYS A 19 -3.06 -2.51 4.46
C LYS A 19 -2.75 -2.32 5.94
N GLU A 20 -2.70 -3.43 6.67
CA GLU A 20 -2.42 -3.39 8.09
C GLU A 20 -1.03 -2.82 8.36
N ALA A 21 -0.04 -3.38 7.68
CA ALA A 21 1.34 -2.92 7.81
C ALA A 21 1.46 -1.43 7.50
N LEU A 22 0.77 -1.01 6.44
CA LEU A 22 0.80 0.39 6.02
C LEU A 22 0.13 1.27 7.07
N GLU A 23 -1.04 0.86 7.54
CA GLU A 23 -1.80 1.62 8.53
C GLU A 23 -1.06 1.66 9.87
N LYS A 24 -0.16 0.71 10.07
CA LYS A 24 0.69 0.70 11.26
C LYS A 24 1.76 1.77 11.16
N VAL A 25 2.04 2.21 9.94
CA VAL A 25 3.03 3.24 9.69
C VAL A 25 2.41 4.63 9.85
N PRO A 26 3.02 5.49 10.66
CA PRO A 26 2.54 6.86 10.86
C PRO A 26 2.51 7.67 9.57
N GLY A 27 1.50 8.52 9.44
CA GLY A 27 1.30 9.25 8.21
C GLY A 27 0.16 8.65 7.40
N VAL A 28 -0.14 7.40 7.71
CA VAL A 28 -1.20 6.67 7.04
C VAL A 28 -2.49 6.77 7.85
N GLN A 29 -3.57 7.16 7.20
CA GLN A 29 -4.87 7.23 7.86
C GLN A 29 -5.64 5.94 7.65
N SER A 30 -5.77 5.52 6.40
CA SER A 30 -6.44 4.26 6.08
C SER A 30 -6.00 3.75 4.71
N ALA A 31 -6.17 2.45 4.49
CA ALA A 31 -5.87 1.86 3.20
C ALA A 31 -7.03 1.00 2.72
N LEU A 32 -7.55 1.32 1.54
CA LEU A 32 -8.63 0.56 0.94
C LEU A 32 -8.08 -0.38 -0.12
N VAL A 33 -7.65 -1.55 0.32
CA VAL A 33 -7.03 -2.52 -0.56
C VAL A 33 -8.08 -3.33 -1.32
N SER A 34 -7.91 -3.43 -2.63
CA SER A 34 -8.83 -4.21 -3.46
C SER A 34 -8.06 -5.03 -4.49
N TYR A 35 -8.15 -6.36 -4.35
CA TYR A 35 -7.47 -7.28 -5.25
C TYR A 35 -7.99 -7.21 -6.71
N PRO A 36 -9.33 -7.10 -6.96
CA PRO A 36 -9.86 -7.03 -8.33
C PRO A 36 -9.09 -6.05 -9.23
N LYS A 37 -8.71 -4.90 -8.69
CA LYS A 37 -7.93 -3.92 -9.44
C LYS A 37 -6.43 -4.07 -9.15
N GLY A 38 -6.11 -4.67 -8.02
CA GLY A 38 -4.72 -4.86 -7.65
C GLY A 38 -4.11 -3.63 -7.02
N THR A 39 -4.97 -2.74 -6.56
CA THR A 39 -4.51 -1.47 -6.03
C THR A 39 -4.88 -1.30 -4.55
N ALA A 40 -4.03 -0.60 -3.83
CA ALA A 40 -4.30 -0.26 -2.45
C ALA A 40 -4.64 1.22 -2.35
N GLN A 41 -5.94 1.52 -2.26
CA GLN A 41 -6.40 2.91 -2.22
C GLN A 41 -6.09 3.52 -0.86
N LEU A 42 -4.93 4.14 -0.76
CA LEU A 42 -4.44 4.61 0.52
C LEU A 42 -4.78 6.07 0.76
N ALA A 43 -5.29 6.33 1.95
CA ALA A 43 -5.55 7.68 2.41
C ALA A 43 -4.44 8.10 3.34
N ILE A 44 -3.36 8.57 2.76
CA ILE A 44 -2.21 9.05 3.50
C ILE A 44 -2.26 10.57 3.64
N VAL A 45 -1.60 11.09 4.65
CA VAL A 45 -1.51 12.52 4.85
C VAL A 45 -0.68 13.16 3.73
N PRO A 46 -1.15 14.29 3.16
CA PRO A 46 -0.40 15.05 2.15
C PRO A 46 1.08 15.13 2.47
N GLY A 47 1.89 14.70 1.52
CA GLY A 47 3.29 14.49 1.78
C GLY A 47 3.57 13.00 1.86
N THR A 48 4.32 12.59 2.88
CA THR A 48 4.66 11.18 3.07
C THR A 48 5.33 10.59 1.84
N SER A 49 6.64 10.42 1.93
CA SER A 49 7.44 9.97 0.82
C SER A 49 6.89 8.66 0.25
N PRO A 50 6.61 8.63 -1.06
CA PRO A 50 6.05 7.44 -1.71
C PRO A 50 7.01 6.25 -1.63
N ASP A 51 8.29 6.55 -1.62
CA ASP A 51 9.31 5.52 -1.50
C ASP A 51 9.22 4.83 -0.14
N ALA A 52 8.63 5.52 0.83
CA ALA A 52 8.52 4.99 2.19
C ALA A 52 7.44 3.93 2.24
N LEU A 53 6.35 4.17 1.55
CA LEU A 53 5.22 3.25 1.51
C LEU A 53 5.63 2.01 0.74
N THR A 54 6.20 2.22 -0.44
CA THR A 54 6.70 1.15 -1.28
C THR A 54 7.74 0.32 -0.51
N ALA A 55 8.61 1.01 0.22
CA ALA A 55 9.64 0.34 1.02
C ALA A 55 9.02 -0.45 2.16
N ALA A 56 7.93 0.06 2.71
CA ALA A 56 7.22 -0.63 3.78
C ALA A 56 6.62 -1.93 3.26
N VAL A 57 6.03 -1.87 2.08
CA VAL A 57 5.45 -3.05 1.47
C VAL A 57 6.56 -4.00 1.00
N ALA A 58 7.58 -3.43 0.37
CA ALA A 58 8.70 -4.22 -0.13
C ALA A 58 9.42 -4.90 1.03
N GLY A 59 9.54 -4.18 2.14
CA GLY A 59 10.15 -4.72 3.34
C GLY A 59 9.25 -5.73 4.03
N LEU A 60 7.95 -5.63 3.77
CA LEU A 60 6.99 -6.59 4.29
C LEU A 60 7.11 -7.91 3.53
N GLY A 61 7.68 -7.84 2.34
CA GLY A 61 7.90 -9.04 1.55
C GLY A 61 7.12 -9.00 0.26
N TYR A 62 6.09 -8.19 0.23
CA TYR A 62 5.25 -8.07 -0.96
C TYR A 62 5.83 -7.01 -1.88
N LYS A 63 5.98 -7.35 -3.15
CA LYS A 63 6.50 -6.40 -4.11
C LYS A 63 5.39 -5.42 -4.45
N ALA A 64 5.71 -4.14 -4.42
CA ALA A 64 4.73 -3.12 -4.73
C ALA A 64 5.37 -1.98 -5.52
N THR A 65 4.53 -1.20 -6.18
CA THR A 65 4.98 -0.01 -6.90
C THR A 65 4.04 1.15 -6.62
N LEU A 66 4.61 2.27 -6.17
CA LEU A 66 3.82 3.47 -5.93
C LEU A 66 3.30 4.02 -7.24
N ALA A 67 1.99 4.18 -7.33
CA ALA A 67 1.35 4.61 -8.56
C ALA A 67 0.17 5.52 -8.24
N ASP A 68 0.41 6.82 -8.35
CA ASP A 68 -0.56 7.85 -7.97
C ASP A 68 -1.94 7.63 -8.61
N ALA A 69 -1.95 7.10 -9.83
CA ALA A 69 -3.19 6.87 -10.54
C ALA A 69 -2.96 5.92 -11.71
HG HG B . -2.36 -12.90 -3.16
N MET A 1 3.03 10.60 -6.05
CA MET A 1 2.91 11.37 -4.80
C MET A 1 1.63 11.00 -4.04
N THR A 2 0.82 10.12 -4.63
CA THR A 2 -0.39 9.64 -3.98
C THR A 2 -0.32 8.14 -3.72
N HIS A 3 -1.28 7.43 -4.26
CA HIS A 3 -1.42 5.99 -4.01
C HIS A 3 -0.40 5.17 -4.79
N LEU A 4 -0.51 3.86 -4.72
CA LEU A 4 0.41 2.96 -5.40
C LEU A 4 -0.32 1.74 -5.92
N LYS A 5 0.40 0.93 -6.68
CA LYS A 5 -0.13 -0.34 -7.16
C LYS A 5 0.60 -1.47 -6.44
N ILE A 6 -0.10 -2.56 -6.21
CA ILE A 6 0.46 -3.66 -5.44
C ILE A 6 0.73 -4.85 -6.35
N THR A 7 1.67 -5.70 -5.95
CA THR A 7 2.05 -6.85 -6.75
C THR A 7 2.21 -8.09 -5.87
N GLY A 8 1.25 -8.98 -5.98
CA GLY A 8 1.27 -10.20 -5.20
C GLY A 8 -0.08 -10.47 -4.59
N MET A 9 -0.79 -9.38 -4.29
CA MET A 9 -2.13 -9.46 -3.72
C MET A 9 -3.12 -9.80 -4.82
N THR A 10 -3.89 -10.86 -4.62
CA THR A 10 -4.68 -11.40 -5.72
C THR A 10 -6.17 -11.49 -5.43
N CYS A 11 -6.60 -11.23 -4.20
CA CYS A 11 -8.00 -11.51 -3.83
C CYS A 11 -8.35 -11.16 -2.40
N ASP A 12 -7.57 -11.64 -1.44
CA ASP A 12 -7.84 -11.37 -0.03
C ASP A 12 -6.71 -11.95 0.83
N SER A 13 -6.66 -11.55 2.10
CA SER A 13 -5.66 -12.04 3.05
C SER A 13 -4.27 -11.47 2.77
N CYS A 14 -3.72 -11.73 1.59
CA CYS A 14 -2.48 -11.10 1.19
C CYS A 14 -2.68 -9.60 1.13
N ALA A 15 -3.78 -9.20 0.50
CA ALA A 15 -4.20 -7.80 0.48
C ALA A 15 -4.86 -7.42 1.80
N ALA A 16 -4.14 -7.62 2.89
CA ALA A 16 -4.65 -7.35 4.22
C ALA A 16 -3.49 -7.28 5.20
N HIS A 17 -2.57 -8.23 5.08
CA HIS A 17 -1.32 -8.19 5.84
C HIS A 17 -0.57 -6.90 5.49
N VAL A 18 -0.58 -6.58 4.20
CA VAL A 18 0.05 -5.38 3.69
C VAL A 18 -0.61 -4.15 4.32
N LYS A 19 -1.93 -4.14 4.32
CA LYS A 19 -2.69 -3.02 4.88
C LYS A 19 -2.46 -2.92 6.38
N GLU A 20 -2.30 -4.06 7.04
CA GLU A 20 -2.01 -4.08 8.47
C GLU A 20 -0.66 -3.41 8.74
N ALA A 21 0.36 -3.87 8.04
CA ALA A 21 1.70 -3.30 8.18
C ALA A 21 1.69 -1.82 7.81
N LEU A 22 0.96 -1.48 6.76
CA LEU A 22 0.85 -0.11 6.29
C LEU A 22 0.13 0.78 7.31
N GLU A 23 -1.01 0.29 7.80
CA GLU A 23 -1.82 1.07 8.74
C GLU A 23 -1.20 1.07 10.14
N LYS A 24 -0.20 0.22 10.34
CA LYS A 24 0.58 0.24 11.58
C LYS A 24 1.50 1.45 11.58
N VAL A 25 1.84 1.92 10.38
CA VAL A 25 2.68 3.10 10.22
C VAL A 25 1.83 4.37 10.37
N PRO A 26 2.22 5.26 11.28
CA PRO A 26 1.51 6.53 11.49
C PRO A 26 1.60 7.45 10.28
N GLY A 27 0.51 8.14 9.99
CA GLY A 27 0.46 9.01 8.83
C GLY A 27 -0.57 8.53 7.84
N VAL A 28 -1.30 7.51 8.21
CA VAL A 28 -2.35 6.94 7.38
C VAL A 28 -3.70 7.54 7.73
N GLN A 29 -4.57 7.67 6.74
CA GLN A 29 -5.91 8.21 6.95
C GLN A 29 -6.94 7.30 6.29
N SER A 30 -6.60 6.76 5.12
CA SER A 30 -7.44 5.79 4.46
C SER A 30 -6.61 4.87 3.57
N ALA A 31 -6.77 3.58 3.77
CA ALA A 31 -6.06 2.58 2.98
C ALA A 31 -7.04 1.67 2.25
N LEU A 32 -7.51 2.13 1.10
CA LEU A 32 -8.50 1.37 0.33
C LEU A 32 -7.79 0.39 -0.61
N VAL A 33 -7.32 -0.70 -0.06
CA VAL A 33 -6.65 -1.72 -0.84
C VAL A 33 -7.66 -2.55 -1.63
N SER A 34 -7.56 -2.49 -2.95
CA SER A 34 -8.43 -3.25 -3.82
C SER A 34 -7.76 -4.57 -4.19
N TYR A 35 -8.14 -5.63 -3.48
CA TYR A 35 -7.52 -6.94 -3.62
C TYR A 35 -7.59 -7.50 -5.05
N PRO A 36 -8.81 -7.60 -5.65
CA PRO A 36 -8.97 -8.20 -6.99
C PRO A 36 -8.37 -7.34 -8.09
N LYS A 37 -8.13 -6.08 -7.79
CA LYS A 37 -7.58 -5.16 -8.78
C LYS A 37 -6.06 -5.06 -8.65
N GLY A 38 -5.58 -5.14 -7.42
CA GLY A 38 -4.15 -5.02 -7.18
C GLY A 38 -3.73 -3.58 -7.01
N THR A 39 -4.66 -2.75 -6.58
CA THR A 39 -4.38 -1.33 -6.40
C THR A 39 -4.53 -0.92 -4.95
N ALA A 40 -3.66 -0.04 -4.48
CA ALA A 40 -3.70 0.41 -3.11
C ALA A 40 -4.04 1.90 -3.06
N GLN A 41 -5.31 2.20 -2.86
CA GLN A 41 -5.76 3.58 -2.79
C GLN A 41 -5.45 4.14 -1.42
N LEU A 42 -4.21 4.58 -1.26
CA LEU A 42 -3.72 5.05 0.02
C LEU A 42 -3.82 6.56 0.12
N ALA A 43 -4.61 7.00 1.08
CA ALA A 43 -4.73 8.40 1.40
C ALA A 43 -3.87 8.69 2.63
N ILE A 44 -2.59 8.89 2.40
CA ILE A 44 -1.66 9.18 3.46
C ILE A 44 -1.60 10.68 3.73
N VAL A 45 -1.42 11.04 5.00
CA VAL A 45 -1.37 12.42 5.41
C VAL A 45 -0.05 13.05 5.00
N PRO A 46 -0.10 14.21 4.31
CA PRO A 46 1.10 14.94 3.87
C PRO A 46 2.17 15.03 4.94
N GLY A 47 3.30 14.41 4.68
CA GLY A 47 4.36 14.31 5.67
C GLY A 47 5.10 13.00 5.49
N THR A 48 4.33 11.97 5.18
CA THR A 48 4.89 10.70 4.77
C THR A 48 5.18 10.72 3.28
N SER A 49 5.52 9.58 2.72
CA SER A 49 5.86 9.52 1.32
C SER A 49 5.53 8.14 0.76
N PRO A 50 5.04 8.08 -0.49
CA PRO A 50 4.72 6.79 -1.13
C PRO A 50 5.93 5.89 -1.26
N ASP A 51 7.10 6.49 -1.33
CA ASP A 51 8.36 5.75 -1.35
C ASP A 51 8.48 4.91 -0.08
N ALA A 52 7.95 5.44 1.01
CA ALA A 52 8.05 4.79 2.31
C ALA A 52 7.10 3.60 2.39
N LEU A 53 5.91 3.78 1.83
CA LEU A 53 4.90 2.75 1.85
C LEU A 53 5.28 1.63 0.90
N THR A 54 5.71 2.02 -0.29
CA THR A 54 6.20 1.08 -1.29
C THR A 54 7.37 0.29 -0.73
N ALA A 55 8.28 0.99 -0.06
CA ALA A 55 9.46 0.37 0.55
C ALA A 55 9.05 -0.57 1.68
N ALA A 56 8.02 -0.18 2.42
CA ALA A 56 7.50 -1.00 3.50
C ALA A 56 6.94 -2.30 2.94
N VAL A 57 6.19 -2.20 1.84
CA VAL A 57 5.62 -3.37 1.19
C VAL A 57 6.71 -4.21 0.53
N ALA A 58 7.67 -3.54 -0.10
CA ALA A 58 8.78 -4.21 -0.75
C ALA A 58 9.62 -4.97 0.27
N GLY A 59 9.83 -4.34 1.43
CA GLY A 59 10.59 -4.95 2.49
C GLY A 59 9.76 -5.93 3.29
N LEU A 60 8.45 -5.85 3.15
CA LEU A 60 7.55 -6.80 3.82
C LEU A 60 7.55 -8.15 3.13
N GLY A 61 8.37 -8.29 2.10
CA GLY A 61 8.47 -9.54 1.38
C GLY A 61 7.51 -9.61 0.22
N TYR A 62 6.85 -8.49 -0.05
CA TYR A 62 5.90 -8.41 -1.15
C TYR A 62 6.47 -7.53 -2.26
N LYS A 63 5.60 -7.04 -3.12
CA LYS A 63 6.00 -6.17 -4.21
C LYS A 63 5.02 -5.01 -4.33
N ALA A 64 5.55 -3.82 -4.58
CA ALA A 64 4.72 -2.63 -4.71
C ALA A 64 5.31 -1.68 -5.73
N THR A 65 4.45 -0.91 -6.38
CA THR A 65 4.88 0.05 -7.38
C THR A 65 4.09 1.35 -7.25
N LEU A 66 4.75 2.40 -6.78
CA LEU A 66 4.12 3.71 -6.63
C LEU A 66 3.50 4.16 -7.96
N ALA A 67 2.23 4.54 -7.92
CA ALA A 67 1.49 4.84 -9.12
C ALA A 67 0.40 5.87 -8.83
N ASP A 68 0.61 7.06 -9.35
CA ASP A 68 -0.32 8.17 -9.11
C ASP A 68 -1.61 8.01 -9.91
N ALA A 69 -1.48 7.77 -11.21
CA ALA A 69 -2.65 7.64 -12.06
C ALA A 69 -2.34 6.77 -13.27
HG HG B . -5.09 -13.25 -2.43
N MET A 1 -1.67 11.73 0.05
CA MET A 1 -2.85 11.13 -0.63
C MET A 1 -2.42 10.51 -1.95
N THR A 2 -2.09 9.23 -1.92
CA THR A 2 -1.57 8.55 -3.10
C THR A 2 -2.00 7.08 -3.11
N HIS A 3 -2.12 6.50 -4.30
CA HIS A 3 -2.44 5.08 -4.40
C HIS A 3 -1.38 4.37 -5.22
N LEU A 4 -0.83 3.30 -4.66
CA LEU A 4 0.23 2.56 -5.33
C LEU A 4 -0.30 1.24 -5.83
N LYS A 5 0.46 0.59 -6.71
CA LYS A 5 0.04 -0.67 -7.28
C LYS A 5 0.79 -1.83 -6.60
N ILE A 6 0.03 -2.77 -6.08
CA ILE A 6 0.62 -3.91 -5.40
C ILE A 6 0.68 -5.11 -6.35
N THR A 7 1.82 -5.78 -6.35
CA THR A 7 2.07 -6.87 -7.30
C THR A 7 2.41 -8.15 -6.57
N GLY A 8 3.13 -8.00 -5.46
CA GLY A 8 3.48 -9.13 -4.63
C GLY A 8 2.30 -9.56 -3.80
N MET A 9 1.27 -10.08 -4.47
CA MET A 9 0.07 -10.64 -3.85
C MET A 9 -0.94 -9.55 -3.54
N THR A 10 -1.66 -9.13 -4.58
CA THR A 10 -2.68 -8.09 -4.46
C THR A 10 -4.00 -8.68 -3.99
N CYS A 11 -4.14 -9.98 -4.20
CA CYS A 11 -5.35 -10.71 -3.82
C CYS A 11 -5.71 -10.54 -2.35
N ASP A 12 -6.97 -10.84 -2.03
CA ASP A 12 -7.51 -10.65 -0.70
C ASP A 12 -6.74 -11.51 0.33
N SER A 13 -6.86 -11.14 1.61
CA SER A 13 -6.13 -11.77 2.72
C SER A 13 -4.69 -11.23 2.76
N CYS A 14 -4.01 -11.30 1.63
CA CYS A 14 -2.71 -10.66 1.50
C CYS A 14 -2.91 -9.14 1.50
N ALA A 15 -3.93 -8.70 0.76
CA ALA A 15 -4.35 -7.30 0.77
C ALA A 15 -5.10 -6.98 2.06
N ALA A 16 -4.45 -7.27 3.18
CA ALA A 16 -5.01 -7.07 4.51
C ALA A 16 -3.89 -7.08 5.53
N HIS A 17 -2.97 -8.03 5.38
CA HIS A 17 -1.75 -8.04 6.19
C HIS A 17 -0.92 -6.81 5.86
N VAL A 18 -0.78 -6.55 4.56
CA VAL A 18 -0.07 -5.38 4.08
C VAL A 18 -0.79 -4.13 4.51
N LYS A 19 -2.12 -4.16 4.44
CA LYS A 19 -2.95 -3.04 4.86
C LYS A 19 -2.76 -2.78 6.36
N GLU A 20 -2.66 -3.85 7.13
CA GLU A 20 -2.45 -3.75 8.57
C GLU A 20 -1.12 -3.06 8.85
N ALA A 21 -0.05 -3.56 8.23
CA ALA A 21 1.26 -2.97 8.40
C ALA A 21 1.30 -1.54 7.90
N LEU A 22 0.61 -1.29 6.79
CA LEU A 22 0.55 0.04 6.20
C LEU A 22 -0.19 1.01 7.13
N GLU A 23 -1.32 0.57 7.68
CA GLU A 23 -2.12 1.41 8.55
C GLU A 23 -1.47 1.54 9.93
N LYS A 24 -0.52 0.65 10.23
CA LYS A 24 0.26 0.76 11.46
C LYS A 24 1.33 1.85 11.33
N VAL A 25 1.51 2.35 10.11
CA VAL A 25 2.46 3.42 9.86
C VAL A 25 1.81 4.78 10.19
N PRO A 26 2.47 5.58 11.04
CA PRO A 26 1.98 6.92 11.40
C PRO A 26 2.02 7.87 10.20
N GLY A 27 0.90 8.50 9.94
CA GLY A 27 0.78 9.34 8.76
C GLY A 27 -0.05 8.66 7.69
N VAL A 28 -0.94 7.80 8.14
CA VAL A 28 -1.77 6.98 7.26
C VAL A 28 -3.17 6.85 7.85
N GLN A 29 -4.17 7.31 7.10
CA GLN A 29 -5.53 7.29 7.59
C GLN A 29 -6.24 5.98 7.25
N SER A 30 -6.09 5.53 6.00
CA SER A 30 -6.70 4.28 5.58
C SER A 30 -5.95 3.65 4.40
N ALA A 31 -5.87 2.33 4.39
CA ALA A 31 -5.24 1.61 3.29
C ALA A 31 -6.26 0.70 2.60
N LEU A 32 -6.97 1.25 1.62
CA LEU A 32 -7.99 0.50 0.91
C LEU A 32 -7.40 -0.26 -0.27
N VAL A 33 -6.68 -1.34 0.04
CA VAL A 33 -6.09 -2.17 -1.01
C VAL A 33 -7.17 -2.98 -1.72
N SER A 34 -7.28 -2.78 -3.03
CA SER A 34 -8.30 -3.44 -3.82
C SER A 34 -7.70 -4.57 -4.65
N TYR A 35 -8.05 -5.81 -4.28
CA TYR A 35 -7.57 -7.00 -4.98
C TYR A 35 -8.04 -7.07 -6.45
N PRO A 36 -9.32 -6.78 -6.77
CA PRO A 36 -9.83 -6.90 -8.15
C PRO A 36 -9.39 -5.74 -9.03
N LYS A 37 -8.41 -4.98 -8.56
CA LYS A 37 -7.88 -3.85 -9.29
C LYS A 37 -6.36 -3.88 -9.27
N GLY A 38 -5.80 -4.46 -8.22
CA GLY A 38 -4.35 -4.57 -8.10
C GLY A 38 -3.74 -3.30 -7.55
N THR A 39 -4.55 -2.48 -6.91
CA THR A 39 -4.10 -1.18 -6.46
C THR A 39 -4.44 -0.96 -4.99
N ALA A 40 -3.59 -0.22 -4.29
CA ALA A 40 -3.79 0.09 -2.90
C ALA A 40 -4.18 1.56 -2.74
N GLN A 41 -5.45 1.79 -2.46
CA GLN A 41 -5.95 3.14 -2.26
C GLN A 41 -5.59 3.63 -0.86
N LEU A 42 -4.44 4.27 -0.74
CA LEU A 42 -3.96 4.68 0.56
C LEU A 42 -4.22 6.15 0.83
N ALA A 43 -5.09 6.40 1.79
CA ALA A 43 -5.35 7.74 2.26
C ALA A 43 -4.29 8.11 3.28
N ILE A 44 -3.09 8.39 2.78
CA ILE A 44 -1.97 8.77 3.61
C ILE A 44 -1.88 10.29 3.73
N VAL A 45 -1.25 10.74 4.81
CA VAL A 45 -1.13 12.17 5.08
C VAL A 45 -0.12 12.80 4.12
N PRO A 46 -0.31 14.09 3.75
CA PRO A 46 0.59 14.81 2.84
C PRO A 46 1.96 15.13 3.45
N GLY A 47 2.60 14.10 3.99
CA GLY A 47 3.92 14.24 4.56
C GLY A 47 4.70 12.96 4.40
N THR A 48 4.00 11.84 4.42
CA THR A 48 4.59 10.55 4.17
C THR A 48 4.85 10.35 2.69
N SER A 49 6.11 10.17 2.34
CA SER A 49 6.49 9.97 0.96
C SER A 49 6.05 8.60 0.47
N PRO A 50 5.32 8.54 -0.66
CA PRO A 50 4.83 7.29 -1.26
C PRO A 50 5.91 6.22 -1.38
N ASP A 51 7.13 6.66 -1.71
CA ASP A 51 8.26 5.75 -1.84
C ASP A 51 8.50 4.97 -0.55
N ALA A 52 8.09 5.53 0.58
CA ALA A 52 8.27 4.87 1.86
C ALA A 52 7.27 3.74 2.01
N LEU A 53 6.16 3.88 1.34
CA LEU A 53 5.12 2.86 1.34
C LEU A 53 5.53 1.72 0.43
N THR A 54 6.02 2.08 -0.74
CA THR A 54 6.56 1.11 -1.68
C THR A 54 7.67 0.29 -1.01
N ALA A 55 8.57 1.01 -0.35
CA ALA A 55 9.68 0.39 0.36
C ALA A 55 9.19 -0.46 1.54
N ALA A 56 8.15 0.02 2.20
CA ALA A 56 7.55 -0.71 3.32
C ALA A 56 6.97 -2.03 2.84
N VAL A 57 6.26 -2.00 1.71
CA VAL A 57 5.68 -3.19 1.14
C VAL A 57 6.77 -4.10 0.59
N ALA A 58 7.78 -3.51 -0.03
CA ALA A 58 8.90 -4.28 -0.55
C ALA A 58 9.67 -4.96 0.58
N GLY A 59 9.82 -4.24 1.69
CA GLY A 59 10.50 -4.79 2.85
C GLY A 59 9.60 -5.68 3.67
N LEU A 60 8.30 -5.61 3.41
CA LEU A 60 7.33 -6.48 4.07
C LEU A 60 7.40 -7.89 3.50
N GLY A 61 8.19 -8.06 2.45
CA GLY A 61 8.32 -9.37 1.83
C GLY A 61 7.46 -9.47 0.58
N TYR A 62 6.65 -8.46 0.35
CA TYR A 62 5.79 -8.41 -0.83
C TYR A 62 6.43 -7.52 -1.88
N LYS A 63 5.64 -7.06 -2.84
CA LYS A 63 6.16 -6.21 -3.90
C LYS A 63 5.10 -5.20 -4.34
N ALA A 64 5.50 -3.95 -4.45
CA ALA A 64 4.61 -2.90 -4.89
C ALA A 64 5.37 -1.86 -5.72
N THR A 65 4.63 -1.05 -6.45
CA THR A 65 5.22 0.03 -7.23
C THR A 65 4.32 1.25 -7.19
N LEU A 66 4.92 2.43 -7.12
CA LEU A 66 4.16 3.68 -7.13
C LEU A 66 3.44 3.84 -8.45
N ALA A 67 2.12 3.81 -8.42
CA ALA A 67 1.31 3.96 -9.61
C ALA A 67 0.04 4.72 -9.29
N ASP A 68 0.20 6.01 -9.05
CA ASP A 68 -0.91 6.86 -8.64
C ASP A 68 -1.73 7.35 -9.83
N ALA A 69 -1.52 6.71 -10.97
CA ALA A 69 -2.31 7.00 -12.16
C ALA A 69 -3.55 6.12 -12.20
HG HG B . -3.09 -12.66 -2.64
N MET A 1 -3.31 11.75 -6.61
CA MET A 1 -3.78 10.85 -5.53
C MET A 1 -2.81 9.68 -5.38
N THR A 2 -2.56 9.27 -4.13
CA THR A 2 -1.63 8.20 -3.84
C THR A 2 -2.15 6.84 -4.30
N HIS A 3 -1.87 6.51 -5.55
CA HIS A 3 -2.31 5.27 -6.15
C HIS A 3 -1.14 4.30 -6.28
N LEU A 4 -0.96 3.44 -5.29
CA LEU A 4 0.13 2.47 -5.31
C LEU A 4 -0.38 1.12 -5.79
N LYS A 5 0.34 0.52 -6.71
CA LYS A 5 -0.02 -0.80 -7.22
C LYS A 5 0.75 -1.86 -6.45
N ILE A 6 0.03 -2.79 -5.86
CA ILE A 6 0.67 -3.80 -5.02
C ILE A 6 0.84 -5.11 -5.81
N THR A 7 2.09 -5.49 -6.02
CA THR A 7 2.42 -6.59 -6.91
C THR A 7 2.58 -7.91 -6.17
N GLY A 8 2.82 -7.82 -4.87
CA GLY A 8 3.00 -9.02 -4.07
C GLY A 8 1.70 -9.68 -3.68
N MET A 9 0.59 -9.02 -4.00
CA MET A 9 -0.73 -9.55 -3.69
C MET A 9 -1.20 -10.50 -4.79
N THR A 10 -1.97 -11.50 -4.42
CA THR A 10 -2.61 -12.36 -5.39
C THR A 10 -4.11 -12.43 -5.13
N CYS A 11 -4.50 -12.12 -3.89
CA CYS A 11 -5.87 -12.29 -3.43
C CYS A 11 -6.01 -11.93 -1.96
N ASP A 12 -7.23 -11.56 -1.57
CA ASP A 12 -7.68 -11.35 -0.18
C ASP A 12 -6.56 -11.08 0.85
N SER A 13 -6.05 -12.13 1.50
CA SER A 13 -5.15 -12.00 2.65
C SER A 13 -3.93 -11.14 2.35
N CYS A 14 -3.35 -11.34 1.17
CA CYS A 14 -2.16 -10.60 0.80
C CYS A 14 -2.47 -9.11 0.68
N ALA A 15 -3.53 -8.79 -0.07
CA ALA A 15 -3.98 -7.42 -0.22
C ALA A 15 -4.77 -6.95 1.01
N ALA A 16 -4.22 -7.23 2.19
CA ALA A 16 -4.88 -6.90 3.45
C ALA A 16 -3.88 -6.92 4.58
N HIS A 17 -3.00 -7.92 4.57
CA HIS A 17 -1.85 -7.92 5.48
C HIS A 17 -0.92 -6.77 5.10
N VAL A 18 -0.91 -6.46 3.81
CA VAL A 18 -0.20 -5.29 3.31
C VAL A 18 -0.80 -4.04 3.91
N LYS A 19 -2.13 -4.00 3.94
CA LYS A 19 -2.87 -2.89 4.55
C LYS A 19 -2.53 -2.79 6.03
N GLU A 20 -2.43 -3.93 6.69
CA GLU A 20 -2.08 -3.97 8.11
C GLU A 20 -0.69 -3.37 8.33
N ALA A 21 0.29 -3.88 7.59
CA ALA A 21 1.65 -3.40 7.68
C ALA A 21 1.73 -1.93 7.29
N LEU A 22 0.95 -1.54 6.29
CA LEU A 22 0.90 -0.16 5.85
C LEU A 22 0.32 0.74 6.93
N GLU A 23 -0.73 0.27 7.59
CA GLU A 23 -1.37 1.04 8.66
C GLU A 23 -0.52 1.03 9.93
N LYS A 24 0.43 0.09 9.99
CA LYS A 24 1.39 0.08 11.08
C LYS A 24 2.40 1.22 10.90
N VAL A 25 2.48 1.72 9.66
CA VAL A 25 3.28 2.90 9.37
C VAL A 25 2.46 4.15 9.66
N PRO A 26 3.00 5.09 10.45
CA PRO A 26 2.29 6.31 10.85
C PRO A 26 2.00 7.25 9.69
N GLY A 27 0.90 7.98 9.81
CA GLY A 27 0.54 8.94 8.78
C GLY A 27 -0.63 8.45 7.95
N VAL A 28 -1.01 7.20 8.14
CA VAL A 28 -2.11 6.62 7.39
C VAL A 28 -3.45 7.08 7.96
N GLN A 29 -4.24 7.76 7.13
CA GLN A 29 -5.56 8.21 7.53
C GLN A 29 -6.62 7.24 7.00
N SER A 30 -6.39 6.74 5.80
CA SER A 30 -7.29 5.78 5.19
C SER A 30 -6.52 4.89 4.20
N ALA A 31 -6.94 3.64 4.07
CA ALA A 31 -6.27 2.70 3.19
C ALA A 31 -7.28 1.80 2.51
N LEU A 32 -7.61 2.13 1.28
CA LEU A 32 -8.59 1.39 0.51
C LEU A 32 -7.91 0.44 -0.45
N VAL A 33 -7.55 -0.73 0.04
CA VAL A 33 -6.87 -1.74 -0.76
C VAL A 33 -7.87 -2.55 -1.57
N SER A 34 -7.57 -2.78 -2.84
CA SER A 34 -8.43 -3.56 -3.71
C SER A 34 -7.73 -4.85 -4.15
N TYR A 35 -8.15 -5.97 -3.55
CA TYR A 35 -7.55 -7.27 -3.82
C TYR A 35 -7.79 -7.72 -5.27
N PRO A 36 -9.04 -7.69 -5.79
CA PRO A 36 -9.34 -8.12 -7.15
C PRO A 36 -8.85 -7.14 -8.22
N LYS A 37 -7.98 -6.21 -7.82
CA LYS A 37 -7.44 -5.21 -8.72
C LYS A 37 -5.93 -5.09 -8.54
N GLY A 38 -5.44 -5.45 -7.36
CA GLY A 38 -4.03 -5.37 -7.09
C GLY A 38 -3.55 -3.95 -6.93
N THR A 39 -4.39 -3.11 -6.34
CA THR A 39 -4.05 -1.71 -6.16
C THR A 39 -4.49 -1.22 -4.79
N ALA A 40 -3.80 -0.20 -4.29
CA ALA A 40 -4.11 0.35 -2.99
C ALA A 40 -4.35 1.85 -3.09
N GLN A 41 -5.56 2.26 -2.71
CA GLN A 41 -5.92 3.67 -2.66
C GLN A 41 -5.63 4.20 -1.26
N LEU A 42 -4.43 4.71 -1.07
CA LEU A 42 -3.98 5.12 0.25
C LEU A 42 -4.13 6.63 0.44
N ALA A 43 -4.70 7.01 1.56
CA ALA A 43 -4.82 8.41 1.93
C ALA A 43 -3.89 8.71 3.09
N ILE A 44 -2.63 8.92 2.76
CA ILE A 44 -1.62 9.20 3.76
C ILE A 44 -1.48 10.69 3.98
N VAL A 45 -1.30 11.08 5.23
CA VAL A 45 -1.13 12.47 5.61
C VAL A 45 0.14 13.04 4.97
N PRO A 46 0.12 14.33 4.60
CA PRO A 46 1.32 15.05 4.12
C PRO A 46 2.42 15.09 5.17
N GLY A 47 3.04 13.94 5.38
CA GLY A 47 4.11 13.81 6.34
C GLY A 47 4.91 12.56 6.06
N THR A 48 4.22 11.54 5.57
CA THR A 48 4.87 10.35 5.08
C THR A 48 5.28 10.52 3.63
N SER A 49 5.58 9.43 2.95
CA SER A 49 6.04 9.49 1.59
C SER A 49 5.65 8.24 0.83
N PRO A 50 5.32 8.37 -0.46
CA PRO A 50 4.96 7.22 -1.30
C PRO A 50 6.06 6.17 -1.36
N ASP A 51 7.31 6.62 -1.28
CA ASP A 51 8.44 5.71 -1.27
C ASP A 51 8.44 4.90 0.03
N ALA A 52 7.85 5.46 1.07
CA ALA A 52 7.84 4.82 2.38
C ALA A 52 6.83 3.68 2.40
N LEU A 53 5.74 3.89 1.67
CA LEU A 53 4.69 2.89 1.60
C LEU A 53 5.13 1.73 0.73
N THR A 54 5.66 2.08 -0.43
CA THR A 54 6.23 1.12 -1.34
C THR A 54 7.30 0.28 -0.64
N ALA A 55 8.19 0.98 0.07
CA ALA A 55 9.28 0.35 0.79
C ALA A 55 8.77 -0.49 1.95
N ALA A 56 7.68 -0.06 2.56
CA ALA A 56 7.06 -0.80 3.65
C ALA A 56 6.53 -2.14 3.14
N VAL A 57 5.85 -2.09 2.00
CA VAL A 57 5.31 -3.30 1.39
C VAL A 57 6.42 -4.15 0.83
N ALA A 58 7.39 -3.52 0.17
CA ALA A 58 8.52 -4.23 -0.39
C ALA A 58 9.34 -4.88 0.71
N GLY A 59 9.53 -4.13 1.78
CA GLY A 59 10.32 -4.61 2.90
C GLY A 59 9.58 -5.61 3.76
N LEU A 60 8.26 -5.63 3.65
CA LEU A 60 7.45 -6.59 4.38
C LEU A 60 7.56 -7.99 3.77
N GLY A 61 8.12 -8.06 2.58
CA GLY A 61 8.25 -9.33 1.90
C GLY A 61 7.45 -9.35 0.61
N TYR A 62 6.50 -8.43 0.52
CA TYR A 62 5.67 -8.31 -0.66
C TYR A 62 6.34 -7.38 -1.67
N LYS A 63 5.57 -6.93 -2.65
CA LYS A 63 6.10 -6.02 -3.65
C LYS A 63 5.05 -4.97 -3.98
N ALA A 64 5.50 -3.77 -4.30
CA ALA A 64 4.60 -2.69 -4.65
C ALA A 64 5.29 -1.71 -5.58
N THR A 65 4.51 -1.06 -6.42
CA THR A 65 5.04 -0.07 -7.35
C THR A 65 4.12 1.13 -7.42
N LEU A 66 4.64 2.30 -7.04
CA LEU A 66 3.84 3.51 -7.06
C LEU A 66 3.55 3.94 -8.49
N ALA A 67 2.27 3.98 -8.84
CA ALA A 67 1.84 4.35 -10.16
C ALA A 67 0.53 5.12 -10.06
N ASP A 68 0.64 6.37 -9.64
CA ASP A 68 -0.52 7.19 -9.35
C ASP A 68 -1.22 7.68 -10.63
N ALA A 69 -2.36 8.34 -10.43
CA ALA A 69 -3.19 8.83 -11.53
C ALA A 69 -3.77 7.67 -12.33
HG HG B . -3.42 -13.98 -2.06
N MET A 1 -3.10 11.62 -3.40
CA MET A 1 -3.92 10.38 -3.44
C MET A 1 -3.07 9.22 -3.94
N THR A 2 -2.28 8.67 -3.05
CA THR A 2 -1.34 7.62 -3.38
C THR A 2 -2.05 6.30 -3.73
N HIS A 3 -1.95 5.88 -4.98
CA HIS A 3 -2.43 4.57 -5.38
C HIS A 3 -1.33 3.80 -6.09
N LEU A 4 -0.72 2.87 -5.38
CA LEU A 4 0.37 2.08 -5.95
C LEU A 4 -0.16 0.74 -6.44
N LYS A 5 0.54 0.14 -7.38
CA LYS A 5 0.21 -1.19 -7.84
C LYS A 5 0.89 -2.21 -6.92
N ILE A 6 0.15 -3.22 -6.52
CA ILE A 6 0.67 -4.20 -5.58
C ILE A 6 1.12 -5.46 -6.32
N THR A 7 2.16 -6.10 -5.79
CA THR A 7 2.71 -7.29 -6.36
C THR A 7 3.17 -8.19 -5.22
N GLY A 8 3.11 -9.49 -5.44
CA GLY A 8 3.44 -10.41 -4.38
C GLY A 8 2.20 -10.96 -3.70
N MET A 9 1.05 -10.46 -4.14
CA MET A 9 -0.23 -10.91 -3.61
C MET A 9 -1.32 -10.72 -4.66
N THR A 10 -2.30 -11.60 -4.67
CA THR A 10 -3.27 -11.66 -5.75
C THR A 10 -4.71 -11.79 -5.26
N CYS A 11 -4.96 -11.50 -4.00
CA CYS A 11 -6.29 -11.71 -3.44
C CYS A 11 -6.40 -11.22 -1.98
N ASP A 12 -7.57 -11.48 -1.41
CA ASP A 12 -8.04 -10.80 -0.19
C ASP A 12 -7.23 -11.13 1.06
N SER A 13 -6.77 -12.37 1.17
CA SER A 13 -6.08 -12.82 2.38
C SER A 13 -4.86 -11.95 2.69
N CYS A 14 -4.02 -11.72 1.69
CA CYS A 14 -2.86 -10.87 1.86
C CYS A 14 -3.29 -9.40 1.88
N ALA A 15 -4.36 -9.10 1.15
CA ALA A 15 -4.92 -7.77 1.09
C ALA A 15 -5.72 -7.44 2.36
N ALA A 16 -5.13 -7.75 3.50
CA ALA A 16 -5.73 -7.44 4.79
C ALA A 16 -4.65 -7.43 5.86
N HIS A 17 -3.75 -8.42 5.81
CA HIS A 17 -2.58 -8.41 6.68
C HIS A 17 -1.64 -7.28 6.29
N VAL A 18 -1.47 -7.11 4.98
CA VAL A 18 -0.65 -6.03 4.44
C VAL A 18 -1.33 -4.69 4.71
N LYS A 19 -2.66 -4.67 4.58
CA LYS A 19 -3.45 -3.49 4.87
C LYS A 19 -3.29 -3.10 6.34
N GLU A 20 -3.23 -4.11 7.21
CA GLU A 20 -3.00 -3.87 8.63
C GLU A 20 -1.62 -3.26 8.85
N ALA A 21 -0.60 -3.96 8.34
CA ALA A 21 0.79 -3.50 8.48
C ALA A 21 0.96 -2.09 7.93
N LEU A 22 0.33 -1.83 6.79
CA LEU A 22 0.40 -0.52 6.16
C LEU A 22 -0.28 0.55 7.01
N GLU A 23 -1.48 0.24 7.52
CA GLU A 23 -2.21 1.20 8.34
C GLU A 23 -1.62 1.28 9.75
N LYS A 24 -0.68 0.40 10.07
CA LYS A 24 0.06 0.48 11.31
C LYS A 24 1.21 1.48 11.20
N VAL A 25 1.38 2.03 10.00
CA VAL A 25 2.40 3.04 9.75
C VAL A 25 1.86 4.43 10.10
N PRO A 26 2.59 5.18 10.95
CA PRO A 26 2.19 6.53 11.34
C PRO A 26 2.22 7.51 10.16
N GLY A 27 1.18 8.31 10.06
CA GLY A 27 1.04 9.21 8.93
C GLY A 27 -0.04 8.74 8.00
N VAL A 28 -0.57 7.56 8.29
CA VAL A 28 -1.64 6.96 7.50
C VAL A 28 -3.01 7.44 7.99
N GLN A 29 -4.02 7.26 7.15
CA GLN A 29 -5.39 7.59 7.52
C GLN A 29 -6.32 6.44 7.12
N SER A 30 -6.20 5.99 5.89
CA SER A 30 -6.99 4.88 5.38
C SER A 30 -6.26 4.16 4.25
N ALA A 31 -6.21 2.83 4.35
CA ALA A 31 -5.58 2.03 3.31
C ALA A 31 -6.62 1.22 2.54
N LEU A 32 -6.91 1.64 1.32
CA LEU A 32 -7.88 0.96 0.48
C LEU A 32 -7.19 0.08 -0.54
N VAL A 33 -6.74 -1.08 -0.10
CA VAL A 33 -6.07 -2.02 -1.00
C VAL A 33 -7.10 -2.89 -1.72
N SER A 34 -7.29 -2.60 -2.99
CA SER A 34 -8.25 -3.32 -3.80
C SER A 34 -7.61 -4.59 -4.35
N TYR A 35 -7.95 -5.74 -3.78
CA TYR A 35 -7.37 -7.01 -4.19
C TYR A 35 -7.68 -7.37 -5.65
N PRO A 36 -8.95 -7.23 -6.12
CA PRO A 36 -9.30 -7.56 -7.51
C PRO A 36 -8.46 -6.77 -8.52
N LYS A 37 -8.28 -5.50 -8.25
CA LYS A 37 -7.53 -4.62 -9.15
C LYS A 37 -6.03 -4.76 -8.91
N GLY A 38 -5.64 -4.95 -7.66
CA GLY A 38 -4.25 -5.03 -7.31
C GLY A 38 -3.66 -3.65 -7.06
N THR A 39 -4.43 -2.80 -6.41
CA THR A 39 -4.01 -1.43 -6.16
C THR A 39 -4.10 -1.09 -4.68
N ALA A 40 -3.09 -0.40 -4.18
CA ALA A 40 -3.09 0.07 -2.81
C ALA A 40 -3.38 1.56 -2.76
N GLN A 41 -4.63 1.91 -2.54
CA GLN A 41 -5.04 3.31 -2.43
C GLN A 41 -4.84 3.78 -1.00
N LEU A 42 -3.74 4.46 -0.76
CA LEU A 42 -3.36 4.85 0.59
C LEU A 42 -3.58 6.33 0.83
N ALA A 43 -4.51 6.63 1.72
CA ALA A 43 -4.76 7.97 2.14
C ALA A 43 -3.83 8.31 3.31
N ILE A 44 -2.63 8.73 2.95
CA ILE A 44 -1.63 9.13 3.94
C ILE A 44 -1.72 10.62 4.21
N VAL A 45 -0.60 11.21 4.63
CA VAL A 45 -0.53 12.61 5.05
C VAL A 45 0.93 13.07 4.97
N PRO A 46 1.17 14.26 4.38
CA PRO A 46 2.51 14.84 4.22
C PRO A 46 3.42 14.60 5.42
N GLY A 47 4.34 13.67 5.24
CA GLY A 47 5.19 13.23 6.34
C GLY A 47 5.61 11.79 6.12
N THR A 48 5.02 11.18 5.12
CA THR A 48 5.34 9.83 4.69
C THR A 48 5.24 9.74 3.19
N SER A 49 6.39 9.78 2.54
CA SER A 49 6.45 9.81 1.09
C SER A 49 5.96 8.50 0.49
N PRO A 50 5.41 8.54 -0.73
CA PRO A 50 4.93 7.34 -1.42
C PRO A 50 6.05 6.33 -1.63
N ASP A 51 7.27 6.82 -1.73
CA ASP A 51 8.44 5.97 -1.85
C ASP A 51 8.64 5.18 -0.56
N ALA A 52 8.19 5.75 0.55
CA ALA A 52 8.32 5.11 1.85
C ALA A 52 7.29 4.00 2.00
N LEU A 53 6.13 4.23 1.40
CA LEU A 53 5.05 3.25 1.42
C LEU A 53 5.40 2.09 0.50
N THR A 54 5.89 2.42 -0.69
CA THR A 54 6.39 1.43 -1.62
C THR A 54 7.52 0.63 -0.98
N ALA A 55 8.41 1.34 -0.28
CA ALA A 55 9.51 0.70 0.43
C ALA A 55 9.00 -0.17 1.56
N ALA A 56 7.93 0.26 2.21
CA ALA A 56 7.32 -0.52 3.28
C ALA A 56 6.73 -1.82 2.73
N VAL A 57 6.06 -1.73 1.59
CA VAL A 57 5.50 -2.91 0.94
C VAL A 57 6.61 -3.79 0.39
N ALA A 58 7.63 -3.15 -0.19
CA ALA A 58 8.79 -3.88 -0.70
C ALA A 58 9.51 -4.58 0.44
N GLY A 59 9.65 -3.87 1.56
CA GLY A 59 10.29 -4.42 2.73
C GLY A 59 9.40 -5.36 3.49
N LEU A 60 8.11 -5.37 3.16
CA LEU A 60 7.18 -6.31 3.75
C LEU A 60 7.38 -7.71 3.18
N GLY A 61 8.22 -7.82 2.16
CA GLY A 61 8.48 -9.09 1.52
C GLY A 61 7.73 -9.22 0.21
N TYR A 62 7.05 -8.15 -0.17
CA TYR A 62 6.28 -8.12 -1.40
C TYR A 62 6.80 -7.02 -2.30
N LYS A 63 6.05 -6.65 -3.30
CA LYS A 63 6.48 -5.63 -4.24
C LYS A 63 5.38 -4.61 -4.47
N ALA A 64 5.77 -3.39 -4.76
CA ALA A 64 4.81 -2.35 -5.12
C ALA A 64 5.47 -1.32 -6.01
N THR A 65 4.66 -0.48 -6.65
CA THR A 65 5.17 0.63 -7.45
C THR A 65 4.14 1.76 -7.50
N LEU A 66 4.61 2.99 -7.35
CA LEU A 66 3.72 4.15 -7.36
C LEU A 66 3.11 4.38 -8.74
N ALA A 67 1.88 3.89 -8.91
CA ALA A 67 1.15 4.07 -10.15
C ALA A 67 0.20 5.26 -10.06
N ASP A 68 0.66 6.32 -9.38
CA ASP A 68 -0.15 7.51 -9.17
C ASP A 68 -0.50 8.14 -10.51
N ALA A 69 0.49 8.23 -11.37
CA ALA A 69 0.28 8.73 -12.72
C ALA A 69 0.71 7.67 -13.72
HG HG B . -3.73 -13.54 -1.49
N MET A 1 -6.16 9.24 -5.11
CA MET A 1 -4.98 10.10 -5.38
C MET A 1 -3.71 9.28 -5.30
N THR A 2 -2.95 9.47 -4.22
CA THR A 2 -1.72 8.71 -4.03
C THR A 2 -2.04 7.26 -3.68
N HIS A 3 -1.68 6.35 -4.57
CA HIS A 3 -1.95 4.94 -4.37
C HIS A 3 -0.78 4.09 -4.80
N LEU A 4 -0.76 2.84 -4.37
CA LEU A 4 0.27 1.92 -4.80
C LEU A 4 -0.34 0.86 -5.71
N LYS A 5 0.48 0.28 -6.56
CA LYS A 5 0.07 -0.82 -7.41
C LYS A 5 0.93 -2.04 -7.10
N ILE A 6 0.28 -3.14 -6.77
CA ILE A 6 0.99 -4.34 -6.37
C ILE A 6 1.48 -5.12 -7.59
N THR A 7 2.58 -5.84 -7.41
CA THR A 7 3.12 -6.68 -8.46
C THR A 7 3.58 -8.01 -7.89
N GLY A 8 4.01 -7.99 -6.63
CA GLY A 8 4.45 -9.20 -5.97
C GLY A 8 3.29 -9.96 -5.35
N MET A 9 2.21 -10.09 -6.11
CA MET A 9 1.00 -10.82 -5.71
C MET A 9 0.22 -10.10 -4.64
N THR A 10 -1.07 -10.33 -4.68
CA THR A 10 -1.89 -10.28 -3.53
C THR A 10 -3.14 -11.08 -3.86
N CYS A 11 -4.24 -10.60 -3.32
CA CYS A 11 -5.61 -10.99 -3.69
C CYS A 11 -6.46 -10.93 -2.43
N ASP A 12 -7.05 -12.04 -2.05
CA ASP A 12 -7.77 -12.11 -0.80
C ASP A 12 -6.78 -12.35 0.34
N SER A 13 -7.04 -11.74 1.50
CA SER A 13 -6.22 -11.93 2.70
C SER A 13 -4.84 -11.25 2.59
N CYS A 14 -4.08 -11.56 1.53
CA CYS A 14 -2.79 -10.92 1.33
C CYS A 14 -2.98 -9.41 1.21
N ALA A 15 -4.00 -8.98 0.48
CA ALA A 15 -4.35 -7.56 0.39
C ALA A 15 -5.09 -7.10 1.65
N ALA A 16 -4.44 -7.31 2.78
CA ALA A 16 -4.98 -6.92 4.08
C ALA A 16 -3.85 -6.88 5.09
N HIS A 17 -2.94 -7.84 4.97
CA HIS A 17 -1.70 -7.78 5.72
C HIS A 17 -0.87 -6.59 5.24
N VAL A 18 -0.99 -6.30 3.94
CA VAL A 18 -0.38 -5.13 3.34
C VAL A 18 -1.02 -3.87 3.94
N LYS A 19 -2.33 -3.92 4.11
CA LYS A 19 -3.07 -2.82 4.72
C LYS A 19 -2.59 -2.61 6.16
N GLU A 20 -2.37 -3.72 6.86
CA GLU A 20 -1.87 -3.66 8.23
C GLU A 20 -0.50 -3.00 8.25
N ALA A 21 0.39 -3.44 7.36
CA ALA A 21 1.72 -2.86 7.24
C ALA A 21 1.63 -1.37 6.94
N LEU A 22 0.73 -1.01 6.05
CA LEU A 22 0.53 0.38 5.65
C LEU A 22 0.02 1.22 6.82
N GLU A 23 -1.05 0.77 7.47
CA GLU A 23 -1.66 1.50 8.56
C GLU A 23 -0.82 1.41 9.84
N LYS A 24 0.14 0.51 9.84
CA LYS A 24 1.10 0.42 10.95
C LYS A 24 2.08 1.57 10.88
N VAL A 25 2.31 2.07 9.67
CA VAL A 25 3.19 3.20 9.45
C VAL A 25 2.47 4.49 9.81
N PRO A 26 3.08 5.32 10.67
CA PRO A 26 2.53 6.62 11.03
C PRO A 26 2.54 7.58 9.85
N GLY A 27 1.56 8.48 9.80
CA GLY A 27 1.42 9.36 8.65
C GLY A 27 0.44 8.80 7.65
N VAL A 28 -0.52 8.04 8.15
CA VAL A 28 -1.52 7.39 7.32
C VAL A 28 -2.86 7.44 8.05
N GLN A 29 -3.96 7.25 7.31
CA GLN A 29 -5.28 7.35 7.91
C GLN A 29 -6.15 6.16 7.53
N SER A 30 -6.15 5.80 6.25
CA SER A 30 -6.92 4.65 5.79
C SER A 30 -6.34 4.07 4.51
N ALA A 31 -6.22 2.76 4.46
CA ALA A 31 -5.80 2.06 3.25
C ALA A 31 -7.00 1.40 2.58
N LEU A 32 -7.23 1.74 1.31
CA LEU A 32 -8.35 1.19 0.55
C LEU A 32 -7.84 0.29 -0.56
N VAL A 33 -7.65 -0.97 -0.24
CA VAL A 33 -7.07 -1.92 -1.17
C VAL A 33 -8.14 -2.56 -2.07
N SER A 34 -7.82 -2.64 -3.35
CA SER A 34 -8.65 -3.38 -4.30
C SER A 34 -7.98 -4.71 -4.61
N TYR A 35 -8.34 -5.72 -3.84
CA TYR A 35 -7.66 -7.02 -3.85
C TYR A 35 -7.62 -7.67 -5.23
N PRO A 36 -8.77 -7.88 -5.90
CA PRO A 36 -8.81 -8.55 -7.21
C PRO A 36 -8.23 -7.68 -8.33
N LYS A 37 -8.10 -6.38 -8.06
CA LYS A 37 -7.57 -5.46 -9.06
C LYS A 37 -6.06 -5.31 -8.92
N GLY A 38 -5.58 -5.48 -7.69
CA GLY A 38 -4.15 -5.36 -7.44
C GLY A 38 -3.72 -3.93 -7.20
N THR A 39 -4.61 -3.13 -6.62
CA THR A 39 -4.31 -1.74 -6.34
C THR A 39 -4.48 -1.42 -4.87
N ALA A 40 -3.71 -0.46 -4.38
CA ALA A 40 -3.79 -0.06 -2.99
C ALA A 40 -3.94 1.46 -2.89
N GLN A 41 -5.18 1.93 -2.82
CA GLN A 41 -5.45 3.35 -2.64
C GLN A 41 -5.14 3.73 -1.20
N LEU A 42 -4.39 4.80 -1.00
CA LEU A 42 -3.95 5.14 0.33
C LEU A 42 -4.36 6.55 0.71
N ALA A 43 -5.10 6.67 1.80
CA ALA A 43 -5.40 7.95 2.38
C ALA A 43 -4.34 8.27 3.42
N ILE A 44 -3.18 8.65 2.93
CA ILE A 44 -2.04 8.98 3.79
C ILE A 44 -2.05 10.46 4.13
N VAL A 45 -1.26 10.82 5.12
CA VAL A 45 -1.15 12.21 5.53
C VAL A 45 -0.31 13.00 4.53
N PRO A 46 -0.71 14.24 4.22
CA PRO A 46 0.04 15.12 3.31
C PRO A 46 1.43 15.42 3.85
N GLY A 47 2.41 14.67 3.36
CA GLY A 47 3.77 14.82 3.82
C GLY A 47 4.54 13.52 3.73
N THR A 48 3.87 12.43 4.06
CA THR A 48 4.48 11.11 3.99
C THR A 48 4.79 10.73 2.55
N SER A 49 6.03 10.36 2.30
CA SER A 49 6.45 9.97 0.99
C SER A 49 5.91 8.58 0.65
N PRO A 50 5.32 8.43 -0.54
CA PRO A 50 4.77 7.14 -0.99
C PRO A 50 5.85 6.08 -1.10
N ASP A 51 7.08 6.51 -1.34
CA ASP A 51 8.21 5.59 -1.43
C ASP A 51 8.47 4.93 -0.08
N ALA A 52 8.00 5.57 0.99
CA ALA A 52 8.17 5.01 2.33
C ALA A 52 7.20 3.85 2.54
N LEU A 53 6.00 4.01 1.98
CA LEU A 53 4.96 2.99 2.09
C LEU A 53 5.31 1.83 1.18
N THR A 54 5.74 2.15 -0.03
CA THR A 54 6.19 1.16 -0.99
C THR A 54 7.38 0.37 -0.43
N ALA A 55 8.29 1.08 0.24
CA ALA A 55 9.45 0.45 0.86
C ALA A 55 9.00 -0.44 2.00
N ALA A 56 7.99 0.00 2.75
CA ALA A 56 7.45 -0.79 3.83
C ALA A 56 6.83 -2.08 3.31
N VAL A 57 6.13 -1.97 2.18
CA VAL A 57 5.53 -3.13 1.53
C VAL A 57 6.61 -4.03 0.95
N ALA A 58 7.57 -3.41 0.27
CA ALA A 58 8.67 -4.15 -0.34
C ALA A 58 9.46 -4.90 0.73
N GLY A 59 9.67 -4.23 1.86
CA GLY A 59 10.39 -4.83 2.96
C GLY A 59 9.54 -5.78 3.77
N LEU A 60 8.22 -5.67 3.63
CA LEU A 60 7.30 -6.56 4.35
C LEU A 60 7.30 -7.95 3.74
N GLY A 61 7.39 -8.04 2.44
CA GLY A 61 7.41 -9.33 1.79
C GLY A 61 6.65 -9.35 0.48
N TYR A 62 6.16 -8.18 0.06
CA TYR A 62 5.46 -8.05 -1.20
C TYR A 62 6.17 -7.03 -2.07
N LYS A 63 5.79 -6.96 -3.33
CA LYS A 63 6.38 -5.99 -4.24
C LYS A 63 5.31 -5.09 -4.80
N ALA A 64 5.50 -3.78 -4.65
CA ALA A 64 4.56 -2.81 -5.16
C ALA A 64 5.30 -1.59 -5.71
N THR A 65 4.63 -0.86 -6.58
CA THR A 65 5.18 0.39 -7.10
C THR A 65 4.23 1.54 -6.81
N LEU A 66 4.77 2.67 -6.40
CA LEU A 66 3.96 3.83 -6.06
C LEU A 66 3.42 4.53 -7.31
N ALA A 67 2.21 5.03 -7.22
CA ALA A 67 1.56 5.72 -8.32
C ALA A 67 0.71 6.86 -7.79
N ASP A 68 1.24 8.07 -7.90
CA ASP A 68 0.56 9.26 -7.41
C ASP A 68 -0.44 9.76 -8.44
N ALA A 69 -1.55 10.30 -7.95
CA ALA A 69 -2.64 10.81 -8.79
C ALA A 69 -3.44 9.68 -9.43
HG HG B . -3.69 -13.55 -1.73
N MET A 1 0.50 11.62 -6.75
CA MET A 1 -0.75 10.89 -6.46
C MET A 1 -0.47 9.68 -5.58
N THR A 2 -1.35 9.43 -4.62
CA THR A 2 -1.12 8.39 -3.63
C THR A 2 -1.71 7.05 -4.06
N HIS A 3 -1.67 6.80 -5.36
CA HIS A 3 -2.17 5.53 -5.89
C HIS A 3 -1.01 4.65 -6.29
N LEU A 4 -0.89 3.49 -5.66
CA LEU A 4 0.18 2.56 -5.98
C LEU A 4 -0.40 1.28 -6.55
N LYS A 5 0.44 0.54 -7.25
CA LYS A 5 0.03 -0.71 -7.86
C LYS A 5 0.81 -1.86 -7.24
N ILE A 6 0.11 -2.84 -6.71
CA ILE A 6 0.75 -3.98 -6.10
C ILE A 6 0.99 -5.05 -7.14
N THR A 7 2.24 -5.46 -7.28
CA THR A 7 2.65 -6.31 -8.38
C THR A 7 2.81 -7.75 -7.94
N GLY A 8 3.14 -7.96 -6.68
CA GLY A 8 3.38 -9.29 -6.18
C GLY A 8 2.23 -9.83 -5.36
N MET A 9 1.06 -9.23 -5.52
CA MET A 9 -0.11 -9.64 -4.75
C MET A 9 -1.40 -9.16 -5.40
N THR A 10 -2.13 -10.09 -5.99
CA THR A 10 -3.47 -9.82 -6.47
C THR A 10 -4.49 -10.46 -5.54
N CYS A 11 -3.99 -11.34 -4.68
CA CYS A 11 -4.80 -12.02 -3.67
C CYS A 11 -5.43 -11.13 -2.60
N ASP A 12 -6.29 -11.78 -1.80
CA ASP A 12 -7.23 -11.12 -0.91
C ASP A 12 -6.63 -10.79 0.46
N SER A 13 -6.47 -11.81 1.30
CA SER A 13 -6.14 -11.63 2.72
C SER A 13 -4.81 -10.90 2.95
N CYS A 14 -3.93 -10.95 1.97
CA CYS A 14 -2.67 -10.22 2.07
C CYS A 14 -2.94 -8.72 2.12
N ALA A 15 -3.95 -8.27 1.38
CA ALA A 15 -4.36 -6.87 1.37
C ALA A 15 -5.15 -6.54 2.63
N ALA A 16 -4.56 -6.87 3.77
CA ALA A 16 -5.16 -6.62 5.07
C ALA A 16 -4.07 -6.68 6.13
N HIS A 17 -3.18 -7.66 6.00
CA HIS A 17 -1.98 -7.69 6.83
C HIS A 17 -1.02 -6.59 6.37
N VAL A 18 -1.00 -6.37 5.07
CA VAL A 18 -0.25 -5.26 4.49
C VAL A 18 -0.87 -3.95 4.94
N LYS A 19 -2.21 -3.93 5.01
CA LYS A 19 -2.94 -2.79 5.51
C LYS A 19 -2.59 -2.54 6.97
N GLU A 20 -2.44 -3.62 7.72
CA GLU A 20 -2.02 -3.55 9.12
C GLU A 20 -0.64 -2.92 9.23
N ALA A 21 0.28 -3.38 8.38
CA ALA A 21 1.64 -2.86 8.35
C ALA A 21 1.65 -1.39 7.92
N LEU A 22 0.76 -1.05 7.00
CA LEU A 22 0.61 0.32 6.55
C LEU A 22 0.07 1.19 7.69
N GLU A 23 -0.99 0.71 8.34
CA GLU A 23 -1.65 1.46 9.40
C GLU A 23 -0.81 1.52 10.67
N LYS A 24 0.16 0.63 10.78
CA LYS A 24 1.07 0.65 11.92
C LYS A 24 2.05 1.81 11.78
N VAL A 25 2.13 2.35 10.57
CA VAL A 25 2.93 3.54 10.31
C VAL A 25 2.12 4.78 10.72
N PRO A 26 2.68 5.63 11.60
CA PRO A 26 1.99 6.81 12.10
C PRO A 26 1.90 7.92 11.05
N GLY A 27 0.96 7.76 10.15
CA GLY A 27 0.72 8.72 9.11
C GLY A 27 -0.20 8.15 8.07
N VAL A 28 -1.21 7.45 8.56
CA VAL A 28 -2.08 6.64 7.71
C VAL A 28 -3.51 6.68 8.26
N GLN A 29 -4.45 7.17 7.46
CA GLN A 29 -5.84 7.26 7.91
C GLN A 29 -6.70 6.19 7.24
N SER A 30 -6.35 5.81 6.01
CA SER A 30 -7.12 4.81 5.27
C SER A 30 -6.24 4.10 4.24
N ALA A 31 -6.56 2.85 3.96
CA ALA A 31 -5.82 2.06 2.98
C ALA A 31 -6.78 1.17 2.18
N LEU A 32 -7.10 1.61 0.97
CA LEU A 32 -8.03 0.89 0.12
C LEU A 32 -7.28 0.08 -0.93
N VAL A 33 -6.87 -1.12 -0.53
CA VAL A 33 -6.13 -2.00 -1.42
C VAL A 33 -7.05 -3.03 -2.08
N SER A 34 -7.13 -2.98 -3.40
CA SER A 34 -7.99 -3.87 -4.15
C SER A 34 -7.20 -5.03 -4.76
N TYR A 35 -7.52 -6.24 -4.31
CA TYR A 35 -6.82 -7.44 -4.75
C TYR A 35 -7.03 -7.73 -6.24
N PRO A 36 -8.29 -7.86 -6.74
CA PRO A 36 -8.55 -8.32 -8.11
C PRO A 36 -8.21 -7.27 -9.18
N LYS A 37 -7.57 -6.19 -8.76
CA LYS A 37 -7.18 -5.14 -9.69
C LYS A 37 -5.72 -4.74 -9.43
N GLY A 38 -5.15 -5.27 -8.36
CA GLY A 38 -3.77 -5.03 -8.04
C GLY A 38 -3.46 -3.56 -7.82
N THR A 39 -4.41 -2.81 -7.29
CA THR A 39 -4.19 -1.39 -7.07
C THR A 39 -4.53 -0.99 -5.64
N ALA A 40 -3.67 -0.19 -5.05
CA ALA A 40 -3.83 0.25 -3.67
C ALA A 40 -4.04 1.76 -3.61
N GLN A 41 -5.10 2.17 -2.92
CA GLN A 41 -5.39 3.58 -2.71
C GLN A 41 -5.12 3.95 -1.26
N LEU A 42 -4.03 4.64 -1.02
CA LEU A 42 -3.63 4.95 0.34
C LEU A 42 -3.94 6.40 0.69
N ALA A 43 -4.64 6.56 1.81
CA ALA A 43 -4.94 7.88 2.33
C ALA A 43 -4.03 8.15 3.51
N ILE A 44 -2.82 8.57 3.18
CA ILE A 44 -1.79 8.81 4.18
C ILE A 44 -1.67 10.28 4.53
N VAL A 45 -1.03 10.56 5.65
CA VAL A 45 -0.64 11.90 6.02
C VAL A 45 0.58 12.30 5.17
N PRO A 46 0.62 13.55 4.66
CA PRO A 46 1.68 14.01 3.75
C PRO A 46 3.06 14.15 4.43
N GLY A 47 3.41 13.18 5.25
CA GLY A 47 4.72 13.11 5.83
C GLY A 47 5.39 11.82 5.43
N THR A 48 4.57 10.81 5.20
CA THR A 48 5.04 9.52 4.71
C THR A 48 5.15 9.55 3.20
N SER A 49 6.36 9.36 2.71
CA SER A 49 6.59 9.35 1.29
C SER A 49 5.91 8.14 0.66
N PRO A 50 5.30 8.30 -0.53
CA PRO A 50 4.64 7.20 -1.22
C PRO A 50 5.59 6.07 -1.54
N ASP A 51 6.83 6.43 -1.81
CA ASP A 51 7.89 5.46 -2.03
C ASP A 51 8.22 4.73 -0.75
N ALA A 52 7.93 5.37 0.38
CA ALA A 52 8.21 4.77 1.68
C ALA A 52 7.18 3.70 1.99
N LEU A 53 5.96 3.94 1.55
CA LEU A 53 4.88 2.97 1.73
C LEU A 53 5.10 1.81 0.77
N THR A 54 5.49 2.15 -0.45
CA THR A 54 5.88 1.15 -1.43
C THR A 54 7.04 0.30 -0.89
N ALA A 55 7.98 0.97 -0.25
CA ALA A 55 9.13 0.30 0.37
C ALA A 55 8.68 -0.57 1.53
N ALA A 56 7.67 -0.11 2.26
CA ALA A 56 7.12 -0.88 3.37
C ALA A 56 6.45 -2.15 2.84
N VAL A 57 5.77 -2.03 1.71
CA VAL A 57 5.16 -3.17 1.06
C VAL A 57 6.24 -4.10 0.50
N ALA A 58 7.28 -3.51 -0.09
CA ALA A 58 8.41 -4.28 -0.60
C ALA A 58 9.11 -5.01 0.55
N GLY A 59 9.30 -4.29 1.65
CA GLY A 59 9.93 -4.88 2.83
C GLY A 59 9.02 -5.85 3.55
N LEU A 60 7.72 -5.76 3.28
CA LEU A 60 6.75 -6.69 3.86
C LEU A 60 6.84 -8.06 3.17
N GLY A 61 7.72 -8.16 2.17
CA GLY A 61 7.89 -9.41 1.46
C GLY A 61 7.07 -9.44 0.19
N TYR A 62 6.46 -8.32 -0.14
CA TYR A 62 5.63 -8.22 -1.32
C TYR A 62 6.27 -7.30 -2.34
N LYS A 63 5.57 -7.03 -3.43
CA LYS A 63 6.08 -6.17 -4.49
C LYS A 63 5.03 -5.13 -4.88
N ALA A 64 5.44 -3.87 -4.89
CA ALA A 64 4.54 -2.79 -5.29
C ALA A 64 5.30 -1.71 -6.04
N THR A 65 4.57 -0.88 -6.77
CA THR A 65 5.14 0.25 -7.49
C THR A 65 4.22 1.46 -7.37
N LEU A 66 4.78 2.65 -7.32
CA LEU A 66 3.98 3.87 -7.25
C LEU A 66 3.32 4.15 -8.60
N ALA A 67 2.04 3.86 -8.69
CA ALA A 67 1.30 4.02 -9.93
C ALA A 67 0.62 5.38 -9.98
N ASP A 68 1.42 6.42 -9.77
CA ASP A 68 0.93 7.80 -9.81
C ASP A 68 0.27 8.08 -11.16
N ALA A 69 -0.98 8.51 -11.12
CA ALA A 69 -1.74 8.78 -12.32
C ALA A 69 -2.74 9.89 -12.05
HG HG B . -1.91 -12.82 -1.53
N MET A 1 -0.33 11.69 -5.09
CA MET A 1 -0.19 10.24 -5.31
C MET A 1 -0.96 9.47 -4.25
N THR A 2 -1.97 8.75 -4.68
CA THR A 2 -2.83 8.03 -3.73
C THR A 2 -3.05 6.60 -4.19
N HIS A 3 -2.23 6.14 -5.12
CA HIS A 3 -2.36 4.80 -5.66
C HIS A 3 -1.00 4.12 -5.82
N LEU A 4 -0.88 2.93 -5.29
CA LEU A 4 0.27 2.08 -5.55
C LEU A 4 -0.22 0.69 -5.90
N LYS A 5 0.43 0.03 -6.84
CA LYS A 5 -0.07 -1.24 -7.34
C LYS A 5 0.82 -2.40 -6.91
N ILE A 6 0.19 -3.50 -6.55
CA ILE A 6 0.90 -4.71 -6.19
C ILE A 6 1.41 -5.38 -7.45
N THR A 7 2.72 -5.52 -7.56
CA THR A 7 3.33 -6.01 -8.78
C THR A 7 3.58 -7.51 -8.70
N GLY A 8 3.57 -8.04 -7.49
CA GLY A 8 3.85 -9.44 -7.29
C GLY A 8 2.61 -10.27 -7.02
N MET A 9 1.43 -9.65 -7.14
CA MET A 9 0.19 -10.32 -6.79
C MET A 9 -1.02 -9.46 -7.07
N THR A 10 -2.17 -10.09 -7.17
CA THR A 10 -3.44 -9.43 -6.99
C THR A 10 -3.76 -9.55 -5.51
N CYS A 11 -4.85 -10.27 -5.16
CA CYS A 11 -4.89 -11.07 -3.91
C CYS A 11 -6.25 -11.17 -3.24
N ASP A 12 -6.17 -11.61 -1.99
CA ASP A 12 -7.16 -11.36 -0.96
C ASP A 12 -6.35 -10.98 0.29
N SER A 13 -6.36 -11.85 1.29
CA SER A 13 -5.28 -12.00 2.31
C SER A 13 -4.30 -10.83 2.39
N CYS A 14 -3.39 -10.77 1.40
CA CYS A 14 -2.31 -9.79 1.37
C CYS A 14 -2.85 -8.38 1.52
N ALA A 15 -3.82 -8.03 0.68
CA ALA A 15 -4.44 -6.72 0.74
C ALA A 15 -5.41 -6.65 1.91
N ALA A 16 -4.90 -6.99 3.08
CA ALA A 16 -5.63 -6.86 4.34
C ALA A 16 -4.61 -6.90 5.46
N HIS A 17 -3.70 -7.86 5.40
CA HIS A 17 -2.58 -7.90 6.34
C HIS A 17 -1.62 -6.75 6.04
N VAL A 18 -1.44 -6.49 4.76
CA VAL A 18 -0.61 -5.38 4.31
C VAL A 18 -1.29 -4.07 4.68
N LYS A 19 -2.61 -4.03 4.49
CA LYS A 19 -3.39 -2.85 4.87
C LYS A 19 -3.24 -2.59 6.36
N GLU A 20 -3.29 -3.65 7.15
CA GLU A 20 -3.12 -3.54 8.59
C GLU A 20 -1.72 -3.01 8.94
N ALA A 21 -0.70 -3.66 8.38
CA ALA A 21 0.69 -3.25 8.59
C ALA A 21 0.92 -1.82 8.11
N LEU A 22 0.34 -1.50 6.96
CA LEU A 22 0.44 -0.18 6.37
C LEU A 22 -0.24 0.87 7.24
N GLU A 23 -1.46 0.58 7.69
CA GLU A 23 -2.19 1.49 8.54
C GLU A 23 -1.55 1.59 9.92
N LYS A 24 -0.72 0.60 10.25
CA LYS A 24 0.06 0.65 11.48
C LYS A 24 1.25 1.61 11.33
N VAL A 25 1.54 2.00 10.10
CA VAL A 25 2.62 2.93 9.83
C VAL A 25 2.16 4.36 10.11
N PRO A 26 2.97 5.14 10.85
CA PRO A 26 2.66 6.54 11.13
C PRO A 26 2.68 7.41 9.89
N GLY A 27 1.68 8.25 9.75
CA GLY A 27 1.56 9.08 8.57
C GLY A 27 0.46 8.56 7.66
N VAL A 28 -0.09 7.42 8.02
CA VAL A 28 -1.22 6.83 7.31
C VAL A 28 -2.52 7.21 8.01
N GLN A 29 -3.64 7.19 7.29
CA GLN A 29 -4.92 7.53 7.88
C GLN A 29 -5.98 6.49 7.51
N SER A 30 -6.07 6.14 6.24
CA SER A 30 -7.00 5.11 5.80
C SER A 30 -6.51 4.43 4.54
N ALA A 31 -6.39 3.12 4.57
CA ALA A 31 -5.94 2.37 3.41
C ALA A 31 -7.11 1.63 2.77
N LEU A 32 -7.33 1.91 1.49
CA LEU A 32 -8.38 1.24 0.72
C LEU A 32 -7.73 0.30 -0.29
N VAL A 33 -7.48 -0.91 0.13
CA VAL A 33 -6.80 -1.89 -0.71
C VAL A 33 -7.79 -2.59 -1.63
N SER A 34 -7.34 -2.91 -2.82
CA SER A 34 -8.16 -3.58 -3.80
C SER A 34 -7.40 -4.77 -4.41
N TYR A 35 -7.42 -5.89 -3.70
CA TYR A 35 -6.72 -7.11 -4.15
C TYR A 35 -7.19 -7.59 -5.53
N PRO A 36 -8.50 -7.61 -5.86
CA PRO A 36 -8.98 -8.13 -7.16
C PRO A 36 -8.35 -7.40 -8.34
N LYS A 37 -8.07 -6.12 -8.18
CA LYS A 37 -7.43 -5.33 -9.21
C LYS A 37 -5.92 -5.26 -9.00
N GLY A 38 -5.48 -5.59 -7.80
CA GLY A 38 -4.06 -5.56 -7.48
C GLY A 38 -3.57 -4.14 -7.26
N THR A 39 -4.36 -3.34 -6.59
CA THR A 39 -3.99 -1.95 -6.32
C THR A 39 -4.32 -1.57 -4.88
N ALA A 40 -3.72 -0.50 -4.39
CA ALA A 40 -4.00 0.01 -3.07
C ALA A 40 -4.18 1.52 -3.11
N GLN A 41 -5.32 1.99 -2.62
CA GLN A 41 -5.57 3.42 -2.52
C GLN A 41 -5.38 3.87 -1.08
N LEU A 42 -4.23 4.43 -0.80
CA LEU A 42 -3.89 4.79 0.57
C LEU A 42 -4.04 6.29 0.81
N ALA A 43 -4.91 6.63 1.74
CA ALA A 43 -5.09 8.01 2.15
C ALA A 43 -4.10 8.33 3.25
N ILE A 44 -2.89 8.63 2.85
CA ILE A 44 -1.84 8.97 3.78
C ILE A 44 -1.91 10.46 4.14
N VAL A 45 -1.43 10.79 5.31
CA VAL A 45 -1.43 12.16 5.79
C VAL A 45 -0.32 12.95 5.09
N PRO A 46 -0.65 14.17 4.62
CA PRO A 46 0.34 15.06 4.02
C PRO A 46 1.55 15.24 4.93
N GLY A 47 2.71 14.81 4.47
CA GLY A 47 3.90 14.81 5.28
C GLY A 47 4.71 13.57 5.08
N THR A 48 4.02 12.46 4.84
CA THR A 48 4.67 11.20 4.51
C THR A 48 5.04 11.17 3.04
N SER A 49 5.50 10.04 2.56
CA SER A 49 5.98 9.96 1.20
C SER A 49 5.78 8.56 0.65
N PRO A 50 5.42 8.45 -0.64
CA PRO A 50 5.12 7.17 -1.28
C PRO A 50 6.30 6.22 -1.27
N ASP A 51 7.51 6.78 -1.24
CA ASP A 51 8.72 5.96 -1.18
C ASP A 51 8.76 5.18 0.12
N ALA A 52 8.10 5.70 1.15
CA ALA A 52 8.09 5.07 2.46
C ALA A 52 7.18 3.85 2.46
N LEU A 53 6.10 3.93 1.70
CA LEU A 53 5.12 2.85 1.62
C LEU A 53 5.61 1.77 0.67
N THR A 54 6.09 2.22 -0.50
CA THR A 54 6.67 1.30 -1.45
C THR A 54 7.74 0.47 -0.76
N ALA A 55 8.52 1.14 0.09
CA ALA A 55 9.49 0.45 0.95
C ALA A 55 8.76 -0.43 1.96
N ALA A 56 7.80 0.17 2.67
CA ALA A 56 7.01 -0.54 3.70
C ALA A 56 6.03 -1.55 3.11
N VAL A 57 6.31 -1.97 1.89
CA VAL A 57 5.60 -3.10 1.30
C VAL A 57 6.57 -3.92 0.44
N ALA A 58 7.45 -3.26 -0.30
CA ALA A 58 8.45 -3.98 -1.09
C ALA A 58 9.43 -4.70 -0.17
N GLY A 59 9.82 -4.03 0.90
CA GLY A 59 10.74 -4.62 1.86
C GLY A 59 10.04 -5.59 2.79
N LEU A 60 8.72 -5.51 2.83
CA LEU A 60 7.92 -6.43 3.64
C LEU A 60 7.85 -7.81 3.00
N GLY A 61 8.26 -7.91 1.74
CA GLY A 61 8.32 -9.20 1.07
C GLY A 61 7.45 -9.25 -0.17
N TYR A 62 6.57 -8.28 -0.29
CA TYR A 62 5.68 -8.20 -1.44
C TYR A 62 6.24 -7.23 -2.46
N LYS A 63 5.69 -7.25 -3.66
CA LYS A 63 6.17 -6.36 -4.70
C LYS A 63 5.13 -5.28 -4.95
N ALA A 64 5.56 -4.04 -4.85
CA ALA A 64 4.68 -2.91 -5.03
C ALA A 64 5.40 -1.79 -5.77
N THR A 65 4.68 -1.11 -6.63
CA THR A 65 5.23 0.00 -7.38
C THR A 65 4.33 1.22 -7.24
N LEU A 66 4.93 2.37 -6.97
CA LEU A 66 4.18 3.61 -6.88
C LEU A 66 3.64 3.98 -8.25
N ALA A 67 2.35 3.83 -8.43
CA ALA A 67 1.71 4.04 -9.72
C ALA A 67 0.34 4.66 -9.54
N ASP A 68 0.31 5.98 -9.62
CA ASP A 68 -0.90 6.74 -9.34
C ASP A 68 -1.93 6.56 -10.44
N ALA A 69 -3.19 6.60 -10.05
CA ALA A 69 -4.30 6.40 -10.97
C ALA A 69 -5.54 7.09 -10.42
HG HG B . -1.25 -10.41 -1.39
#